data_3WVT
# 
_entry.id   3WVT 
# 
_audit_conform.dict_name       mmcif_pdbx.dic 
_audit_conform.dict_version    5.397 
_audit_conform.dict_location   http://mmcif.pdb.org/dictionaries/ascii/mmcif_pdbx.dic 
# 
loop_
_database_2.database_id 
_database_2.database_code 
_database_2.pdbx_database_accession 
_database_2.pdbx_DOI 
PDB   3WVT         pdb_00003wvt 10.2210/pdb3wvt/pdb 
RCSB  RCSB096855   ?            ?                   
WWPDB D_1000096855 ?            ?                   
# 
loop_
_pdbx_audit_revision_history.ordinal 
_pdbx_audit_revision_history.data_content_type 
_pdbx_audit_revision_history.major_revision 
_pdbx_audit_revision_history.minor_revision 
_pdbx_audit_revision_history.revision_date 
1 'Structure model' 1 0 2015-06-10 
2 'Structure model' 1 1 2023-11-08 
3 'Structure model' 1 2 2024-10-30 
# 
_pdbx_audit_revision_details.ordinal             1 
_pdbx_audit_revision_details.revision_ordinal    1 
_pdbx_audit_revision_details.data_content_type   'Structure model' 
_pdbx_audit_revision_details.provider            repository 
_pdbx_audit_revision_details.type                'Initial release' 
_pdbx_audit_revision_details.description         ? 
_pdbx_audit_revision_details.details             ? 
# 
loop_
_pdbx_audit_revision_group.ordinal 
_pdbx_audit_revision_group.revision_ordinal 
_pdbx_audit_revision_group.data_content_type 
_pdbx_audit_revision_group.group 
1 2 'Structure model' 'Data collection'        
2 2 'Structure model' 'Database references'    
3 2 'Structure model' 'Refinement description' 
4 3 'Structure model' 'Structure summary'      
# 
loop_
_pdbx_audit_revision_category.ordinal 
_pdbx_audit_revision_category.revision_ordinal 
_pdbx_audit_revision_category.data_content_type 
_pdbx_audit_revision_category.category 
1 2 'Structure model' chem_comp_atom                
2 2 'Structure model' chem_comp_bond                
3 2 'Structure model' database_2                    
4 2 'Structure model' pdbx_initial_refinement_model 
5 2 'Structure model' struct_ref_seq_dif            
6 3 'Structure model' pdbx_entry_details            
7 3 'Structure model' pdbx_modification_feature     
# 
loop_
_pdbx_audit_revision_item.ordinal 
_pdbx_audit_revision_item.revision_ordinal 
_pdbx_audit_revision_item.data_content_type 
_pdbx_audit_revision_item.item 
1 2 'Structure model' '_database_2.pdbx_DOI'                
2 2 'Structure model' '_database_2.pdbx_database_accession' 
3 2 'Structure model' '_struct_ref_seq_dif.details'         
# 
_pdbx_database_status.status_code                     REL 
_pdbx_database_status.entry_id                        3WVT 
_pdbx_database_status.recvd_initial_deposition_date   2014-06-07 
_pdbx_database_status.deposit_site                    PDBJ 
_pdbx_database_status.process_site                    PDBJ 
_pdbx_database_status.methods_development_category    ? 
_pdbx_database_status.status_code_sf                  REL 
_pdbx_database_status.status_code_mr                  ? 
_pdbx_database_status.SG_entry                        ? 
_pdbx_database_status.status_code_cs                  ? 
_pdbx_database_status.pdb_format_compatible           Y 
_pdbx_database_status.status_code_nmr_data            ? 
# 
_audit_author.name           'Qian, L.' 
_audit_author.pdbx_ordinal   1 
# 
_citation.id                        primary 
_citation.title                     'Structural insight into equine lentivirus receptor 1' 
_citation.journal_abbrev            'Protein Sci.' 
_citation.journal_volume            24 
_citation.page_first                633 
_citation.page_last                 642 
_citation.year                      2015 
_citation.journal_id_ASTM           PRCIEI 
_citation.country                   US 
_citation.journal_id_ISSN           0961-8368 
_citation.journal_id_CSD            0795 
_citation.book_publisher            ? 
_citation.pdbx_database_id_PubMed   25559821 
_citation.pdbx_database_id_DOI      10.1002/pro.2634 
# 
loop_
_citation_author.citation_id 
_citation_author.name 
_citation_author.ordinal 
_citation_author.identifier_ORCID 
primary 'Qian, L.'  1 ? 
primary 'Han, X.D.' 2 ? 
primary 'Liu, X.Q.' 3 ? 
# 
loop_
_entity.id 
_entity.type 
_entity.src_method 
_entity.pdbx_description 
_entity.formula_weight 
_entity.pdbx_number_of_molecules 
_entity.pdbx_ec 
_entity.pdbx_mutation 
_entity.pdbx_fragment 
_entity.details 
1 polymer man ELR1  20722.084 1   ? ? 'UNP residues 38-206' ? 
2 water   nat water 18.015    155 ? ? ?                     ? 
# 
_entity_name_com.entity_id   1 
_entity_name_com.name        'equine lentivirus receptor 1' 
# 
_entity_poly.entity_id                      1 
_entity_poly.type                           'polypeptide(L)' 
_entity_poly.nstd_linkage                   no 
_entity_poly.nstd_monomer                   no 
_entity_poly.pdbx_seq_one_letter_code       
;RSATPQCKEEEYPVGTECCPKCSPGYRVKQACGELTGTVCVPCAPRTFSAHLNGLSKCLPCRPCDPAMGLVIRRDCSSTE
NTECGCDQGHFCVSEKGDDCVECQPHTTCRPGQRVQERGTERQDTVCEDCQPGTFSPNGTLGECRPWTKCSGLFEMEVEP
GTSSTDVTCSSSRENLYFQSNTGHHHHHH
;
_entity_poly.pdbx_seq_one_letter_code_can   
;RSATPQCKEEEYPVGTECCPKCSPGYRVKQACGELTGTVCVPCAPRTFSAHLNGLSKCLPCRPCDPAMGLVIRRDCSSTE
NTECGCDQGHFCVSEKGDDCVECQPHTTCRPGQRVQERGTERQDTVCEDCQPGTFSPNGTLGECRPWTKCSGLFEMEVEP
GTSSTDVTCSSSRENLYFQSNTGHHHHHH
;
_entity_poly.pdbx_strand_id                 A 
_entity_poly.pdbx_target_identifier         ? 
# 
_pdbx_entity_nonpoly.entity_id   2 
_pdbx_entity_nonpoly.name        water 
_pdbx_entity_nonpoly.comp_id     HOH 
# 
loop_
_entity_poly_seq.entity_id 
_entity_poly_seq.num 
_entity_poly_seq.mon_id 
_entity_poly_seq.hetero 
1 1   ARG n 
1 2   SER n 
1 3   ALA n 
1 4   THR n 
1 5   PRO n 
1 6   GLN n 
1 7   CYS n 
1 8   LYS n 
1 9   GLU n 
1 10  GLU n 
1 11  GLU n 
1 12  TYR n 
1 13  PRO n 
1 14  VAL n 
1 15  GLY n 
1 16  THR n 
1 17  GLU n 
1 18  CYS n 
1 19  CYS n 
1 20  PRO n 
1 21  LYS n 
1 22  CYS n 
1 23  SER n 
1 24  PRO n 
1 25  GLY n 
1 26  TYR n 
1 27  ARG n 
1 28  VAL n 
1 29  LYS n 
1 30  GLN n 
1 31  ALA n 
1 32  CYS n 
1 33  GLY n 
1 34  GLU n 
1 35  LEU n 
1 36  THR n 
1 37  GLY n 
1 38  THR n 
1 39  VAL n 
1 40  CYS n 
1 41  VAL n 
1 42  PRO n 
1 43  CYS n 
1 44  ALA n 
1 45  PRO n 
1 46  ARG n 
1 47  THR n 
1 48  PHE n 
1 49  SER n 
1 50  ALA n 
1 51  HIS n 
1 52  LEU n 
1 53  ASN n 
1 54  GLY n 
1 55  LEU n 
1 56  SER n 
1 57  LYS n 
1 58  CYS n 
1 59  LEU n 
1 60  PRO n 
1 61  CYS n 
1 62  ARG n 
1 63  PRO n 
1 64  CYS n 
1 65  ASP n 
1 66  PRO n 
1 67  ALA n 
1 68  MET n 
1 69  GLY n 
1 70  LEU n 
1 71  VAL n 
1 72  ILE n 
1 73  ARG n 
1 74  ARG n 
1 75  ASP n 
1 76  CYS n 
1 77  SER n 
1 78  SER n 
1 79  THR n 
1 80  GLU n 
1 81  ASN n 
1 82  THR n 
1 83  GLU n 
1 84  CYS n 
1 85  GLY n 
1 86  CYS n 
1 87  ASP n 
1 88  GLN n 
1 89  GLY n 
1 90  HIS n 
1 91  PHE n 
1 92  CYS n 
1 93  VAL n 
1 94  SER n 
1 95  GLU n 
1 96  LYS n 
1 97  GLY n 
1 98  ASP n 
1 99  ASP n 
1 100 CYS n 
1 101 VAL n 
1 102 GLU n 
1 103 CYS n 
1 104 GLN n 
1 105 PRO n 
1 106 HIS n 
1 107 THR n 
1 108 THR n 
1 109 CYS n 
1 110 ARG n 
1 111 PRO n 
1 112 GLY n 
1 113 GLN n 
1 114 ARG n 
1 115 VAL n 
1 116 GLN n 
1 117 GLU n 
1 118 ARG n 
1 119 GLY n 
1 120 THR n 
1 121 GLU n 
1 122 ARG n 
1 123 GLN n 
1 124 ASP n 
1 125 THR n 
1 126 VAL n 
1 127 CYS n 
1 128 GLU n 
1 129 ASP n 
1 130 CYS n 
1 131 GLN n 
1 132 PRO n 
1 133 GLY n 
1 134 THR n 
1 135 PHE n 
1 136 SER n 
1 137 PRO n 
1 138 ASN n 
1 139 GLY n 
1 140 THR n 
1 141 LEU n 
1 142 GLY n 
1 143 GLU n 
1 144 CYS n 
1 145 ARG n 
1 146 PRO n 
1 147 TRP n 
1 148 THR n 
1 149 LYS n 
1 150 CYS n 
1 151 SER n 
1 152 GLY n 
1 153 LEU n 
1 154 PHE n 
1 155 GLU n 
1 156 MET n 
1 157 GLU n 
1 158 VAL n 
1 159 GLU n 
1 160 PRO n 
1 161 GLY n 
1 162 THR n 
1 163 SER n 
1 164 SER n 
1 165 THR n 
1 166 ASP n 
1 167 VAL n 
1 168 THR n 
1 169 CYS n 
1 170 SER n 
1 171 SER n 
1 172 SER n 
1 173 ARG n 
1 174 GLU n 
1 175 ASN n 
1 176 LEU n 
1 177 TYR n 
1 178 PHE n 
1 179 GLN n 
1 180 SER n 
1 181 ASN n 
1 182 THR n 
1 183 GLY n 
1 184 HIS n 
1 185 HIS n 
1 186 HIS n 
1 187 HIS n 
1 188 HIS n 
1 189 HIS n 
# 
_entity_src_gen.entity_id                          1 
_entity_src_gen.pdbx_src_id                        1 
_entity_src_gen.pdbx_alt_source_flag               sample 
_entity_src_gen.pdbx_seq_type                      ? 
_entity_src_gen.pdbx_beg_seq_num                   ? 
_entity_src_gen.pdbx_end_seq_num                   ? 
_entity_src_gen.gene_src_common_name               horse 
_entity_src_gen.gene_src_genus                     ? 
_entity_src_gen.pdbx_gene_src_gene                 ? 
_entity_src_gen.gene_src_species                   ? 
_entity_src_gen.gene_src_strain                    ? 
_entity_src_gen.gene_src_tissue                    ? 
_entity_src_gen.gene_src_tissue_fraction           ? 
_entity_src_gen.gene_src_details                   ? 
_entity_src_gen.pdbx_gene_src_fragment             ? 
_entity_src_gen.pdbx_gene_src_scientific_name      'Equus caballus' 
_entity_src_gen.pdbx_gene_src_ncbi_taxonomy_id     9796 
_entity_src_gen.pdbx_gene_src_variant              ? 
_entity_src_gen.pdbx_gene_src_cell_line            ? 
_entity_src_gen.pdbx_gene_src_atcc                 ? 
_entity_src_gen.pdbx_gene_src_organ                ? 
_entity_src_gen.pdbx_gene_src_organelle            ? 
_entity_src_gen.pdbx_gene_src_cell                 ? 
_entity_src_gen.pdbx_gene_src_cellular_location    ? 
_entity_src_gen.host_org_common_name               'fruit fly' 
_entity_src_gen.pdbx_host_org_scientific_name      'Drosophila melanogaster' 
_entity_src_gen.pdbx_host_org_ncbi_taxonomy_id     7227 
_entity_src_gen.host_org_genus                     ? 
_entity_src_gen.pdbx_host_org_gene                 ? 
_entity_src_gen.pdbx_host_org_organ                ? 
_entity_src_gen.host_org_species                   ? 
_entity_src_gen.pdbx_host_org_tissue               ? 
_entity_src_gen.pdbx_host_org_tissue_fraction      ? 
_entity_src_gen.pdbx_host_org_strain               ? 
_entity_src_gen.pdbx_host_org_variant              ? 
_entity_src_gen.pdbx_host_org_cell_line            'Schneider 2 cells' 
_entity_src_gen.pdbx_host_org_atcc                 ? 
_entity_src_gen.pdbx_host_org_culture_collection   ? 
_entity_src_gen.pdbx_host_org_cell                 ? 
_entity_src_gen.pdbx_host_org_organelle            ? 
_entity_src_gen.pdbx_host_org_cellular_location    ? 
_entity_src_gen.pdbx_host_org_vector_type          Baculovirus 
_entity_src_gen.pdbx_host_org_vector               ? 
_entity_src_gen.host_org_details                   ? 
_entity_src_gen.expression_system_id               ? 
_entity_src_gen.plasmid_name                       ? 
_entity_src_gen.plasmid_details                    ? 
_entity_src_gen.pdbx_description                   ? 
# 
loop_
_chem_comp.id 
_chem_comp.type 
_chem_comp.mon_nstd_flag 
_chem_comp.name 
_chem_comp.pdbx_synonyms 
_chem_comp.formula 
_chem_comp.formula_weight 
ALA 'L-peptide linking' y ALANINE         ? 'C3 H7 N O2'     89.093  
ARG 'L-peptide linking' y ARGININE        ? 'C6 H15 N4 O2 1' 175.209 
ASN 'L-peptide linking' y ASPARAGINE      ? 'C4 H8 N2 O3'    132.118 
ASP 'L-peptide linking' y 'ASPARTIC ACID' ? 'C4 H7 N O4'     133.103 
CYS 'L-peptide linking' y CYSTEINE        ? 'C3 H7 N O2 S'   121.158 
GLN 'L-peptide linking' y GLUTAMINE       ? 'C5 H10 N2 O3'   146.144 
GLU 'L-peptide linking' y 'GLUTAMIC ACID' ? 'C5 H9 N O4'     147.129 
GLY 'peptide linking'   y GLYCINE         ? 'C2 H5 N O2'     75.067  
HIS 'L-peptide linking' y HISTIDINE       ? 'C6 H10 N3 O2 1' 156.162 
HOH non-polymer         . WATER           ? 'H2 O'           18.015  
ILE 'L-peptide linking' y ISOLEUCINE      ? 'C6 H13 N O2'    131.173 
LEU 'L-peptide linking' y LEUCINE         ? 'C6 H13 N O2'    131.173 
LYS 'L-peptide linking' y LYSINE          ? 'C6 H15 N2 O2 1' 147.195 
MET 'L-peptide linking' y METHIONINE      ? 'C5 H11 N O2 S'  149.211 
PHE 'L-peptide linking' y PHENYLALANINE   ? 'C9 H11 N O2'    165.189 
PRO 'L-peptide linking' y PROLINE         ? 'C5 H9 N O2'     115.130 
SER 'L-peptide linking' y SERINE          ? 'C3 H7 N O3'     105.093 
THR 'L-peptide linking' y THREONINE       ? 'C4 H9 N O3'     119.119 
TRP 'L-peptide linking' y TRYPTOPHAN      ? 'C11 H12 N2 O2'  204.225 
TYR 'L-peptide linking' y TYROSINE        ? 'C9 H11 N O3'    181.189 
VAL 'L-peptide linking' y VALINE          ? 'C5 H11 N O2'    117.146 
# 
loop_
_pdbx_poly_seq_scheme.asym_id 
_pdbx_poly_seq_scheme.entity_id 
_pdbx_poly_seq_scheme.seq_id 
_pdbx_poly_seq_scheme.mon_id 
_pdbx_poly_seq_scheme.ndb_seq_num 
_pdbx_poly_seq_scheme.pdb_seq_num 
_pdbx_poly_seq_scheme.auth_seq_num 
_pdbx_poly_seq_scheme.pdb_mon_id 
_pdbx_poly_seq_scheme.auth_mon_id 
_pdbx_poly_seq_scheme.pdb_strand_id 
_pdbx_poly_seq_scheme.pdb_ins_code 
_pdbx_poly_seq_scheme.hetero 
A 1 1   ARG 1   36  ?   ?   ?   A . n 
A 1 2   SER 2   37  ?   ?   ?   A . n 
A 1 3   ALA 3   38  ?   ?   ?   A . n 
A 1 4   THR 4   39  ?   ?   ?   A . n 
A 1 5   PRO 5   40  40  PRO PRO A . n 
A 1 6   GLN 6   41  41  GLN GLN A . n 
A 1 7   CYS 7   42  42  CYS CYS A . n 
A 1 8   LYS 8   43  43  LYS LYS A . n 
A 1 9   GLU 9   44  44  GLU GLU A . n 
A 1 10  GLU 10  45  45  GLU GLU A . n 
A 1 11  GLU 11  46  46  GLU GLU A . n 
A 1 12  TYR 12  47  47  TYR TYR A . n 
A 1 13  PRO 13  48  48  PRO PRO A . n 
A 1 14  VAL 14  49  49  VAL VAL A . n 
A 1 15  GLY 15  50  50  GLY GLY A . n 
A 1 16  THR 16  51  51  THR THR A . n 
A 1 17  GLU 17  52  52  GLU GLU A . n 
A 1 18  CYS 18  53  53  CYS CYS A . n 
A 1 19  CYS 19  54  54  CYS CYS A . n 
A 1 20  PRO 20  55  55  PRO PRO A . n 
A 1 21  LYS 21  56  56  LYS LYS A . n 
A 1 22  CYS 22  57  57  CYS CYS A . n 
A 1 23  SER 23  58  58  SER SER A . n 
A 1 24  PRO 24  59  59  PRO PRO A . n 
A 1 25  GLY 25  60  60  GLY GLY A . n 
A 1 26  TYR 26  61  61  TYR TYR A . n 
A 1 27  ARG 27  62  62  ARG ARG A . n 
A 1 28  VAL 28  63  63  VAL VAL A . n 
A 1 29  LYS 29  64  64  LYS LYS A . n 
A 1 30  GLN 30  65  65  GLN GLN A . n 
A 1 31  ALA 31  66  66  ALA ALA A . n 
A 1 32  CYS 32  67  67  CYS CYS A . n 
A 1 33  GLY 33  68  68  GLY GLY A . n 
A 1 34  GLU 34  69  69  GLU GLU A . n 
A 1 35  LEU 35  70  70  LEU LEU A . n 
A 1 36  THR 36  71  71  THR THR A . n 
A 1 37  GLY 37  72  72  GLY GLY A . n 
A 1 38  THR 38  73  73  THR THR A . n 
A 1 39  VAL 39  74  74  VAL VAL A . n 
A 1 40  CYS 40  75  75  CYS CYS A . n 
A 1 41  VAL 41  76  76  VAL VAL A . n 
A 1 42  PRO 42  77  77  PRO PRO A . n 
A 1 43  CYS 43  78  78  CYS CYS A . n 
A 1 44  ALA 44  79  79  ALA ALA A . n 
A 1 45  PRO 45  80  80  PRO PRO A . n 
A 1 46  ARG 46  81  81  ARG ARG A . n 
A 1 47  THR 47  82  82  THR THR A . n 
A 1 48  PHE 48  83  83  PHE PHE A . n 
A 1 49  SER 49  84  84  SER SER A . n 
A 1 50  ALA 50  85  85  ALA ALA A . n 
A 1 51  HIS 51  86  86  HIS HIS A . n 
A 1 52  LEU 52  87  87  LEU LEU A . n 
A 1 53  ASN 53  88  88  ASN ASN A . n 
A 1 54  GLY 54  89  89  GLY GLY A . n 
A 1 55  LEU 55  90  90  LEU LEU A . n 
A 1 56  SER 56  91  91  SER SER A . n 
A 1 57  LYS 57  92  92  LYS LYS A . n 
A 1 58  CYS 58  93  93  CYS CYS A . n 
A 1 59  LEU 59  94  94  LEU LEU A . n 
A 1 60  PRO 60  95  95  PRO PRO A . n 
A 1 61  CYS 61  96  96  CYS CYS A . n 
A 1 62  ARG 62  97  97  ARG ARG A . n 
A 1 63  PRO 63  98  98  PRO PRO A . n 
A 1 64  CYS 64  99  99  CYS CYS A . n 
A 1 65  ASP 65  100 100 ASP ASP A . n 
A 1 66  PRO 66  101 101 PRO PRO A . n 
A 1 67  ALA 67  102 102 ALA ALA A . n 
A 1 68  MET 68  103 103 MET MET A . n 
A 1 69  GLY 69  104 104 GLY GLY A . n 
A 1 70  LEU 70  105 105 LEU LEU A . n 
A 1 71  VAL 71  106 106 VAL VAL A . n 
A 1 72  ILE 72  107 107 ILE ILE A . n 
A 1 73  ARG 73  108 108 ARG ARG A . n 
A 1 74  ARG 74  109 109 ARG ARG A . n 
A 1 75  ASP 75  110 110 ASP ASP A . n 
A 1 76  CYS 76  111 111 CYS CYS A . n 
A 1 77  SER 77  112 112 SER SER A . n 
A 1 78  SER 78  113 113 SER SER A . n 
A 1 79  THR 79  114 114 THR THR A . n 
A 1 80  GLU 80  115 115 GLU GLU A . n 
A 1 81  ASN 81  116 116 ASN ASN A . n 
A 1 82  THR 82  117 117 THR THR A . n 
A 1 83  GLU 83  118 118 GLU GLU A . n 
A 1 84  CYS 84  119 119 CYS CYS A . n 
A 1 85  GLY 85  120 120 GLY GLY A . n 
A 1 86  CYS 86  121 121 CYS CYS A . n 
A 1 87  ASP 87  122 122 ASP ASP A . n 
A 1 88  GLN 88  123 123 GLN GLN A . n 
A 1 89  GLY 89  124 124 GLY GLY A . n 
A 1 90  HIS 90  125 125 HIS HIS A . n 
A 1 91  PHE 91  126 126 PHE PHE A . n 
A 1 92  CYS 92  127 127 CYS CYS A . n 
A 1 93  VAL 93  128 128 VAL VAL A . n 
A 1 94  SER 94  129 129 SER SER A . n 
A 1 95  GLU 95  130 130 GLU GLU A . n 
A 1 96  LYS 96  131 131 LYS LYS A . n 
A 1 97  GLY 97  132 132 GLY GLY A . n 
A 1 98  ASP 98  133 133 ASP ASP A . n 
A 1 99  ASP 99  134 134 ASP ASP A . n 
A 1 100 CYS 100 135 135 CYS CYS A . n 
A 1 101 VAL 101 136 136 VAL VAL A . n 
A 1 102 GLU 102 137 137 GLU GLU A . n 
A 1 103 CYS 103 138 138 CYS CYS A . n 
A 1 104 GLN 104 139 139 GLN GLN A . n 
A 1 105 PRO 105 140 140 PRO PRO A . n 
A 1 106 HIS 106 141 141 HIS HIS A . n 
A 1 107 THR 107 142 ?   ?   ?   A . n 
A 1 108 THR 108 143 ?   ?   ?   A . n 
A 1 109 CYS 109 144 ?   ?   ?   A . n 
A 1 110 ARG 110 145 ?   ?   ?   A . n 
A 1 111 PRO 111 146 ?   ?   ?   A . n 
A 1 112 GLY 112 147 ?   ?   ?   A . n 
A 1 113 GLN 113 148 ?   ?   ?   A . n 
A 1 114 ARG 114 149 ?   ?   ?   A . n 
A 1 115 VAL 115 150 ?   ?   ?   A . n 
A 1 116 GLN 116 151 ?   ?   ?   A . n 
A 1 117 GLU 117 152 ?   ?   ?   A . n 
A 1 118 ARG 118 153 ?   ?   ?   A . n 
A 1 119 GLY 119 154 ?   ?   ?   A . n 
A 1 120 THR 120 155 ?   ?   ?   A . n 
A 1 121 GLU 121 156 ?   ?   ?   A . n 
A 1 122 ARG 122 157 ?   ?   ?   A . n 
A 1 123 GLN 123 158 ?   ?   ?   A . n 
A 1 124 ASP 124 159 ?   ?   ?   A . n 
A 1 125 THR 125 160 ?   ?   ?   A . n 
A 1 126 VAL 126 161 ?   ?   ?   A . n 
A 1 127 CYS 127 162 ?   ?   ?   A . n 
A 1 128 GLU 128 163 ?   ?   ?   A . n 
A 1 129 ASP 129 164 ?   ?   ?   A . n 
A 1 130 CYS 130 165 ?   ?   ?   A . n 
A 1 131 GLN 131 166 ?   ?   ?   A . n 
A 1 132 PRO 132 167 ?   ?   ?   A . n 
A 1 133 GLY 133 168 ?   ?   ?   A . n 
A 1 134 THR 134 169 ?   ?   ?   A . n 
A 1 135 PHE 135 170 ?   ?   ?   A . n 
A 1 136 SER 136 171 ?   ?   ?   A . n 
A 1 137 PRO 137 172 ?   ?   ?   A . n 
A 1 138 ASN 138 173 ?   ?   ?   A . n 
A 1 139 GLY 139 174 ?   ?   ?   A . n 
A 1 140 THR 140 175 ?   ?   ?   A . n 
A 1 141 LEU 141 176 ?   ?   ?   A . n 
A 1 142 GLY 142 177 ?   ?   ?   A . n 
A 1 143 GLU 143 178 ?   ?   ?   A . n 
A 1 144 CYS 144 179 ?   ?   ?   A . n 
A 1 145 ARG 145 180 ?   ?   ?   A . n 
A 1 146 PRO 146 181 ?   ?   ?   A . n 
A 1 147 TRP 147 182 ?   ?   ?   A . n 
A 1 148 THR 148 183 ?   ?   ?   A . n 
A 1 149 LYS 149 184 ?   ?   ?   A . n 
A 1 150 CYS 150 185 ?   ?   ?   A . n 
A 1 151 SER 151 186 ?   ?   ?   A . n 
A 1 152 GLY 152 187 ?   ?   ?   A . n 
A 1 153 LEU 153 188 ?   ?   ?   A . n 
A 1 154 PHE 154 189 ?   ?   ?   A . n 
A 1 155 GLU 155 190 ?   ?   ?   A . n 
A 1 156 MET 156 191 ?   ?   ?   A . n 
A 1 157 GLU 157 192 ?   ?   ?   A . n 
A 1 158 VAL 158 193 ?   ?   ?   A . n 
A 1 159 GLU 159 194 ?   ?   ?   A . n 
A 1 160 PRO 160 195 ?   ?   ?   A . n 
A 1 161 GLY 161 196 ?   ?   ?   A . n 
A 1 162 THR 162 197 ?   ?   ?   A . n 
A 1 163 SER 163 198 ?   ?   ?   A . n 
A 1 164 SER 164 199 ?   ?   ?   A . n 
A 1 165 THR 165 200 ?   ?   ?   A . n 
A 1 166 ASP 166 201 ?   ?   ?   A . n 
A 1 167 VAL 167 202 ?   ?   ?   A . n 
A 1 168 THR 168 203 ?   ?   ?   A . n 
A 1 169 CYS 169 204 ?   ?   ?   A . n 
A 1 170 SER 170 205 ?   ?   ?   A . n 
A 1 171 SER 171 206 ?   ?   ?   A . n 
A 1 172 SER 172 207 ?   ?   ?   A . n 
A 1 173 ARG 173 208 ?   ?   ?   A . n 
A 1 174 GLU 174 209 ?   ?   ?   A . n 
A 1 175 ASN 175 210 ?   ?   ?   A . n 
A 1 176 LEU 176 211 ?   ?   ?   A . n 
A 1 177 TYR 177 212 ?   ?   ?   A . n 
A 1 178 PHE 178 213 ?   ?   ?   A . n 
A 1 179 GLN 179 214 ?   ?   ?   A . n 
A 1 180 SER 180 215 ?   ?   ?   A . n 
A 1 181 ASN 181 216 ?   ?   ?   A . n 
A 1 182 THR 182 217 ?   ?   ?   A . n 
A 1 183 GLY 183 218 ?   ?   ?   A . n 
A 1 184 HIS 184 219 ?   ?   ?   A . n 
A 1 185 HIS 185 220 ?   ?   ?   A . n 
A 1 186 HIS 186 221 ?   ?   ?   A . n 
A 1 187 HIS 187 222 ?   ?   ?   A . n 
A 1 188 HIS 188 223 ?   ?   ?   A . n 
A 1 189 HIS 189 224 ?   ?   ?   A . n 
# 
loop_
_pdbx_nonpoly_scheme.asym_id 
_pdbx_nonpoly_scheme.entity_id 
_pdbx_nonpoly_scheme.mon_id 
_pdbx_nonpoly_scheme.ndb_seq_num 
_pdbx_nonpoly_scheme.pdb_seq_num 
_pdbx_nonpoly_scheme.auth_seq_num 
_pdbx_nonpoly_scheme.pdb_mon_id 
_pdbx_nonpoly_scheme.auth_mon_id 
_pdbx_nonpoly_scheme.pdb_strand_id 
_pdbx_nonpoly_scheme.pdb_ins_code 
B 2 HOH 1   301 1   HOH HOH A . 
B 2 HOH 2   302 2   HOH HOH A . 
B 2 HOH 3   303 3   HOH HOH A . 
B 2 HOH 4   304 4   HOH HOH A . 
B 2 HOH 5   305 5   HOH HOH A . 
B 2 HOH 6   306 6   HOH HOH A . 
B 2 HOH 7   307 7   HOH HOH A . 
B 2 HOH 8   308 8   HOH HOH A . 
B 2 HOH 9   309 9   HOH HOH A . 
B 2 HOH 10  310 10  HOH HOH A . 
B 2 HOH 11  311 11  HOH HOH A . 
B 2 HOH 12  312 12  HOH HOH A . 
B 2 HOH 13  313 13  HOH HOH A . 
B 2 HOH 14  314 14  HOH HOH A . 
B 2 HOH 15  315 15  HOH HOH A . 
B 2 HOH 16  316 16  HOH HOH A . 
B 2 HOH 17  317 17  HOH HOH A . 
B 2 HOH 18  318 18  HOH HOH A . 
B 2 HOH 19  319 19  HOH HOH A . 
B 2 HOH 20  320 20  HOH HOH A . 
B 2 HOH 21  321 21  HOH HOH A . 
B 2 HOH 22  322 22  HOH HOH A . 
B 2 HOH 23  323 23  HOH HOH A . 
B 2 HOH 24  324 24  HOH HOH A . 
B 2 HOH 25  325 25  HOH HOH A . 
B 2 HOH 26  326 26  HOH HOH A . 
B 2 HOH 27  327 27  HOH HOH A . 
B 2 HOH 28  328 28  HOH HOH A . 
B 2 HOH 29  329 29  HOH HOH A . 
B 2 HOH 30  330 30  HOH HOH A . 
B 2 HOH 31  331 31  HOH HOH A . 
B 2 HOH 32  332 32  HOH HOH A . 
B 2 HOH 33  333 33  HOH HOH A . 
B 2 HOH 34  334 34  HOH HOH A . 
B 2 HOH 35  335 35  HOH HOH A . 
B 2 HOH 36  336 36  HOH HOH A . 
B 2 HOH 37  337 37  HOH HOH A . 
B 2 HOH 38  338 38  HOH HOH A . 
B 2 HOH 39  339 39  HOH HOH A . 
B 2 HOH 40  340 40  HOH HOH A . 
B 2 HOH 41  341 41  HOH HOH A . 
B 2 HOH 42  342 42  HOH HOH A . 
B 2 HOH 43  343 43  HOH HOH A . 
B 2 HOH 44  344 44  HOH HOH A . 
B 2 HOH 45  345 45  HOH HOH A . 
B 2 HOH 46  346 46  HOH HOH A . 
B 2 HOH 47  347 47  HOH HOH A . 
B 2 HOH 48  348 48  HOH HOH A . 
B 2 HOH 49  349 49  HOH HOH A . 
B 2 HOH 50  350 50  HOH HOH A . 
B 2 HOH 51  351 51  HOH HOH A . 
B 2 HOH 52  352 52  HOH HOH A . 
B 2 HOH 53  353 53  HOH HOH A . 
B 2 HOH 54  354 54  HOH HOH A . 
B 2 HOH 55  355 55  HOH HOH A . 
B 2 HOH 56  356 56  HOH HOH A . 
B 2 HOH 57  357 57  HOH HOH A . 
B 2 HOH 58  358 58  HOH HOH A . 
B 2 HOH 59  359 59  HOH HOH A . 
B 2 HOH 60  360 60  HOH HOH A . 
B 2 HOH 61  361 61  HOH HOH A . 
B 2 HOH 62  362 62  HOH HOH A . 
B 2 HOH 63  363 63  HOH HOH A . 
B 2 HOH 64  364 64  HOH HOH A . 
B 2 HOH 65  365 65  HOH HOH A . 
B 2 HOH 66  366 66  HOH HOH A . 
B 2 HOH 67  367 67  HOH HOH A . 
B 2 HOH 68  368 68  HOH HOH A . 
B 2 HOH 69  369 69  HOH HOH A . 
B 2 HOH 70  370 70  HOH HOH A . 
B 2 HOH 71  371 71  HOH HOH A . 
B 2 HOH 72  372 72  HOH HOH A . 
B 2 HOH 73  373 73  HOH HOH A . 
B 2 HOH 74  374 74  HOH HOH A . 
B 2 HOH 75  375 75  HOH HOH A . 
B 2 HOH 76  376 76  HOH HOH A . 
B 2 HOH 77  377 77  HOH HOH A . 
B 2 HOH 78  378 78  HOH HOH A . 
B 2 HOH 79  379 79  HOH HOH A . 
B 2 HOH 80  380 80  HOH HOH A . 
B 2 HOH 81  381 81  HOH HOH A . 
B 2 HOH 82  382 82  HOH HOH A . 
B 2 HOH 83  383 83  HOH HOH A . 
B 2 HOH 84  384 84  HOH HOH A . 
B 2 HOH 85  385 85  HOH HOH A . 
B 2 HOH 86  386 86  HOH HOH A . 
B 2 HOH 87  387 87  HOH HOH A . 
B 2 HOH 88  388 88  HOH HOH A . 
B 2 HOH 89  389 89  HOH HOH A . 
B 2 HOH 90  390 90  HOH HOH A . 
B 2 HOH 91  391 91  HOH HOH A . 
B 2 HOH 92  392 92  HOH HOH A . 
B 2 HOH 93  393 93  HOH HOH A . 
B 2 HOH 94  394 94  HOH HOH A . 
B 2 HOH 95  395 95  HOH HOH A . 
B 2 HOH 96  396 96  HOH HOH A . 
B 2 HOH 97  397 97  HOH HOH A . 
B 2 HOH 98  398 98  HOH HOH A . 
B 2 HOH 99  399 99  HOH HOH A . 
B 2 HOH 100 400 100 HOH HOH A . 
B 2 HOH 101 401 101 HOH HOH A . 
B 2 HOH 102 402 102 HOH HOH A . 
B 2 HOH 103 403 103 HOH HOH A . 
B 2 HOH 104 404 104 HOH HOH A . 
B 2 HOH 105 405 105 HOH HOH A . 
B 2 HOH 106 406 106 HOH HOH A . 
B 2 HOH 107 407 107 HOH HOH A . 
B 2 HOH 108 408 108 HOH HOH A . 
B 2 HOH 109 409 109 HOH HOH A . 
B 2 HOH 110 410 110 HOH HOH A . 
B 2 HOH 111 411 111 HOH HOH A . 
B 2 HOH 112 412 112 HOH HOH A . 
B 2 HOH 113 413 113 HOH HOH A . 
B 2 HOH 114 414 114 HOH HOH A . 
B 2 HOH 115 415 115 HOH HOH A . 
B 2 HOH 116 416 116 HOH HOH A . 
B 2 HOH 117 417 117 HOH HOH A . 
B 2 HOH 118 418 118 HOH HOH A . 
B 2 HOH 119 419 119 HOH HOH A . 
B 2 HOH 120 420 120 HOH HOH A . 
B 2 HOH 121 421 121 HOH HOH A . 
B 2 HOH 122 422 122 HOH HOH A . 
B 2 HOH 123 423 123 HOH HOH A . 
B 2 HOH 124 424 124 HOH HOH A . 
B 2 HOH 125 425 125 HOH HOH A . 
B 2 HOH 126 426 126 HOH HOH A . 
B 2 HOH 127 427 127 HOH HOH A . 
B 2 HOH 128 428 128 HOH HOH A . 
B 2 HOH 129 429 129 HOH HOH A . 
B 2 HOH 130 430 130 HOH HOH A . 
B 2 HOH 131 431 131 HOH HOH A . 
B 2 HOH 132 432 132 HOH HOH A . 
B 2 HOH 133 433 133 HOH HOH A . 
B 2 HOH 134 434 134 HOH HOH A . 
B 2 HOH 135 435 135 HOH HOH A . 
B 2 HOH 136 436 136 HOH HOH A . 
B 2 HOH 137 437 137 HOH HOH A . 
B 2 HOH 138 438 138 HOH HOH A . 
B 2 HOH 139 439 139 HOH HOH A . 
B 2 HOH 140 440 140 HOH HOH A . 
B 2 HOH 141 441 141 HOH HOH A . 
B 2 HOH 142 442 142 HOH HOH A . 
B 2 HOH 143 443 143 HOH HOH A . 
B 2 HOH 144 444 144 HOH HOH A . 
B 2 HOH 145 445 145 HOH HOH A . 
B 2 HOH 146 446 146 HOH HOH A . 
B 2 HOH 147 447 147 HOH HOH A . 
B 2 HOH 148 448 148 HOH HOH A . 
B 2 HOH 149 449 149 HOH HOH A . 
B 2 HOH 150 450 150 HOH HOH A . 
B 2 HOH 151 451 151 HOH HOH A . 
B 2 HOH 152 452 152 HOH HOH A . 
B 2 HOH 153 453 153 HOH HOH A . 
B 2 HOH 154 454 154 HOH HOH A . 
B 2 HOH 155 455 155 HOH HOH A . 
# 
loop_
_software.name 
_software.classification 
_software.version 
_software.citation_id 
_software.pdbx_ordinal 
HKL-2000 'data collection' .                             ? 1 
CNS      refinement        .                             ? 2 
PHENIX   refinement        '(phenix.refine: 1.8.2_1309)' ? 3 
HKL-2000 'data reduction'  .                             ? 4 
HKL-2000 'data scaling'    .                             ? 5 
CNS      phasing           .                             ? 6 
# 
_cell.entry_id           3WVT 
_cell.length_a           81.139 
_cell.length_b           81.139 
_cell.length_c           42.274 
_cell.angle_alpha        90.00 
_cell.angle_beta         90.00 
_cell.angle_gamma        90.00 
_cell.Z_PDB              8 
_cell.pdbx_unique_axis   ? 
_cell.length_a_esd       ? 
_cell.length_b_esd       ? 
_cell.length_c_esd       ? 
_cell.angle_alpha_esd    ? 
_cell.angle_beta_esd     ? 
_cell.angle_gamma_esd    ? 
# 
_symmetry.entry_id                         3WVT 
_symmetry.space_group_name_H-M             'P 42 21 2' 
_symmetry.pdbx_full_space_group_name_H-M   ? 
_symmetry.cell_setting                     ? 
_symmetry.Int_Tables_number                94 
_symmetry.space_group_name_Hall            ? 
# 
_exptl.entry_id          3WVT 
_exptl.method            'X-RAY DIFFRACTION' 
_exptl.crystals_number   1 
# 
_exptl_crystal.id                    1 
_exptl_crystal.density_meas          ? 
_exptl_crystal.density_Matthews      1.68 
_exptl_crystal.density_percent_sol   26.73 
_exptl_crystal.description           ? 
_exptl_crystal.F_000                 ? 
_exptl_crystal.preparation           ? 
# 
_exptl_crystal_grow.crystal_id      1 
_exptl_crystal_grow.method          'VAPOR DIFFUSION, SITTING DROP' 
_exptl_crystal_grow.temp            293 
_exptl_crystal_grow.temp_details    ? 
_exptl_crystal_grow.pH              3.5 
_exptl_crystal_grow.pdbx_details    '0.1M Citric acid, 25%(w/v) PEG3350, pH 3.5, VAPOR DIFFUSION, SITTING DROP, temperature 293K' 
_exptl_crystal_grow.pdbx_pH_range   . 
# 
_diffrn.id                     1 
_diffrn.ambient_temp           100 
_diffrn.ambient_temp_details   ? 
_diffrn.crystal_id             1 
# 
_diffrn_detector.diffrn_id              1 
_diffrn_detector.detector               CCD 
_diffrn_detector.type                   'MAR CCD 165 mm' 
_diffrn_detector.pdbx_collection_date   2012-06-02 
_diffrn_detector.details                ? 
# 
_diffrn_radiation.diffrn_id                        1 
_diffrn_radiation.wavelength_id                    1 
_diffrn_radiation.pdbx_monochromatic_or_laue_m_l   M 
_diffrn_radiation.monochromator                    GRAPHITE 
_diffrn_radiation.pdbx_diffrn_protocol             'SINGLE WAVELENGTH' 
_diffrn_radiation.pdbx_scattering_type             x-ray 
# 
_diffrn_radiation_wavelength.id           1 
_diffrn_radiation_wavelength.wavelength   0.97930 
_diffrn_radiation_wavelength.wt           1.0 
# 
_diffrn_source.diffrn_id                   1 
_diffrn_source.source                      SYNCHROTRON 
_diffrn_source.type                        'SSRF BEAMLINE BL17U' 
_diffrn_source.pdbx_synchrotron_site       SSRF 
_diffrn_source.pdbx_synchrotron_beamline   BL17U 
_diffrn_source.pdbx_wavelength             ? 
_diffrn_source.pdbx_wavelength_list        0.97930 
# 
_reflns.entry_id                     3WVT 
_reflns.observed_criterion_sigma_I   2.0 
_reflns.observed_criterion_sigma_F   2.0 
_reflns.d_resolution_low             50 
_reflns.d_resolution_high            1.5 
_reflns.number_obs                   19085 
_reflns.number_all                   ? 
_reflns.percent_possible_obs         86 
_reflns.pdbx_Rmerge_I_obs            ? 
_reflns.pdbx_Rsym_value              ? 
_reflns.pdbx_netI_over_sigmaI        ? 
_reflns.B_iso_Wilson_estimate        ? 
_reflns.pdbx_redundancy              ? 
_reflns.R_free_details               ? 
_reflns.limit_h_max                  ? 
_reflns.limit_h_min                  ? 
_reflns.limit_k_max                  ? 
_reflns.limit_k_min                  ? 
_reflns.limit_l_max                  ? 
_reflns.limit_l_min                  ? 
_reflns.observed_criterion_F_max     ? 
_reflns.observed_criterion_F_min     ? 
_reflns.pdbx_chi_squared             ? 
_reflns.pdbx_scaling_rejects         ? 
_reflns.pdbx_ordinal                 1 
_reflns.pdbx_diffrn_id               1 
# 
_reflns_shell.d_res_high                  1.5 
_reflns_shell.d_res_low                   1.60 
_reflns_shell.percent_possible_all        99.7 
_reflns_shell.Rmerge_I_obs                ? 
_reflns_shell.pdbx_Rsym_value             ? 
_reflns_shell.meanI_over_sigI_obs         ? 
_reflns_shell.pdbx_redundancy             ? 
_reflns_shell.percent_possible_obs        ? 
_reflns_shell.number_unique_all           ? 
_reflns_shell.number_measured_all         ? 
_reflns_shell.number_measured_obs         ? 
_reflns_shell.number_unique_obs           ? 
_reflns_shell.pdbx_chi_squared            ? 
_reflns_shell.pdbx_rejects                ? 
_reflns_shell.pdbx_netI_over_sigmaI_obs   ? 
_reflns_shell.number_possible             ? 
_reflns_shell.Rmerge_F_all                ? 
_reflns_shell.Rmerge_F_obs                ? 
_reflns_shell.Rmerge_I_all                ? 
_reflns_shell.meanI_over_sigI_all         ? 
_reflns_shell.pdbx_Rrim_I_all             ? 
_reflns_shell.pdbx_Rpim_I_all             ? 
_reflns_shell.pdbx_ordinal                1 
_reflns_shell.pdbx_diffrn_id              1 
# 
_refine.entry_id                                 3WVT 
_refine.ls_number_reflns_obs                     19082 
_refine.ls_number_reflns_all                     19145 
_refine.pdbx_ls_sigma_I                          ? 
_refine.pdbx_ls_sigma_F                          1.34 
_refine.pdbx_data_cutoff_high_absF               ? 
_refine.pdbx_data_cutoff_low_absF                ? 
_refine.pdbx_data_cutoff_high_rms_absF           ? 
_refine.ls_d_res_low                             37.491 
_refine.ls_d_res_high                            1.601 
_refine.ls_percent_reflns_obs                    99.67 
_refine.ls_R_factor_obs                          0.1952 
_refine.ls_R_factor_all                          0.2003 
_refine.ls_R_factor_R_work                       0.1949 
_refine.ls_R_factor_R_free                       0.2003 
_refine.ls_R_factor_R_free_error                 ? 
_refine.ls_R_factor_R_free_error_details         ? 
_refine.ls_percent_reflns_R_free                 5.13 
_refine.ls_number_reflns_R_free                  979 
_refine.ls_number_parameters                     ? 
_refine.ls_number_restraints                     ? 
_refine.occupancy_min                            ? 
_refine.occupancy_max                            ? 
_refine.correlation_coeff_Fo_to_Fc               ? 
_refine.correlation_coeff_Fo_to_Fc_free          ? 
_refine.B_iso_mean                               25.4500 
_refine.aniso_B[1][1]                            ? 
_refine.aniso_B[2][2]                            ? 
_refine.aniso_B[3][3]                            ? 
_refine.aniso_B[1][2]                            ? 
_refine.aniso_B[1][3]                            ? 
_refine.aniso_B[2][3]                            ? 
_refine.solvent_model_details                    'FLAT BULK SOLVENT MODEL' 
_refine.solvent_model_param_ksol                 ? 
_refine.solvent_model_param_bsol                 ? 
_refine.pdbx_solvent_vdw_probe_radii             1.11 
_refine.pdbx_solvent_ion_probe_radii             ? 
_refine.pdbx_solvent_shrinkage_radii             0.90 
_refine.pdbx_ls_cross_valid_method               ? 
_refine.details                                  ? 
_refine.pdbx_starting_model                      4FHQ 
_refine.pdbx_method_to_determine_struct          'MOLECULAR REPLACEMENT' 
_refine.pdbx_isotropic_thermal_model             ? 
_refine.pdbx_stereochemistry_target_values       ML 
_refine.pdbx_stereochem_target_val_spec_case     ? 
_refine.pdbx_R_Free_selection_details            RANDOM 
_refine.pdbx_overall_ESU_R                       ? 
_refine.pdbx_overall_ESU_R_Free                  ? 
_refine.overall_SU_ML                            0.12 
_refine.overall_FOM_work_R_set                   0.8597 
_refine.B_iso_max                                71.310 
_refine.B_iso_min                                10.660 
_refine.pdbx_overall_phase_error                 20.0900 
_refine.pdbx_diffrn_id                           1 
_refine.pdbx_refine_id                           'X-RAY DIFFRACTION' 
_refine.ls_redundancy_reflns_obs                 ? 
_refine.overall_SU_B                             ? 
_refine.overall_SU_R_Cruickshank_DPI             ? 
_refine.overall_SU_R_free                        ? 
_refine.ls_wR_factor_R_free                      ? 
_refine.ls_wR_factor_R_work                      ? 
_refine.overall_FOM_free_R_set                   ? 
_refine.pdbx_TLS_residual_ADP_flag               ? 
_refine.pdbx_overall_SU_R_free_Cruickshank_DPI   ? 
_refine.pdbx_overall_SU_R_Blow_DPI               ? 
_refine.pdbx_overall_SU_R_free_Blow_DPI          ? 
# 
_refine_hist.pdbx_refine_id                   'X-RAY DIFFRACTION' 
_refine_hist.cycle_id                         LAST 
_refine_hist.pdbx_number_atoms_protein        754 
_refine_hist.pdbx_number_atoms_nucleic_acid   0 
_refine_hist.pdbx_number_atoms_ligand         0 
_refine_hist.number_atoms_solvent             155 
_refine_hist.number_atoms_total               909 
_refine_hist.d_res_high                       1.601 
_refine_hist.d_res_low                        37.491 
# 
loop_
_refine_ls_restr.pdbx_refine_id 
_refine_ls_restr.type 
_refine_ls_restr.number 
_refine_ls_restr.dev_ideal 
_refine_ls_restr.dev_ideal_target 
_refine_ls_restr.weight 
_refine_ls_restr.pdbx_restraint_function 
'X-RAY DIFFRACTION' f_bond_d           786  0.006  ? ? ? 
'X-RAY DIFFRACTION' f_angle_d          1042 1.243  ? ? ? 
'X-RAY DIFFRACTION' f_chiral_restr     112  0.082  ? ? ? 
'X-RAY DIFFRACTION' f_plane_restr      142  0.004  ? ? ? 
'X-RAY DIFFRACTION' f_dihedral_angle_d 295  14.524 ? ? ? 
# 
loop_
_refine_ls_shell.d_res_high 
_refine_ls_shell.d_res_low 
_refine_ls_shell.pdbx_total_number_of_bins_used 
_refine_ls_shell.percent_reflns_obs 
_refine_ls_shell.number_reflns_R_work 
_refine_ls_shell.R_factor_all 
_refine_ls_shell.R_factor_R_work 
_refine_ls_shell.R_factor_R_free 
_refine_ls_shell.percent_reflns_R_free 
_refine_ls_shell.number_reflns_R_free 
_refine_ls_shell.R_factor_R_free_error 
_refine_ls_shell.number_reflns_all 
_refine_ls_shell.number_reflns_obs 
_refine_ls_shell.pdbx_refine_id 
_refine_ls_shell.redundancy_reflns_obs 
1.6012 1.6857  7 99.0000  2517 . 0.2047 0.2386 . 139 . 2656 . 'X-RAY DIFFRACTION' . 
1.6857 1.7913  7 100.0000 2540 . 0.2060 0.2388 . 138 . 2678 . 'X-RAY DIFFRACTION' . 
1.7913 1.9296  7 100.0000 2564 . 0.1985 0.2504 . 133 . 2697 . 'X-RAY DIFFRACTION' . 
1.9296 2.1237  7 100.0000 2559 . 0.1927 0.2021 . 147 . 2706 . 'X-RAY DIFFRACTION' . 
2.1237 2.4310  7 100.0000 2550 . 0.1930 0.2500 . 160 . 2710 . 'X-RAY DIFFRACTION' . 
2.4310 3.0626  7 100.0000 2627 . 0.1993 0.1758 . 135 . 2762 . 'X-RAY DIFFRACTION' . 
3.0626 37.5010 7 99.0000  2746 . 0.1905 0.1689 . 127 . 2873 . 'X-RAY DIFFRACTION' . 
# 
_struct.entry_id                  3WVT 
_struct.title                     'Structural and biochemical study of equine lentivirus receptor 1' 
_struct.pdbx_model_details        ? 
_struct.pdbx_CASP_flag            ? 
_struct.pdbx_model_type_details   ? 
# 
_struct_keywords.entry_id        3WVT 
_struct_keywords.pdbx_keywords   'PROTEIN BINDING' 
_struct_keywords.text            'tumor necrosis factor receptor, cysteine rich domain, PROTEIN BINDING' 
# 
loop_
_struct_asym.id 
_struct_asym.pdbx_blank_PDB_chainid_flag 
_struct_asym.pdbx_modified 
_struct_asym.entity_id 
_struct_asym.details 
A N N 1 ? 
B N N 2 ? 
# 
_struct_ref.id                         1 
_struct_ref.db_name                    UNP 
_struct_ref.db_code                    Q4G265_HORSE 
_struct_ref.pdbx_db_accession          Q4G265 
_struct_ref.entity_id                  1 
_struct_ref.pdbx_seq_one_letter_code   
;ATPQCKEEEYPVGTECCPKCSPGYRVKQACGELTGTVCVPCAPRTFSAHLNGLSKCLPCRPCDPAMGLVIRRDCSSTENT
ECGCDQGHFCVSEKGDDCVECQPHTTCRPGQRVQERGTERQDTVCEDCQPGTFSPNGTLGECRPWTKCSGLFEMEVEPGT
SSTDVTCSS
;
_struct_ref.pdbx_align_begin           38 
_struct_ref.pdbx_db_isoform            ? 
# 
_struct_ref_seq.align_id                      1 
_struct_ref_seq.ref_id                        1 
_struct_ref_seq.pdbx_PDB_id_code              3WVT 
_struct_ref_seq.pdbx_strand_id                A 
_struct_ref_seq.seq_align_beg                 3 
_struct_ref_seq.pdbx_seq_align_beg_ins_code   ? 
_struct_ref_seq.seq_align_end                 171 
_struct_ref_seq.pdbx_seq_align_end_ins_code   ? 
_struct_ref_seq.pdbx_db_accession             Q4G265 
_struct_ref_seq.db_align_beg                  38 
_struct_ref_seq.pdbx_db_align_beg_ins_code    ? 
_struct_ref_seq.db_align_end                  206 
_struct_ref_seq.pdbx_db_align_end_ins_code    ? 
_struct_ref_seq.pdbx_auth_seq_align_beg       38 
_struct_ref_seq.pdbx_auth_seq_align_end       206 
# 
loop_
_struct_ref_seq_dif.align_id 
_struct_ref_seq_dif.pdbx_pdb_id_code 
_struct_ref_seq_dif.mon_id 
_struct_ref_seq_dif.pdbx_pdb_strand_id 
_struct_ref_seq_dif.seq_num 
_struct_ref_seq_dif.pdbx_pdb_ins_code 
_struct_ref_seq_dif.pdbx_seq_db_name 
_struct_ref_seq_dif.pdbx_seq_db_accession_code 
_struct_ref_seq_dif.db_mon_id 
_struct_ref_seq_dif.pdbx_seq_db_seq_num 
_struct_ref_seq_dif.details 
_struct_ref_seq_dif.pdbx_auth_seq_num 
_struct_ref_seq_dif.pdbx_ordinal 
1 3WVT ARG A 1   ? UNP Q4G265 ? ? 'expression tag' 36  1  
1 3WVT SER A 2   ? UNP Q4G265 ? ? 'expression tag' 37  2  
1 3WVT SER A 172 ? UNP Q4G265 ? ? 'expression tag' 207 3  
1 3WVT ARG A 173 ? UNP Q4G265 ? ? 'expression tag' 208 4  
1 3WVT GLU A 174 ? UNP Q4G265 ? ? 'expression tag' 209 5  
1 3WVT ASN A 175 ? UNP Q4G265 ? ? 'expression tag' 210 6  
1 3WVT LEU A 176 ? UNP Q4G265 ? ? 'expression tag' 211 7  
1 3WVT TYR A 177 ? UNP Q4G265 ? ? 'expression tag' 212 8  
1 3WVT PHE A 178 ? UNP Q4G265 ? ? 'expression tag' 213 9  
1 3WVT GLN A 179 ? UNP Q4G265 ? ? 'expression tag' 214 10 
1 3WVT SER A 180 ? UNP Q4G265 ? ? 'expression tag' 215 11 
1 3WVT ASN A 181 ? UNP Q4G265 ? ? 'expression tag' 216 12 
1 3WVT THR A 182 ? UNP Q4G265 ? ? 'expression tag' 217 13 
1 3WVT GLY A 183 ? UNP Q4G265 ? ? 'expression tag' 218 14 
1 3WVT HIS A 184 ? UNP Q4G265 ? ? 'expression tag' 219 15 
1 3WVT HIS A 185 ? UNP Q4G265 ? ? 'expression tag' 220 16 
1 3WVT HIS A 186 ? UNP Q4G265 ? ? 'expression tag' 221 17 
1 3WVT HIS A 187 ? UNP Q4G265 ? ? 'expression tag' 222 18 
1 3WVT HIS A 188 ? UNP Q4G265 ? ? 'expression tag' 223 19 
1 3WVT HIS A 189 ? UNP Q4G265 ? ? 'expression tag' 224 20 
# 
_pdbx_struct_assembly.id                   1 
_pdbx_struct_assembly.details              author_and_software_defined_assembly 
_pdbx_struct_assembly.method_details       PISA 
_pdbx_struct_assembly.oligomeric_details   monomeric 
_pdbx_struct_assembly.oligomeric_count     1 
# 
_pdbx_struct_assembly_gen.assembly_id       1 
_pdbx_struct_assembly_gen.oper_expression   1 
_pdbx_struct_assembly_gen.asym_id_list      A,B 
# 
_pdbx_struct_oper_list.id                   1 
_pdbx_struct_oper_list.type                 'identity operation' 
_pdbx_struct_oper_list.name                 1_555 
_pdbx_struct_oper_list.symmetry_operation   x,y,z 
_pdbx_struct_oper_list.matrix[1][1]         1.0000000000 
_pdbx_struct_oper_list.matrix[1][2]         0.0000000000 
_pdbx_struct_oper_list.matrix[1][3]         0.0000000000 
_pdbx_struct_oper_list.vector[1]            0.0000000000 
_pdbx_struct_oper_list.matrix[2][1]         0.0000000000 
_pdbx_struct_oper_list.matrix[2][2]         1.0000000000 
_pdbx_struct_oper_list.matrix[2][3]         0.0000000000 
_pdbx_struct_oper_list.vector[2]            0.0000000000 
_pdbx_struct_oper_list.matrix[3][1]         0.0000000000 
_pdbx_struct_oper_list.matrix[3][2]         0.0000000000 
_pdbx_struct_oper_list.matrix[3][3]         1.0000000000 
_pdbx_struct_oper_list.vector[3]            0.0000000000 
# 
_struct_biol.id        1 
_struct_biol.details   ? 
# 
_struct_conf.conf_type_id            HELX_P 
_struct_conf.id                      HELX_P1 
_struct_conf.pdbx_PDB_helix_id       1 
_struct_conf.beg_label_comp_id       ASP 
_struct_conf.beg_label_asym_id       A 
_struct_conf.beg_label_seq_id        65 
_struct_conf.pdbx_beg_PDB_ins_code   ? 
_struct_conf.end_label_comp_id       MET 
_struct_conf.end_label_asym_id       A 
_struct_conf.end_label_seq_id        68 
_struct_conf.pdbx_end_PDB_ins_code   ? 
_struct_conf.beg_auth_comp_id        ASP 
_struct_conf.beg_auth_asym_id        A 
_struct_conf.beg_auth_seq_id         100 
_struct_conf.end_auth_comp_id        MET 
_struct_conf.end_auth_asym_id        A 
_struct_conf.end_auth_seq_id         103 
_struct_conf.pdbx_PDB_helix_class    5 
_struct_conf.details                 ? 
_struct_conf.pdbx_PDB_helix_length   4 
# 
_struct_conf_type.id          HELX_P 
_struct_conf_type.criteria    ? 
_struct_conf_type.reference   ? 
# 
loop_
_struct_conn.id 
_struct_conn.conn_type_id 
_struct_conn.pdbx_leaving_atom_flag 
_struct_conn.pdbx_PDB_id 
_struct_conn.ptnr1_label_asym_id 
_struct_conn.ptnr1_label_comp_id 
_struct_conn.ptnr1_label_seq_id 
_struct_conn.ptnr1_label_atom_id 
_struct_conn.pdbx_ptnr1_label_alt_id 
_struct_conn.pdbx_ptnr1_PDB_ins_code 
_struct_conn.pdbx_ptnr1_standard_comp_id 
_struct_conn.ptnr1_symmetry 
_struct_conn.ptnr2_label_asym_id 
_struct_conn.ptnr2_label_comp_id 
_struct_conn.ptnr2_label_seq_id 
_struct_conn.ptnr2_label_atom_id 
_struct_conn.pdbx_ptnr2_label_alt_id 
_struct_conn.pdbx_ptnr2_PDB_ins_code 
_struct_conn.ptnr1_auth_asym_id 
_struct_conn.ptnr1_auth_comp_id 
_struct_conn.ptnr1_auth_seq_id 
_struct_conn.ptnr2_auth_asym_id 
_struct_conn.ptnr2_auth_comp_id 
_struct_conn.ptnr2_auth_seq_id 
_struct_conn.ptnr2_symmetry 
_struct_conn.pdbx_ptnr3_label_atom_id 
_struct_conn.pdbx_ptnr3_label_seq_id 
_struct_conn.pdbx_ptnr3_label_comp_id 
_struct_conn.pdbx_ptnr3_label_asym_id 
_struct_conn.pdbx_ptnr3_label_alt_id 
_struct_conn.pdbx_ptnr3_PDB_ins_code 
_struct_conn.details 
_struct_conn.pdbx_dist_value 
_struct_conn.pdbx_value_order 
_struct_conn.pdbx_role 
disulf1 disulf ? ? A CYS 7  SG ? ? ? 1_555 A CYS 18  SG ? ? A CYS 42  A CYS 53  1_555 ? ? ? ? ? ? ? 2.051 ? ? 
disulf2 disulf ? ? A CYS 19 SG ? ? ? 1_555 A CYS 32  SG ? ? A CYS 54  A CYS 67  1_555 ? ? ? ? ? ? ? 2.041 ? ? 
disulf3 disulf ? ? A CYS 22 SG ? ? ? 1_555 A CYS 40  SG ? ? A CYS 57  A CYS 75  1_555 ? ? ? ? ? ? ? 2.034 ? ? 
disulf4 disulf ? ? A CYS 43 SG ? ? ? 1_555 A CYS 58  SG ? ? A CYS 78  A CYS 93  1_555 ? ? ? ? ? ? ? 2.044 ? ? 
disulf5 disulf ? ? A CYS 61 SG ? ? ? 1_555 A CYS 76  SG ? ? A CYS 96  A CYS 111 1_555 ? ? ? ? ? ? ? 2.009 ? ? 
disulf6 disulf ? ? A CYS 64 SG ? ? ? 1_555 A CYS 84  SG ? ? A CYS 99  A CYS 119 1_555 ? ? ? ? ? ? ? 2.027 ? ? 
disulf7 disulf ? ? A CYS 86 SG ? ? ? 1_555 A CYS 103 SG ? ? A CYS 121 A CYS 138 1_555 ? ? ? ? ? ? ? 2.027 ? ? 
disulf8 disulf ? ? A CYS 92 SG ? ? ? 1_555 A CYS 100 SG ? ? A CYS 127 A CYS 135 1_555 ? ? ? ? ? ? ? 2.041 ? ? 
# 
_struct_conn_type.id          disulf 
_struct_conn_type.criteria    ? 
_struct_conn_type.reference   ? 
# 
loop_
_pdbx_modification_feature.ordinal 
_pdbx_modification_feature.label_comp_id 
_pdbx_modification_feature.label_asym_id 
_pdbx_modification_feature.label_seq_id 
_pdbx_modification_feature.label_alt_id 
_pdbx_modification_feature.modified_residue_label_comp_id 
_pdbx_modification_feature.modified_residue_label_asym_id 
_pdbx_modification_feature.modified_residue_label_seq_id 
_pdbx_modification_feature.modified_residue_label_alt_id 
_pdbx_modification_feature.auth_comp_id 
_pdbx_modification_feature.auth_asym_id 
_pdbx_modification_feature.auth_seq_id 
_pdbx_modification_feature.PDB_ins_code 
_pdbx_modification_feature.symmetry 
_pdbx_modification_feature.modified_residue_auth_comp_id 
_pdbx_modification_feature.modified_residue_auth_asym_id 
_pdbx_modification_feature.modified_residue_auth_seq_id 
_pdbx_modification_feature.modified_residue_PDB_ins_code 
_pdbx_modification_feature.modified_residue_symmetry 
_pdbx_modification_feature.comp_id_linking_atom 
_pdbx_modification_feature.modified_residue_id_linking_atom 
_pdbx_modification_feature.modified_residue_id 
_pdbx_modification_feature.ref_pcm_id 
_pdbx_modification_feature.ref_comp_id 
_pdbx_modification_feature.type 
_pdbx_modification_feature.category 
1 CYS A 7  ? CYS A 18  ? CYS A 42  ? 1_555 CYS A 53  ? 1_555 SG SG . . . None 'Disulfide bridge' 
2 CYS A 19 ? CYS A 32  ? CYS A 54  ? 1_555 CYS A 67  ? 1_555 SG SG . . . None 'Disulfide bridge' 
3 CYS A 22 ? CYS A 40  ? CYS A 57  ? 1_555 CYS A 75  ? 1_555 SG SG . . . None 'Disulfide bridge' 
4 CYS A 43 ? CYS A 58  ? CYS A 78  ? 1_555 CYS A 93  ? 1_555 SG SG . . . None 'Disulfide bridge' 
5 CYS A 61 ? CYS A 76  ? CYS A 96  ? 1_555 CYS A 111 ? 1_555 SG SG . . . None 'Disulfide bridge' 
6 CYS A 64 ? CYS A 84  ? CYS A 99  ? 1_555 CYS A 119 ? 1_555 SG SG . . . None 'Disulfide bridge' 
7 CYS A 86 ? CYS A 103 ? CYS A 121 ? 1_555 CYS A 138 ? 1_555 SG SG . . . None 'Disulfide bridge' 
8 CYS A 92 ? CYS A 100 ? CYS A 127 ? 1_555 CYS A 135 ? 1_555 SG SG . . . None 'Disulfide bridge' 
# 
loop_
_struct_sheet.id 
_struct_sheet.type 
_struct_sheet.number_strands 
_struct_sheet.details 
A ? 2 ? 
B ? 2 ? 
C ? 2 ? 
D ? 2 ? 
E ? 2 ? 
# 
loop_
_struct_sheet_order.sheet_id 
_struct_sheet_order.range_id_1 
_struct_sheet_order.range_id_2 
_struct_sheet_order.offset 
_struct_sheet_order.sense 
A 1 2 ? anti-parallel 
B 1 2 ? anti-parallel 
C 1 2 ? anti-parallel 
D 1 2 ? anti-parallel 
E 1 2 ? anti-parallel 
# 
loop_
_struct_sheet_range.sheet_id 
_struct_sheet_range.id 
_struct_sheet_range.beg_label_comp_id 
_struct_sheet_range.beg_label_asym_id 
_struct_sheet_range.beg_label_seq_id 
_struct_sheet_range.pdbx_beg_PDB_ins_code 
_struct_sheet_range.end_label_comp_id 
_struct_sheet_range.end_label_asym_id 
_struct_sheet_range.end_label_seq_id 
_struct_sheet_range.pdbx_end_PDB_ins_code 
_struct_sheet_range.beg_auth_comp_id 
_struct_sheet_range.beg_auth_asym_id 
_struct_sheet_range.beg_auth_seq_id 
_struct_sheet_range.end_auth_comp_id 
_struct_sheet_range.end_auth_asym_id 
_struct_sheet_range.end_auth_seq_id 
A 1 GLU A 11 ? VAL A 14  ? GLU A 46  VAL A 49  
A 2 GLU A 17 ? PRO A 20  ? GLU A 52  PRO A 55  
B 1 TYR A 26 ? GLN A 30  ? TYR A 61  GLN A 65  
B 2 VAL A 39 ? PRO A 42  ? VAL A 74  PRO A 77  
C 1 THR A 47 ? PHE A 48  ? THR A 82  PHE A 83  
C 2 LEU A 59 ? PRO A 60  ? LEU A 94  PRO A 95  
D 1 LEU A 70 ? ARG A 74  ? LEU A 105 ARG A 109 
D 2 GLU A 83 ? CYS A 86  ? GLU A 118 CYS A 121 
E 1 HIS A 90 ? LYS A 96  ? HIS A 125 LYS A 131 
E 2 ASP A 99 ? PRO A 105 ? ASP A 134 PRO A 140 
# 
loop_
_pdbx_struct_sheet_hbond.sheet_id 
_pdbx_struct_sheet_hbond.range_id_1 
_pdbx_struct_sheet_hbond.range_id_2 
_pdbx_struct_sheet_hbond.range_1_label_atom_id 
_pdbx_struct_sheet_hbond.range_1_label_comp_id 
_pdbx_struct_sheet_hbond.range_1_label_asym_id 
_pdbx_struct_sheet_hbond.range_1_label_seq_id 
_pdbx_struct_sheet_hbond.range_1_PDB_ins_code 
_pdbx_struct_sheet_hbond.range_1_auth_atom_id 
_pdbx_struct_sheet_hbond.range_1_auth_comp_id 
_pdbx_struct_sheet_hbond.range_1_auth_asym_id 
_pdbx_struct_sheet_hbond.range_1_auth_seq_id 
_pdbx_struct_sheet_hbond.range_2_label_atom_id 
_pdbx_struct_sheet_hbond.range_2_label_comp_id 
_pdbx_struct_sheet_hbond.range_2_label_asym_id 
_pdbx_struct_sheet_hbond.range_2_label_seq_id 
_pdbx_struct_sheet_hbond.range_2_PDB_ins_code 
_pdbx_struct_sheet_hbond.range_2_auth_atom_id 
_pdbx_struct_sheet_hbond.range_2_auth_comp_id 
_pdbx_struct_sheet_hbond.range_2_auth_asym_id 
_pdbx_struct_sheet_hbond.range_2_auth_seq_id 
A 1 2 N VAL A 14 ? N VAL A 49  O GLU A 17  ? O GLU A 52  
B 1 2 N LYS A 29 ? N LYS A 64  O VAL A 39  ? O VAL A 74  
C 1 2 N PHE A 48 ? N PHE A 83  O LEU A 59  ? O LEU A 94  
D 1 2 N ARG A 73 ? N ARG A 108 O GLU A 83  ? O GLU A 118 
E 1 2 N SER A 94 ? N SER A 129 O VAL A 101 ? O VAL A 136 
# 
_pdbx_entry_details.entry_id                   3WVT 
_pdbx_entry_details.compound_details           ? 
_pdbx_entry_details.source_details             ? 
_pdbx_entry_details.nonpolymer_details         ? 
_pdbx_entry_details.sequence_details           ? 
_pdbx_entry_details.has_ligand_of_interest     ? 
_pdbx_entry_details.has_protein_modification   Y 
# 
loop_
_pdbx_validate_close_contact.id 
_pdbx_validate_close_contact.PDB_model_num 
_pdbx_validate_close_contact.auth_atom_id_1 
_pdbx_validate_close_contact.auth_asym_id_1 
_pdbx_validate_close_contact.auth_comp_id_1 
_pdbx_validate_close_contact.auth_seq_id_1 
_pdbx_validate_close_contact.PDB_ins_code_1 
_pdbx_validate_close_contact.label_alt_id_1 
_pdbx_validate_close_contact.auth_atom_id_2 
_pdbx_validate_close_contact.auth_asym_id_2 
_pdbx_validate_close_contact.auth_comp_id_2 
_pdbx_validate_close_contact.auth_seq_id_2 
_pdbx_validate_close_contact.PDB_ins_code_2 
_pdbx_validate_close_contact.label_alt_id_2 
_pdbx_validate_close_contact.dist 
1 1 O A HOH 436 ? ? O A HOH 451 ? ? 1.83 
2 1 O A HOH 387 ? ? O A HOH 438 ? ? 1.87 
3 1 O A HOH 329 ? ? O A HOH 402 ? ? 1.91 
4 1 O A HOH 434 ? ? O A HOH 441 ? ? 2.03 
5 1 O A HOH 357 ? ? O A HOH 443 ? ? 2.04 
6 1 O A HOH 399 ? ? O A HOH 417 ? ? 2.13 
7 1 O A HOH 334 ? ? O A HOH 410 ? ? 2.16 
8 1 O A HOH 414 ? ? O A HOH 422 ? ? 2.19 
# 
_pdbx_validate_symm_contact.id                1 
_pdbx_validate_symm_contact.PDB_model_num     1 
_pdbx_validate_symm_contact.auth_atom_id_1    O 
_pdbx_validate_symm_contact.auth_asym_id_1    A 
_pdbx_validate_symm_contact.auth_comp_id_1    HOH 
_pdbx_validate_symm_contact.auth_seq_id_1     425 
_pdbx_validate_symm_contact.PDB_ins_code_1    ? 
_pdbx_validate_symm_contact.label_alt_id_1    ? 
_pdbx_validate_symm_contact.site_symmetry_1   1_555 
_pdbx_validate_symm_contact.auth_atom_id_2    O 
_pdbx_validate_symm_contact.auth_asym_id_2    A 
_pdbx_validate_symm_contact.auth_comp_id_2    HOH 
_pdbx_validate_symm_contact.auth_seq_id_2     425 
_pdbx_validate_symm_contact.PDB_ins_code_2    ? 
_pdbx_validate_symm_contact.label_alt_id_2    ? 
_pdbx_validate_symm_contact.site_symmetry_2   7_555 
_pdbx_validate_symm_contact.dist              1.87 
# 
loop_
_pdbx_unobs_or_zero_occ_residues.id 
_pdbx_unobs_or_zero_occ_residues.PDB_model_num 
_pdbx_unobs_or_zero_occ_residues.polymer_flag 
_pdbx_unobs_or_zero_occ_residues.occupancy_flag 
_pdbx_unobs_or_zero_occ_residues.auth_asym_id 
_pdbx_unobs_or_zero_occ_residues.auth_comp_id 
_pdbx_unobs_or_zero_occ_residues.auth_seq_id 
_pdbx_unobs_or_zero_occ_residues.PDB_ins_code 
_pdbx_unobs_or_zero_occ_residues.label_asym_id 
_pdbx_unobs_or_zero_occ_residues.label_comp_id 
_pdbx_unobs_or_zero_occ_residues.label_seq_id 
1  1 Y 1 A ARG 36  ? A ARG 1   
2  1 Y 1 A SER 37  ? A SER 2   
3  1 Y 1 A ALA 38  ? A ALA 3   
4  1 Y 1 A THR 39  ? A THR 4   
5  1 Y 1 A THR 142 ? A THR 107 
6  1 Y 1 A THR 143 ? A THR 108 
7  1 Y 1 A CYS 144 ? A CYS 109 
8  1 Y 1 A ARG 145 ? A ARG 110 
9  1 Y 1 A PRO 146 ? A PRO 111 
10 1 Y 1 A GLY 147 ? A GLY 112 
11 1 Y 1 A GLN 148 ? A GLN 113 
12 1 Y 1 A ARG 149 ? A ARG 114 
13 1 Y 1 A VAL 150 ? A VAL 115 
14 1 Y 1 A GLN 151 ? A GLN 116 
15 1 Y 1 A GLU 152 ? A GLU 117 
16 1 Y 1 A ARG 153 ? A ARG 118 
17 1 Y 1 A GLY 154 ? A GLY 119 
18 1 Y 1 A THR 155 ? A THR 120 
19 1 Y 1 A GLU 156 ? A GLU 121 
20 1 Y 1 A ARG 157 ? A ARG 122 
21 1 Y 1 A GLN 158 ? A GLN 123 
22 1 Y 1 A ASP 159 ? A ASP 124 
23 1 Y 1 A THR 160 ? A THR 125 
24 1 Y 1 A VAL 161 ? A VAL 126 
25 1 Y 1 A CYS 162 ? A CYS 127 
26 1 Y 1 A GLU 163 ? A GLU 128 
27 1 Y 1 A ASP 164 ? A ASP 129 
28 1 Y 1 A CYS 165 ? A CYS 130 
29 1 Y 1 A GLN 166 ? A GLN 131 
30 1 Y 1 A PRO 167 ? A PRO 132 
31 1 Y 1 A GLY 168 ? A GLY 133 
32 1 Y 1 A THR 169 ? A THR 134 
33 1 Y 1 A PHE 170 ? A PHE 135 
34 1 Y 1 A SER 171 ? A SER 136 
35 1 Y 1 A PRO 172 ? A PRO 137 
36 1 Y 1 A ASN 173 ? A ASN 138 
37 1 Y 1 A GLY 174 ? A GLY 139 
38 1 Y 1 A THR 175 ? A THR 140 
39 1 Y 1 A LEU 176 ? A LEU 141 
40 1 Y 1 A GLY 177 ? A GLY 142 
41 1 Y 1 A GLU 178 ? A GLU 143 
42 1 Y 1 A CYS 179 ? A CYS 144 
43 1 Y 1 A ARG 180 ? A ARG 145 
44 1 Y 1 A PRO 181 ? A PRO 146 
45 1 Y 1 A TRP 182 ? A TRP 147 
46 1 Y 1 A THR 183 ? A THR 148 
47 1 Y 1 A LYS 184 ? A LYS 149 
48 1 Y 1 A CYS 185 ? A CYS 150 
49 1 Y 1 A SER 186 ? A SER 151 
50 1 Y 1 A GLY 187 ? A GLY 152 
51 1 Y 1 A LEU 188 ? A LEU 153 
52 1 Y 1 A PHE 189 ? A PHE 154 
53 1 Y 1 A GLU 190 ? A GLU 155 
54 1 Y 1 A MET 191 ? A MET 156 
55 1 Y 1 A GLU 192 ? A GLU 157 
56 1 Y 1 A VAL 193 ? A VAL 158 
57 1 Y 1 A GLU 194 ? A GLU 159 
58 1 Y 1 A PRO 195 ? A PRO 160 
59 1 Y 1 A GLY 196 ? A GLY 161 
60 1 Y 1 A THR 197 ? A THR 162 
61 1 Y 1 A SER 198 ? A SER 163 
62 1 Y 1 A SER 199 ? A SER 164 
63 1 Y 1 A THR 200 ? A THR 165 
64 1 Y 1 A ASP 201 ? A ASP 166 
65 1 Y 1 A VAL 202 ? A VAL 167 
66 1 Y 1 A THR 203 ? A THR 168 
67 1 Y 1 A CYS 204 ? A CYS 169 
68 1 Y 1 A SER 205 ? A SER 170 
69 1 Y 1 A SER 206 ? A SER 171 
70 1 Y 1 A SER 207 ? A SER 172 
71 1 Y 1 A ARG 208 ? A ARG 173 
72 1 Y 1 A GLU 209 ? A GLU 174 
73 1 Y 1 A ASN 210 ? A ASN 175 
74 1 Y 1 A LEU 211 ? A LEU 176 
75 1 Y 1 A TYR 212 ? A TYR 177 
76 1 Y 1 A PHE 213 ? A PHE 178 
77 1 Y 1 A GLN 214 ? A GLN 179 
78 1 Y 1 A SER 215 ? A SER 180 
79 1 Y 1 A ASN 216 ? A ASN 181 
80 1 Y 1 A THR 217 ? A THR 182 
81 1 Y 1 A GLY 218 ? A GLY 183 
82 1 Y 1 A HIS 219 ? A HIS 184 
83 1 Y 1 A HIS 220 ? A HIS 185 
84 1 Y 1 A HIS 221 ? A HIS 186 
85 1 Y 1 A HIS 222 ? A HIS 187 
86 1 Y 1 A HIS 223 ? A HIS 188 
87 1 Y 1 A HIS 224 ? A HIS 189 
# 
loop_
_chem_comp_atom.comp_id 
_chem_comp_atom.atom_id 
_chem_comp_atom.type_symbol 
_chem_comp_atom.pdbx_aromatic_flag 
_chem_comp_atom.pdbx_stereo_config 
_chem_comp_atom.pdbx_ordinal 
ALA N    N N N 1   
ALA CA   C N S 2   
ALA C    C N N 3   
ALA O    O N N 4   
ALA CB   C N N 5   
ALA OXT  O N N 6   
ALA H    H N N 7   
ALA H2   H N N 8   
ALA HA   H N N 9   
ALA HB1  H N N 10  
ALA HB2  H N N 11  
ALA HB3  H N N 12  
ALA HXT  H N N 13  
ARG N    N N N 14  
ARG CA   C N S 15  
ARG C    C N N 16  
ARG O    O N N 17  
ARG CB   C N N 18  
ARG CG   C N N 19  
ARG CD   C N N 20  
ARG NE   N N N 21  
ARG CZ   C N N 22  
ARG NH1  N N N 23  
ARG NH2  N N N 24  
ARG OXT  O N N 25  
ARG H    H N N 26  
ARG H2   H N N 27  
ARG HA   H N N 28  
ARG HB2  H N N 29  
ARG HB3  H N N 30  
ARG HG2  H N N 31  
ARG HG3  H N N 32  
ARG HD2  H N N 33  
ARG HD3  H N N 34  
ARG HE   H N N 35  
ARG HH11 H N N 36  
ARG HH12 H N N 37  
ARG HH21 H N N 38  
ARG HH22 H N N 39  
ARG HXT  H N N 40  
ASN N    N N N 41  
ASN CA   C N S 42  
ASN C    C N N 43  
ASN O    O N N 44  
ASN CB   C N N 45  
ASN CG   C N N 46  
ASN OD1  O N N 47  
ASN ND2  N N N 48  
ASN OXT  O N N 49  
ASN H    H N N 50  
ASN H2   H N N 51  
ASN HA   H N N 52  
ASN HB2  H N N 53  
ASN HB3  H N N 54  
ASN HD21 H N N 55  
ASN HD22 H N N 56  
ASN HXT  H N N 57  
ASP N    N N N 58  
ASP CA   C N S 59  
ASP C    C N N 60  
ASP O    O N N 61  
ASP CB   C N N 62  
ASP CG   C N N 63  
ASP OD1  O N N 64  
ASP OD2  O N N 65  
ASP OXT  O N N 66  
ASP H    H N N 67  
ASP H2   H N N 68  
ASP HA   H N N 69  
ASP HB2  H N N 70  
ASP HB3  H N N 71  
ASP HD2  H N N 72  
ASP HXT  H N N 73  
CYS N    N N N 74  
CYS CA   C N R 75  
CYS C    C N N 76  
CYS O    O N N 77  
CYS CB   C N N 78  
CYS SG   S N N 79  
CYS OXT  O N N 80  
CYS H    H N N 81  
CYS H2   H N N 82  
CYS HA   H N N 83  
CYS HB2  H N N 84  
CYS HB3  H N N 85  
CYS HG   H N N 86  
CYS HXT  H N N 87  
GLN N    N N N 88  
GLN CA   C N S 89  
GLN C    C N N 90  
GLN O    O N N 91  
GLN CB   C N N 92  
GLN CG   C N N 93  
GLN CD   C N N 94  
GLN OE1  O N N 95  
GLN NE2  N N N 96  
GLN OXT  O N N 97  
GLN H    H N N 98  
GLN H2   H N N 99  
GLN HA   H N N 100 
GLN HB2  H N N 101 
GLN HB3  H N N 102 
GLN HG2  H N N 103 
GLN HG3  H N N 104 
GLN HE21 H N N 105 
GLN HE22 H N N 106 
GLN HXT  H N N 107 
GLU N    N N N 108 
GLU CA   C N S 109 
GLU C    C N N 110 
GLU O    O N N 111 
GLU CB   C N N 112 
GLU CG   C N N 113 
GLU CD   C N N 114 
GLU OE1  O N N 115 
GLU OE2  O N N 116 
GLU OXT  O N N 117 
GLU H    H N N 118 
GLU H2   H N N 119 
GLU HA   H N N 120 
GLU HB2  H N N 121 
GLU HB3  H N N 122 
GLU HG2  H N N 123 
GLU HG3  H N N 124 
GLU HE2  H N N 125 
GLU HXT  H N N 126 
GLY N    N N N 127 
GLY CA   C N N 128 
GLY C    C N N 129 
GLY O    O N N 130 
GLY OXT  O N N 131 
GLY H    H N N 132 
GLY H2   H N N 133 
GLY HA2  H N N 134 
GLY HA3  H N N 135 
GLY HXT  H N N 136 
HIS N    N N N 137 
HIS CA   C N S 138 
HIS C    C N N 139 
HIS O    O N N 140 
HIS CB   C N N 141 
HIS CG   C Y N 142 
HIS ND1  N Y N 143 
HIS CD2  C Y N 144 
HIS CE1  C Y N 145 
HIS NE2  N Y N 146 
HIS OXT  O N N 147 
HIS H    H N N 148 
HIS H2   H N N 149 
HIS HA   H N N 150 
HIS HB2  H N N 151 
HIS HB3  H N N 152 
HIS HD1  H N N 153 
HIS HD2  H N N 154 
HIS HE1  H N N 155 
HIS HE2  H N N 156 
HIS HXT  H N N 157 
HOH O    O N N 158 
HOH H1   H N N 159 
HOH H2   H N N 160 
ILE N    N N N 161 
ILE CA   C N S 162 
ILE C    C N N 163 
ILE O    O N N 164 
ILE CB   C N S 165 
ILE CG1  C N N 166 
ILE CG2  C N N 167 
ILE CD1  C N N 168 
ILE OXT  O N N 169 
ILE H    H N N 170 
ILE H2   H N N 171 
ILE HA   H N N 172 
ILE HB   H N N 173 
ILE HG12 H N N 174 
ILE HG13 H N N 175 
ILE HG21 H N N 176 
ILE HG22 H N N 177 
ILE HG23 H N N 178 
ILE HD11 H N N 179 
ILE HD12 H N N 180 
ILE HD13 H N N 181 
ILE HXT  H N N 182 
LEU N    N N N 183 
LEU CA   C N S 184 
LEU C    C N N 185 
LEU O    O N N 186 
LEU CB   C N N 187 
LEU CG   C N N 188 
LEU CD1  C N N 189 
LEU CD2  C N N 190 
LEU OXT  O N N 191 
LEU H    H N N 192 
LEU H2   H N N 193 
LEU HA   H N N 194 
LEU HB2  H N N 195 
LEU HB3  H N N 196 
LEU HG   H N N 197 
LEU HD11 H N N 198 
LEU HD12 H N N 199 
LEU HD13 H N N 200 
LEU HD21 H N N 201 
LEU HD22 H N N 202 
LEU HD23 H N N 203 
LEU HXT  H N N 204 
LYS N    N N N 205 
LYS CA   C N S 206 
LYS C    C N N 207 
LYS O    O N N 208 
LYS CB   C N N 209 
LYS CG   C N N 210 
LYS CD   C N N 211 
LYS CE   C N N 212 
LYS NZ   N N N 213 
LYS OXT  O N N 214 
LYS H    H N N 215 
LYS H2   H N N 216 
LYS HA   H N N 217 
LYS HB2  H N N 218 
LYS HB3  H N N 219 
LYS HG2  H N N 220 
LYS HG3  H N N 221 
LYS HD2  H N N 222 
LYS HD3  H N N 223 
LYS HE2  H N N 224 
LYS HE3  H N N 225 
LYS HZ1  H N N 226 
LYS HZ2  H N N 227 
LYS HZ3  H N N 228 
LYS HXT  H N N 229 
MET N    N N N 230 
MET CA   C N S 231 
MET C    C N N 232 
MET O    O N N 233 
MET CB   C N N 234 
MET CG   C N N 235 
MET SD   S N N 236 
MET CE   C N N 237 
MET OXT  O N N 238 
MET H    H N N 239 
MET H2   H N N 240 
MET HA   H N N 241 
MET HB2  H N N 242 
MET HB3  H N N 243 
MET HG2  H N N 244 
MET HG3  H N N 245 
MET HE1  H N N 246 
MET HE2  H N N 247 
MET HE3  H N N 248 
MET HXT  H N N 249 
PHE N    N N N 250 
PHE CA   C N S 251 
PHE C    C N N 252 
PHE O    O N N 253 
PHE CB   C N N 254 
PHE CG   C Y N 255 
PHE CD1  C Y N 256 
PHE CD2  C Y N 257 
PHE CE1  C Y N 258 
PHE CE2  C Y N 259 
PHE CZ   C Y N 260 
PHE OXT  O N N 261 
PHE H    H N N 262 
PHE H2   H N N 263 
PHE HA   H N N 264 
PHE HB2  H N N 265 
PHE HB3  H N N 266 
PHE HD1  H N N 267 
PHE HD2  H N N 268 
PHE HE1  H N N 269 
PHE HE2  H N N 270 
PHE HZ   H N N 271 
PHE HXT  H N N 272 
PRO N    N N N 273 
PRO CA   C N S 274 
PRO C    C N N 275 
PRO O    O N N 276 
PRO CB   C N N 277 
PRO CG   C N N 278 
PRO CD   C N N 279 
PRO OXT  O N N 280 
PRO H    H N N 281 
PRO HA   H N N 282 
PRO HB2  H N N 283 
PRO HB3  H N N 284 
PRO HG2  H N N 285 
PRO HG3  H N N 286 
PRO HD2  H N N 287 
PRO HD3  H N N 288 
PRO HXT  H N N 289 
SER N    N N N 290 
SER CA   C N S 291 
SER C    C N N 292 
SER O    O N N 293 
SER CB   C N N 294 
SER OG   O N N 295 
SER OXT  O N N 296 
SER H    H N N 297 
SER H2   H N N 298 
SER HA   H N N 299 
SER HB2  H N N 300 
SER HB3  H N N 301 
SER HG   H N N 302 
SER HXT  H N N 303 
THR N    N N N 304 
THR CA   C N S 305 
THR C    C N N 306 
THR O    O N N 307 
THR CB   C N R 308 
THR OG1  O N N 309 
THR CG2  C N N 310 
THR OXT  O N N 311 
THR H    H N N 312 
THR H2   H N N 313 
THR HA   H N N 314 
THR HB   H N N 315 
THR HG1  H N N 316 
THR HG21 H N N 317 
THR HG22 H N N 318 
THR HG23 H N N 319 
THR HXT  H N N 320 
TRP N    N N N 321 
TRP CA   C N S 322 
TRP C    C N N 323 
TRP O    O N N 324 
TRP CB   C N N 325 
TRP CG   C Y N 326 
TRP CD1  C Y N 327 
TRP CD2  C Y N 328 
TRP NE1  N Y N 329 
TRP CE2  C Y N 330 
TRP CE3  C Y N 331 
TRP CZ2  C Y N 332 
TRP CZ3  C Y N 333 
TRP CH2  C Y N 334 
TRP OXT  O N N 335 
TRP H    H N N 336 
TRP H2   H N N 337 
TRP HA   H N N 338 
TRP HB2  H N N 339 
TRP HB3  H N N 340 
TRP HD1  H N N 341 
TRP HE1  H N N 342 
TRP HE3  H N N 343 
TRP HZ2  H N N 344 
TRP HZ3  H N N 345 
TRP HH2  H N N 346 
TRP HXT  H N N 347 
TYR N    N N N 348 
TYR CA   C N S 349 
TYR C    C N N 350 
TYR O    O N N 351 
TYR CB   C N N 352 
TYR CG   C Y N 353 
TYR CD1  C Y N 354 
TYR CD2  C Y N 355 
TYR CE1  C Y N 356 
TYR CE2  C Y N 357 
TYR CZ   C Y N 358 
TYR OH   O N N 359 
TYR OXT  O N N 360 
TYR H    H N N 361 
TYR H2   H N N 362 
TYR HA   H N N 363 
TYR HB2  H N N 364 
TYR HB3  H N N 365 
TYR HD1  H N N 366 
TYR HD2  H N N 367 
TYR HE1  H N N 368 
TYR HE2  H N N 369 
TYR HH   H N N 370 
TYR HXT  H N N 371 
VAL N    N N N 372 
VAL CA   C N S 373 
VAL C    C N N 374 
VAL O    O N N 375 
VAL CB   C N N 376 
VAL CG1  C N N 377 
VAL CG2  C N N 378 
VAL OXT  O N N 379 
VAL H    H N N 380 
VAL H2   H N N 381 
VAL HA   H N N 382 
VAL HB   H N N 383 
VAL HG11 H N N 384 
VAL HG12 H N N 385 
VAL HG13 H N N 386 
VAL HG21 H N N 387 
VAL HG22 H N N 388 
VAL HG23 H N N 389 
VAL HXT  H N N 390 
# 
loop_
_chem_comp_bond.comp_id 
_chem_comp_bond.atom_id_1 
_chem_comp_bond.atom_id_2 
_chem_comp_bond.value_order 
_chem_comp_bond.pdbx_aromatic_flag 
_chem_comp_bond.pdbx_stereo_config 
_chem_comp_bond.pdbx_ordinal 
ALA N   CA   sing N N 1   
ALA N   H    sing N N 2   
ALA N   H2   sing N N 3   
ALA CA  C    sing N N 4   
ALA CA  CB   sing N N 5   
ALA CA  HA   sing N N 6   
ALA C   O    doub N N 7   
ALA C   OXT  sing N N 8   
ALA CB  HB1  sing N N 9   
ALA CB  HB2  sing N N 10  
ALA CB  HB3  sing N N 11  
ALA OXT HXT  sing N N 12  
ARG N   CA   sing N N 13  
ARG N   H    sing N N 14  
ARG N   H2   sing N N 15  
ARG CA  C    sing N N 16  
ARG CA  CB   sing N N 17  
ARG CA  HA   sing N N 18  
ARG C   O    doub N N 19  
ARG C   OXT  sing N N 20  
ARG CB  CG   sing N N 21  
ARG CB  HB2  sing N N 22  
ARG CB  HB3  sing N N 23  
ARG CG  CD   sing N N 24  
ARG CG  HG2  sing N N 25  
ARG CG  HG3  sing N N 26  
ARG CD  NE   sing N N 27  
ARG CD  HD2  sing N N 28  
ARG CD  HD3  sing N N 29  
ARG NE  CZ   sing N N 30  
ARG NE  HE   sing N N 31  
ARG CZ  NH1  sing N N 32  
ARG CZ  NH2  doub N N 33  
ARG NH1 HH11 sing N N 34  
ARG NH1 HH12 sing N N 35  
ARG NH2 HH21 sing N N 36  
ARG NH2 HH22 sing N N 37  
ARG OXT HXT  sing N N 38  
ASN N   CA   sing N N 39  
ASN N   H    sing N N 40  
ASN N   H2   sing N N 41  
ASN CA  C    sing N N 42  
ASN CA  CB   sing N N 43  
ASN CA  HA   sing N N 44  
ASN C   O    doub N N 45  
ASN C   OXT  sing N N 46  
ASN CB  CG   sing N N 47  
ASN CB  HB2  sing N N 48  
ASN CB  HB3  sing N N 49  
ASN CG  OD1  doub N N 50  
ASN CG  ND2  sing N N 51  
ASN ND2 HD21 sing N N 52  
ASN ND2 HD22 sing N N 53  
ASN OXT HXT  sing N N 54  
ASP N   CA   sing N N 55  
ASP N   H    sing N N 56  
ASP N   H2   sing N N 57  
ASP CA  C    sing N N 58  
ASP CA  CB   sing N N 59  
ASP CA  HA   sing N N 60  
ASP C   O    doub N N 61  
ASP C   OXT  sing N N 62  
ASP CB  CG   sing N N 63  
ASP CB  HB2  sing N N 64  
ASP CB  HB3  sing N N 65  
ASP CG  OD1  doub N N 66  
ASP CG  OD2  sing N N 67  
ASP OD2 HD2  sing N N 68  
ASP OXT HXT  sing N N 69  
CYS N   CA   sing N N 70  
CYS N   H    sing N N 71  
CYS N   H2   sing N N 72  
CYS CA  C    sing N N 73  
CYS CA  CB   sing N N 74  
CYS CA  HA   sing N N 75  
CYS C   O    doub N N 76  
CYS C   OXT  sing N N 77  
CYS CB  SG   sing N N 78  
CYS CB  HB2  sing N N 79  
CYS CB  HB3  sing N N 80  
CYS SG  HG   sing N N 81  
CYS OXT HXT  sing N N 82  
GLN N   CA   sing N N 83  
GLN N   H    sing N N 84  
GLN N   H2   sing N N 85  
GLN CA  C    sing N N 86  
GLN CA  CB   sing N N 87  
GLN CA  HA   sing N N 88  
GLN C   O    doub N N 89  
GLN C   OXT  sing N N 90  
GLN CB  CG   sing N N 91  
GLN CB  HB2  sing N N 92  
GLN CB  HB3  sing N N 93  
GLN CG  CD   sing N N 94  
GLN CG  HG2  sing N N 95  
GLN CG  HG3  sing N N 96  
GLN CD  OE1  doub N N 97  
GLN CD  NE2  sing N N 98  
GLN NE2 HE21 sing N N 99  
GLN NE2 HE22 sing N N 100 
GLN OXT HXT  sing N N 101 
GLU N   CA   sing N N 102 
GLU N   H    sing N N 103 
GLU N   H2   sing N N 104 
GLU CA  C    sing N N 105 
GLU CA  CB   sing N N 106 
GLU CA  HA   sing N N 107 
GLU C   O    doub N N 108 
GLU C   OXT  sing N N 109 
GLU CB  CG   sing N N 110 
GLU CB  HB2  sing N N 111 
GLU CB  HB3  sing N N 112 
GLU CG  CD   sing N N 113 
GLU CG  HG2  sing N N 114 
GLU CG  HG3  sing N N 115 
GLU CD  OE1  doub N N 116 
GLU CD  OE2  sing N N 117 
GLU OE2 HE2  sing N N 118 
GLU OXT HXT  sing N N 119 
GLY N   CA   sing N N 120 
GLY N   H    sing N N 121 
GLY N   H2   sing N N 122 
GLY CA  C    sing N N 123 
GLY CA  HA2  sing N N 124 
GLY CA  HA3  sing N N 125 
GLY C   O    doub N N 126 
GLY C   OXT  sing N N 127 
GLY OXT HXT  sing N N 128 
HIS N   CA   sing N N 129 
HIS N   H    sing N N 130 
HIS N   H2   sing N N 131 
HIS CA  C    sing N N 132 
HIS CA  CB   sing N N 133 
HIS CA  HA   sing N N 134 
HIS C   O    doub N N 135 
HIS C   OXT  sing N N 136 
HIS CB  CG   sing N N 137 
HIS CB  HB2  sing N N 138 
HIS CB  HB3  sing N N 139 
HIS CG  ND1  sing Y N 140 
HIS CG  CD2  doub Y N 141 
HIS ND1 CE1  doub Y N 142 
HIS ND1 HD1  sing N N 143 
HIS CD2 NE2  sing Y N 144 
HIS CD2 HD2  sing N N 145 
HIS CE1 NE2  sing Y N 146 
HIS CE1 HE1  sing N N 147 
HIS NE2 HE2  sing N N 148 
HIS OXT HXT  sing N N 149 
HOH O   H1   sing N N 150 
HOH O   H2   sing N N 151 
ILE N   CA   sing N N 152 
ILE N   H    sing N N 153 
ILE N   H2   sing N N 154 
ILE CA  C    sing N N 155 
ILE CA  CB   sing N N 156 
ILE CA  HA   sing N N 157 
ILE C   O    doub N N 158 
ILE C   OXT  sing N N 159 
ILE CB  CG1  sing N N 160 
ILE CB  CG2  sing N N 161 
ILE CB  HB   sing N N 162 
ILE CG1 CD1  sing N N 163 
ILE CG1 HG12 sing N N 164 
ILE CG1 HG13 sing N N 165 
ILE CG2 HG21 sing N N 166 
ILE CG2 HG22 sing N N 167 
ILE CG2 HG23 sing N N 168 
ILE CD1 HD11 sing N N 169 
ILE CD1 HD12 sing N N 170 
ILE CD1 HD13 sing N N 171 
ILE OXT HXT  sing N N 172 
LEU N   CA   sing N N 173 
LEU N   H    sing N N 174 
LEU N   H2   sing N N 175 
LEU CA  C    sing N N 176 
LEU CA  CB   sing N N 177 
LEU CA  HA   sing N N 178 
LEU C   O    doub N N 179 
LEU C   OXT  sing N N 180 
LEU CB  CG   sing N N 181 
LEU CB  HB2  sing N N 182 
LEU CB  HB3  sing N N 183 
LEU CG  CD1  sing N N 184 
LEU CG  CD2  sing N N 185 
LEU CG  HG   sing N N 186 
LEU CD1 HD11 sing N N 187 
LEU CD1 HD12 sing N N 188 
LEU CD1 HD13 sing N N 189 
LEU CD2 HD21 sing N N 190 
LEU CD2 HD22 sing N N 191 
LEU CD2 HD23 sing N N 192 
LEU OXT HXT  sing N N 193 
LYS N   CA   sing N N 194 
LYS N   H    sing N N 195 
LYS N   H2   sing N N 196 
LYS CA  C    sing N N 197 
LYS CA  CB   sing N N 198 
LYS CA  HA   sing N N 199 
LYS C   O    doub N N 200 
LYS C   OXT  sing N N 201 
LYS CB  CG   sing N N 202 
LYS CB  HB2  sing N N 203 
LYS CB  HB3  sing N N 204 
LYS CG  CD   sing N N 205 
LYS CG  HG2  sing N N 206 
LYS CG  HG3  sing N N 207 
LYS CD  CE   sing N N 208 
LYS CD  HD2  sing N N 209 
LYS CD  HD3  sing N N 210 
LYS CE  NZ   sing N N 211 
LYS CE  HE2  sing N N 212 
LYS CE  HE3  sing N N 213 
LYS NZ  HZ1  sing N N 214 
LYS NZ  HZ2  sing N N 215 
LYS NZ  HZ3  sing N N 216 
LYS OXT HXT  sing N N 217 
MET N   CA   sing N N 218 
MET N   H    sing N N 219 
MET N   H2   sing N N 220 
MET CA  C    sing N N 221 
MET CA  CB   sing N N 222 
MET CA  HA   sing N N 223 
MET C   O    doub N N 224 
MET C   OXT  sing N N 225 
MET CB  CG   sing N N 226 
MET CB  HB2  sing N N 227 
MET CB  HB3  sing N N 228 
MET CG  SD   sing N N 229 
MET CG  HG2  sing N N 230 
MET CG  HG3  sing N N 231 
MET SD  CE   sing N N 232 
MET CE  HE1  sing N N 233 
MET CE  HE2  sing N N 234 
MET CE  HE3  sing N N 235 
MET OXT HXT  sing N N 236 
PHE N   CA   sing N N 237 
PHE N   H    sing N N 238 
PHE N   H2   sing N N 239 
PHE CA  C    sing N N 240 
PHE CA  CB   sing N N 241 
PHE CA  HA   sing N N 242 
PHE C   O    doub N N 243 
PHE C   OXT  sing N N 244 
PHE CB  CG   sing N N 245 
PHE CB  HB2  sing N N 246 
PHE CB  HB3  sing N N 247 
PHE CG  CD1  doub Y N 248 
PHE CG  CD2  sing Y N 249 
PHE CD1 CE1  sing Y N 250 
PHE CD1 HD1  sing N N 251 
PHE CD2 CE2  doub Y N 252 
PHE CD2 HD2  sing N N 253 
PHE CE1 CZ   doub Y N 254 
PHE CE1 HE1  sing N N 255 
PHE CE2 CZ   sing Y N 256 
PHE CE2 HE2  sing N N 257 
PHE CZ  HZ   sing N N 258 
PHE OXT HXT  sing N N 259 
PRO N   CA   sing N N 260 
PRO N   CD   sing N N 261 
PRO N   H    sing N N 262 
PRO CA  C    sing N N 263 
PRO CA  CB   sing N N 264 
PRO CA  HA   sing N N 265 
PRO C   O    doub N N 266 
PRO C   OXT  sing N N 267 
PRO CB  CG   sing N N 268 
PRO CB  HB2  sing N N 269 
PRO CB  HB3  sing N N 270 
PRO CG  CD   sing N N 271 
PRO CG  HG2  sing N N 272 
PRO CG  HG3  sing N N 273 
PRO CD  HD2  sing N N 274 
PRO CD  HD3  sing N N 275 
PRO OXT HXT  sing N N 276 
SER N   CA   sing N N 277 
SER N   H    sing N N 278 
SER N   H2   sing N N 279 
SER CA  C    sing N N 280 
SER CA  CB   sing N N 281 
SER CA  HA   sing N N 282 
SER C   O    doub N N 283 
SER C   OXT  sing N N 284 
SER CB  OG   sing N N 285 
SER CB  HB2  sing N N 286 
SER CB  HB3  sing N N 287 
SER OG  HG   sing N N 288 
SER OXT HXT  sing N N 289 
THR N   CA   sing N N 290 
THR N   H    sing N N 291 
THR N   H2   sing N N 292 
THR CA  C    sing N N 293 
THR CA  CB   sing N N 294 
THR CA  HA   sing N N 295 
THR C   O    doub N N 296 
THR C   OXT  sing N N 297 
THR CB  OG1  sing N N 298 
THR CB  CG2  sing N N 299 
THR CB  HB   sing N N 300 
THR OG1 HG1  sing N N 301 
THR CG2 HG21 sing N N 302 
THR CG2 HG22 sing N N 303 
THR CG2 HG23 sing N N 304 
THR OXT HXT  sing N N 305 
TRP N   CA   sing N N 306 
TRP N   H    sing N N 307 
TRP N   H2   sing N N 308 
TRP CA  C    sing N N 309 
TRP CA  CB   sing N N 310 
TRP CA  HA   sing N N 311 
TRP C   O    doub N N 312 
TRP C   OXT  sing N N 313 
TRP CB  CG   sing N N 314 
TRP CB  HB2  sing N N 315 
TRP CB  HB3  sing N N 316 
TRP CG  CD1  doub Y N 317 
TRP CG  CD2  sing Y N 318 
TRP CD1 NE1  sing Y N 319 
TRP CD1 HD1  sing N N 320 
TRP CD2 CE2  doub Y N 321 
TRP CD2 CE3  sing Y N 322 
TRP NE1 CE2  sing Y N 323 
TRP NE1 HE1  sing N N 324 
TRP CE2 CZ2  sing Y N 325 
TRP CE3 CZ3  doub Y N 326 
TRP CE3 HE3  sing N N 327 
TRP CZ2 CH2  doub Y N 328 
TRP CZ2 HZ2  sing N N 329 
TRP CZ3 CH2  sing Y N 330 
TRP CZ3 HZ3  sing N N 331 
TRP CH2 HH2  sing N N 332 
TRP OXT HXT  sing N N 333 
TYR N   CA   sing N N 334 
TYR N   H    sing N N 335 
TYR N   H2   sing N N 336 
TYR CA  C    sing N N 337 
TYR CA  CB   sing N N 338 
TYR CA  HA   sing N N 339 
TYR C   O    doub N N 340 
TYR C   OXT  sing N N 341 
TYR CB  CG   sing N N 342 
TYR CB  HB2  sing N N 343 
TYR CB  HB3  sing N N 344 
TYR CG  CD1  doub Y N 345 
TYR CG  CD2  sing Y N 346 
TYR CD1 CE1  sing Y N 347 
TYR CD1 HD1  sing N N 348 
TYR CD2 CE2  doub Y N 349 
TYR CD2 HD2  sing N N 350 
TYR CE1 CZ   doub Y N 351 
TYR CE1 HE1  sing N N 352 
TYR CE2 CZ   sing Y N 353 
TYR CE2 HE2  sing N N 354 
TYR CZ  OH   sing N N 355 
TYR OH  HH   sing N N 356 
TYR OXT HXT  sing N N 357 
VAL N   CA   sing N N 358 
VAL N   H    sing N N 359 
VAL N   H2   sing N N 360 
VAL CA  C    sing N N 361 
VAL CA  CB   sing N N 362 
VAL CA  HA   sing N N 363 
VAL C   O    doub N N 364 
VAL C   OXT  sing N N 365 
VAL CB  CG1  sing N N 366 
VAL CB  CG2  sing N N 367 
VAL CB  HB   sing N N 368 
VAL CG1 HG11 sing N N 369 
VAL CG1 HG12 sing N N 370 
VAL CG1 HG13 sing N N 371 
VAL CG2 HG21 sing N N 372 
VAL CG2 HG22 sing N N 373 
VAL CG2 HG23 sing N N 374 
VAL OXT HXT  sing N N 375 
# 
_pdbx_initial_refinement_model.id               1 
_pdbx_initial_refinement_model.entity_id_list   ? 
_pdbx_initial_refinement_model.type             'experimental model' 
_pdbx_initial_refinement_model.source_name      PDB 
_pdbx_initial_refinement_model.accession_code   4FHQ 
_pdbx_initial_refinement_model.details          ? 
# 
_atom_sites.entry_id                    3WVT 
_atom_sites.fract_transf_matrix[1][1]   0.00918087 
_atom_sites.fract_transf_matrix[1][2]   -0.00746347 
_atom_sites.fract_transf_matrix[1][3]   0.00345165 
_atom_sites.fract_transf_matrix[2][1]   -0.00475722 
_atom_sites.fract_transf_matrix[2][2]   -0.00060097 
_atom_sites.fract_transf_matrix[2][3]   0.01135400 
_atom_sites.fract_transf_matrix[3][1]   -0.01287287 
_atom_sites.fract_transf_matrix[3][2]   -0.01878936 
_atom_sites.fract_transf_matrix[3][3]   -0.00638814 
_atom_sites.fract_transf_vector[1]      0.205203 
_atom_sites.fract_transf_vector[2]      0.087000 
_atom_sites.fract_transf_vector[3]      0.199497 
# 
loop_
_atom_type.symbol 
C 
N 
O 
S 
# 
loop_
_atom_site.group_PDB 
_atom_site.id 
_atom_site.type_symbol 
_atom_site.label_atom_id 
_atom_site.label_alt_id 
_atom_site.label_comp_id 
_atom_site.label_asym_id 
_atom_site.label_entity_id 
_atom_site.label_seq_id 
_atom_site.pdbx_PDB_ins_code 
_atom_site.Cartn_x 
_atom_site.Cartn_y 
_atom_site.Cartn_z 
_atom_site.occupancy 
_atom_site.B_iso_or_equiv 
_atom_site.pdbx_formal_charge 
_atom_site.auth_seq_id 
_atom_site.auth_comp_id 
_atom_site.auth_asym_id 
_atom_site.auth_atom_id 
_atom_site.pdbx_PDB_model_num 
ATOM   1   N N   . PRO A 1 5   ? 0.911   -1.762  -23.899 1.00 58.43 ? 40  PRO A N   1 
ATOM   2   C CA  . PRO A 1 5   ? 1.747   -0.920  -23.035 1.00 54.45 ? 40  PRO A CA  1 
ATOM   3   C C   . PRO A 1 5   ? 3.223   -0.939  -23.431 1.00 46.93 ? 40  PRO A C   1 
ATOM   4   O O   . PRO A 1 5   ? 3.683   -1.859  -24.112 1.00 57.18 ? 40  PRO A O   1 
ATOM   5   C CB  . PRO A 1 5   ? 1.573   -1.564  -21.656 1.00 53.95 ? 40  PRO A CB  1 
ATOM   6   C CG  . PRO A 1 5   ? 0.211   -2.171  -21.700 1.00 55.20 ? 40  PRO A CG  1 
ATOM   7   C CD  . PRO A 1 5   ? 0.015   -2.639  -23.122 1.00 51.01 ? 40  PRO A CD  1 
ATOM   8   N N   . GLN A 1 6   ? 3.955   0.082   -22.996 1.00 47.65 ? 41  GLN A N   1 
ATOM   9   C CA  . GLN A 1 6   ? 5.389   0.182   -23.238 1.00 41.21 ? 41  GLN A CA  1 
ATOM   10  C C   . GLN A 1 6   ? 6.127   -0.972  -22.556 1.00 31.40 ? 41  GLN A C   1 
ATOM   11  O O   . GLN A 1 6   ? 7.076   -1.537  -23.110 1.00 36.52 ? 41  GLN A O   1 
ATOM   12  C CB  . GLN A 1 6   ? 5.894   1.528   -22.709 1.00 31.11 ? 41  GLN A CB  1 
ATOM   13  C CG  . GLN A 1 6   ? 7.368   1.829   -22.950 1.00 28.58 ? 41  GLN A CG  1 
ATOM   14  C CD  . GLN A 1 6   ? 7.771   3.188   -22.387 1.00 31.02 ? 41  GLN A CD  1 
ATOM   15  O OE1 . GLN A 1 6   ? 7.077   4.183   -22.590 1.00 44.76 ? 41  GLN A OE1 1 
ATOM   16  N NE2 . GLN A 1 6   ? 8.889   3.233   -21.672 1.00 23.21 ? 41  GLN A NE2 1 
ATOM   17  N N   . CYS A 1 7   ? 5.680   -1.323  -21.352 1.00 34.59 ? 42  CYS A N   1 
ATOM   18  C CA  . CYS A 1 7   ? 6.343   -2.359  -20.559 1.00 30.38 ? 42  CYS A CA  1 
ATOM   19  C C   . CYS A 1 7   ? 5.364   -3.449  -20.144 1.00 24.72 ? 42  CYS A C   1 
ATOM   20  O O   . CYS A 1 7   ? 4.166   -3.195  -20.002 1.00 33.09 ? 42  CYS A O   1 
ATOM   21  C CB  . CYS A 1 7   ? 6.966   -1.749  -19.298 1.00 24.70 ? 42  CYS A CB  1 
ATOM   22  S SG  . CYS A 1 7   ? 7.976   -0.268  -19.599 1.00 27.20 ? 42  CYS A SG  1 
ATOM   23  N N   . LYS A 1 8   ? 5.880   -4.658  -19.949 1.00 25.75 ? 43  LYS A N   1 
ATOM   24  C CA  . LYS A 1 8   ? 5.080   -5.748  -19.401 1.00 31.80 ? 43  LYS A CA  1 
ATOM   25  C C   . LYS A 1 8   ? 4.852   -5.530  -17.912 1.00 36.72 ? 43  LYS A C   1 
ATOM   26  O O   . LYS A 1 8   ? 5.434   -4.619  -17.315 1.00 26.92 ? 43  LYS A O   1 
ATOM   27  C CB  . LYS A 1 8   ? 5.746   -7.099  -19.654 1.00 30.59 ? 43  LYS A CB  1 
ATOM   28  C CG  . LYS A 1 8   ? 5.600   -7.577  -21.098 1.00 35.89 ? 43  LYS A CG  1 
ATOM   29  C CD  . LYS A 1 8   ? 6.196   -8.961  -21.311 1.00 50.01 ? 43  LYS A CD  1 
ATOM   30  C CE  . LYS A 1 8   ? 5.934   -9.456  -22.735 1.00 48.40 ? 43  LYS A CE  1 
ATOM   31  N NZ  . LYS A 1 8   ? 6.647   -10.732 -23.023 1.00 56.65 ? 43  LYS A NZ  1 
ATOM   32  N N   . GLU A 1 9   ? 4.014   -6.373  -17.313 1.00 34.80 ? 44  GLU A N   1 
ATOM   33  C CA  . GLU A 1 9   ? 3.555   -6.155  -15.943 1.00 38.38 ? 44  GLU A CA  1 
ATOM   34  C C   . GLU A 1 9   ? 4.667   -6.087  -14.889 1.00 25.83 ? 44  GLU A C   1 
ATOM   35  O O   . GLU A 1 9   ? 4.565   -5.320  -13.938 1.00 29.90 ? 44  GLU A O   1 
ATOM   36  C CB  . GLU A 1 9   ? 2.497   -7.199  -15.550 1.00 37.66 ? 44  GLU A CB  1 
ATOM   37  C CG  . GLU A 1 9   ? 1.868   -6.985  -14.162 1.00 46.68 ? 44  GLU A CG  1 
ATOM   38  C CD  . GLU A 1 9   ? 1.044   -5.702  -14.050 1.00 52.24 ? 44  GLU A CD  1 
ATOM   39  O OE1 . GLU A 1 9   ? 0.921   -4.960  -15.050 1.00 57.59 ? 44  GLU A OE1 1 
ATOM   40  O OE2 . GLU A 1 9   ? 0.508   -5.439  -12.950 1.00 64.90 ? 44  GLU A OE2 1 
ATOM   41  N N   . GLU A 1 10  ? 5.723   -6.871  -15.064 1.00 22.25 ? 45  GLU A N   1 
ATOM   42  C CA  . GLU A 1 10  ? 6.797   -6.925  -14.068 1.00 23.92 ? 45  GLU A CA  1 
ATOM   43  C C   . GLU A 1 10  ? 7.731   -5.708  -14.135 1.00 19.91 ? 45  GLU A C   1 
ATOM   44  O O   . GLU A 1 10  ? 8.630   -5.560  -13.298 1.00 18.71 ? 45  GLU A O   1 
ATOM   45  C CB  . GLU A 1 10  ? 7.611   -8.215  -14.209 1.00 31.56 ? 45  GLU A CB  1 
ATOM   46  C CG  . GLU A 1 10  ? 6.799   -9.512  -14.050 1.00 46.02 ? 45  GLU A CG  1 
ATOM   47  C CD  . GLU A 1 10  ? 5.869   -9.790  -15.232 1.00 54.93 ? 45  GLU A CD  1 
ATOM   48  O OE1 . GLU A 1 10  ? 6.070   -9.189  -16.316 1.00 52.78 ? 45  GLU A OE1 1 
ATOM   49  O OE2 . GLU A 1 10  ? 4.928   -10.602 -15.068 1.00 61.78 ? 45  GLU A OE2 1 
ATOM   50  N N   . GLU A 1 11  ? 7.507   -4.842  -15.120 1.00 18.39 ? 46  GLU A N   1 
ATOM   51  C CA  . GLU A 1 11  ? 8.343   -3.656  -15.311 1.00 16.28 ? 46  GLU A CA  1 
ATOM   52  C C   . GLU A 1 11  ? 7.508   -2.395  -15.345 1.00 14.48 ? 46  GLU A C   1 
ATOM   53  O O   . GLU A 1 11  ? 6.279   -2.453  -15.483 1.00 17.87 ? 46  GLU A O   1 
ATOM   54  C CB  . GLU A 1 11  ? 9.176   -3.785  -16.592 1.00 14.16 ? 46  GLU A CB  1 
ATOM   55  C CG  . GLU A 1 11  ? 10.144  -4.942  -16.541 1.00 14.59 ? 46  GLU A CG  1 
ATOM   56  C CD  . GLU A 1 11  ? 11.206  -4.863  -17.597 1.00 23.22 ? 46  GLU A CD  1 
ATOM   57  O OE1 . GLU A 1 11  ? 10.848  -4.834  -18.789 1.00 28.16 ? 46  GLU A OE1 1 
ATOM   58  O OE2 . GLU A 1 11  ? 12.394  -4.811  -17.226 1.00 22.54 ? 46  GLU A OE2 1 
ATOM   59  N N   . TYR A 1 12  ? 8.163   -1.241  -15.217 1.00 14.80 ? 47  TYR A N   1 
ATOM   60  C CA  . TYR A 1 12  ? 7.450   0.033   -15.247 1.00 15.02 ? 47  TYR A CA  1 
ATOM   61  C C   . TYR A 1 12  ? 8.234   1.025   -16.110 1.00 14.76 ? 47  TYR A C   1 
ATOM   62  O O   . TYR A 1 12  ? 9.456   0.919   -16.221 1.00 12.94 ? 47  TYR A O   1 
ATOM   63  C CB  . TYR A 1 12  ? 7.213   0.567   -13.815 1.00 17.51 ? 47  TYR A CB  1 
ATOM   64  C CG  . TYR A 1 12  ? 8.434   1.170   -13.159 1.00 15.69 ? 47  TYR A CG  1 
ATOM   65  C CD1 . TYR A 1 12  ? 9.433   0.365   -12.622 1.00 12.61 ? 47  TYR A CD1 1 
ATOM   66  C CD2 . TYR A 1 12  ? 8.583   2.551   -13.072 1.00 15.10 ? 47  TYR A CD2 1 
ATOM   67  C CE1 . TYR A 1 12  ? 10.566  0.909   -12.039 1.00 12.90 ? 47  TYR A CE1 1 
ATOM   68  C CE2 . TYR A 1 12  ? 9.708   3.110   -12.486 1.00 14.36 ? 47  TYR A CE2 1 
ATOM   69  C CZ  . TYR A 1 12  ? 10.688  2.293   -11.967 1.00 15.79 ? 47  TYR A CZ  1 
ATOM   70  O OH  . TYR A 1 12  ? 11.808  2.855   -11.393 1.00 15.61 ? 47  TYR A OH  1 
ATOM   71  N N   . PRO A 1 13  ? 7.538   1.971   -16.752 1.00 15.56 ? 48  PRO A N   1 
ATOM   72  C CA  . PRO A 1 13  ? 8.240   2.880   -17.672 1.00 13.91 ? 48  PRO A CA  1 
ATOM   73  C C   . PRO A 1 13  ? 8.994   3.990   -16.958 1.00 14.55 ? 48  PRO A C   1 
ATOM   74  O O   . PRO A 1 13  ? 8.495   4.574   -15.988 1.00 18.28 ? 48  PRO A O   1 
ATOM   75  C CB  . PRO A 1 13  ? 7.107   3.483   -18.507 1.00 16.16 ? 48  PRO A CB  1 
ATOM   76  C CG  . PRO A 1 13  ? 5.903   3.401   -17.627 1.00 22.13 ? 48  PRO A CG  1 
ATOM   77  C CD  . PRO A 1 13  ? 6.074   2.155   -16.794 1.00 16.77 ? 48  PRO A CD  1 
ATOM   78  N N   . VAL A 1 14  ? 10.208  4.258   -17.432 1.00 13.28 ? 49  VAL A N   1 
ATOM   79  C CA  . VAL A 1 14  ? 11.013  5.373   -16.960 1.00 12.94 ? 49  VAL A CA  1 
ATOM   80  C C   . VAL A 1 14  ? 11.486  6.073   -18.218 1.00 13.25 ? 49  VAL A C   1 
ATOM   81  O O   . VAL A 1 14  ? 12.432  5.625   -18.861 1.00 15.10 ? 49  VAL A O   1 
ATOM   82  C CB  . VAL A 1 14  ? 12.244  4.893   -16.179 1.00 15.03 ? 49  VAL A CB  1 
ATOM   83  C CG1 . VAL A 1 14  ? 13.106  6.082   -15.743 1.00 18.12 ? 49  VAL A CG1 1 
ATOM   84  C CG2 . VAL A 1 14  ? 11.826  4.093   -14.961 1.00 16.68 ? 49  VAL A CG2 1 
ATOM   85  N N   . GLY A 1 15  ? 10.826  7.158   -18.596 1.00 13.75 ? 50  GLY A N   1 
ATOM   86  C CA  . GLY A 1 15  ? 11.132  7.750   -19.884 1.00 14.54 ? 50  GLY A CA  1 
ATOM   87  C C   . GLY A 1 15  ? 10.861  6.739   -20.978 1.00 14.53 ? 50  GLY A C   1 
ATOM   88  O O   . GLY A 1 15  ? 9.797   6.119   -21.000 1.00 19.39 ? 50  GLY A O   1 
ATOM   89  N N   . THR A 1 16  ? 11.830  6.553   -21.870 1.00 14.74 ? 51  THR A N   1 
ATOM   90  C CA  . THR A 1 16  ? 11.635  5.651   -23.000 1.00 15.73 ? 51  THR A CA  1 
ATOM   91  C C   . THR A 1 16  ? 12.135  4.236   -22.728 1.00 18.66 ? 51  THR A C   1 
ATOM   92  O O   . THR A 1 16  ? 12.160  3.398   -23.641 1.00 21.49 ? 51  THR A O   1 
ATOM   93  C CB  . THR A 1 16  ? 12.342  6.180   -24.257 1.00 17.38 ? 51  THR A CB  1 
ATOM   94  O OG1 . THR A 1 16  ? 13.750  6.217   -24.030 1.00 19.23 ? 51  THR A OG1 1 
ATOM   95  C CG2 . THR A 1 16  ? 11.862  7.586   -24.581 1.00 20.61 ? 51  THR A CG2 1 
ATOM   96  N N   . GLU A 1 17  ? 12.531  3.966   -21.482 1.00 14.46 ? 52  GLU A N   1 
ATOM   97  C CA  . GLU A 1 17  ? 12.996  2.627   -21.118 1.00 13.46 ? 52  GLU A CA  1 
ATOM   98  C C   . GLU A 1 17  ? 11.995  1.959   -20.176 1.00 13.59 ? 52  GLU A C   1 
ATOM   99  O O   . GLU A 1 17  ? 11.069  2.607   -19.669 1.00 14.41 ? 52  GLU A O   1 
ATOM   100 C CB  . GLU A 1 17  ? 14.375  2.675   -20.447 1.00 14.19 ? 52  GLU A CB  1 
ATOM   101 C CG  . GLU A 1 17  ? 14.318  3.132   -18.994 1.00 17.35 ? 52  GLU A CG  1 
ATOM   102 C CD  . GLU A 1 17  ? 15.655  3.157   -18.274 1.00 21.57 ? 52  GLU A CD  1 
ATOM   103 O OE1 . GLU A 1 17  ? 16.660  2.610   -18.778 1.00 23.65 ? 52  GLU A OE1 1 
ATOM   104 O OE2 . GLU A 1 17  ? 15.687  3.730   -17.161 1.00 18.80 ? 52  GLU A OE2 1 
ATOM   105 N N   . CYS A 1 18  ? 12.188  0.658   -19.965 1.00 13.29 ? 53  CYS A N   1 
ATOM   106 C CA  . CYS A 1 18  ? 11.438  -0.094  -18.958 1.00 13.64 ? 53  CYS A CA  1 
ATOM   107 C C   . CYS A 1 18  ? 12.399  -0.540  -17.874 1.00 12.81 ? 53  CYS A C   1 
ATOM   108 O O   . CYS A 1 18  ? 13.540  -0.889  -18.159 1.00 13.08 ? 53  CYS A O   1 
ATOM   109 C CB  . CYS A 1 18  ? 10.786  -1.328  -19.579 1.00 16.01 ? 53  CYS A CB  1 
ATOM   110 S SG  . CYS A 1 18  ? 9.517   -0.919  -20.783 1.00 24.77 ? 53  CYS A SG  1 
ATOM   111 N N   . CYS A 1 19  ? 11.938  -0.510  -16.625 1.00 13.15 ? 54  CYS A N   1 
ATOM   112 C CA  . CYS A 1 19  ? 12.754  -0.930  -15.484 1.00 14.24 ? 54  CYS A CA  1 
ATOM   113 C C   . CYS A 1 19  ? 12.033  -1.963  -14.640 1.00 13.80 ? 54  CYS A C   1 
ATOM   114 O O   . CYS A 1 19  ? 10.813  -1.927  -14.537 1.00 14.00 ? 54  CYS A O   1 
ATOM   115 C CB  . CYS A 1 19  ? 13.104  0.266   -14.599 1.00 13.26 ? 54  CYS A CB  1 
ATOM   116 S SG  . CYS A 1 19  ? 14.206  1.451   -15.392 1.00 15.32 ? 54  CYS A SG  1 
ATOM   117 N N   . PRO A 1 20  ? 12.788  -2.873  -14.011 1.00 14.30 ? 55  PRO A N   1 
ATOM   118 C CA  . PRO A 1 20  ? 12.130  -3.852  -13.134 1.00 12.41 ? 55  PRO A CA  1 
ATOM   119 C C   . PRO A 1 20  ? 11.457  -3.178  -11.956 1.00 16.01 ? 55  PRO A C   1 
ATOM   120 O O   . PRO A 1 20  ? 12.025  -2.267  -11.351 1.00 13.68 ? 55  PRO A O   1 
ATOM   121 C CB  . PRO A 1 20  ? 13.283  -4.723  -12.629 1.00 16.20 ? 55  PRO A CB  1 
ATOM   122 C CG  . PRO A 1 20  ? 14.442  -4.424  -13.468 1.00 19.58 ? 55  PRO A CG  1 
ATOM   123 C CD  . PRO A 1 20  ? 14.244  -3.086  -14.109 1.00 12.72 ? 55  PRO A CD  1 
ATOM   124 N N   . LYS A 1 21  ? 10.249  -3.617  -11.640 1.00 13.83 ? 56  LYS A N   1 
ATOM   125 C CA  . LYS A 1 21  ? 9.550   -3.115  -10.463 1.00 12.60 ? 56  LYS A CA  1 
ATOM   126 C C   . LYS A 1 21  ? 10.178  -3.644  -9.186  1.00 14.06 ? 56  LYS A C   1 
ATOM   127 O O   . LYS A 1 21  ? 10.852  -4.682  -9.179  1.00 17.82 ? 56  LYS A O   1 
ATOM   128 C CB  . LYS A 1 21  ? 8.082   -3.529  -10.514 1.00 15.04 ? 56  LYS A CB  1 
ATOM   129 C CG  . LYS A 1 21  ? 7.245   -2.726  -11.493 1.00 13.28 ? 56  LYS A CG  1 
ATOM   130 C CD  . LYS A 1 21  ? 5.842   -3.316  -11.591 1.00 17.67 ? 56  LYS A CD  1 
ATOM   131 C CE  . LYS A 1 21  ? 4.916   -2.421  -12.395 1.00 20.94 ? 56  LYS A CE  1 
ATOM   132 N NZ  . LYS A 1 21  ? 3.613   -3.107  -12.679 1.00 27.13 ? 56  LYS A NZ  1 
ATOM   133 N N   . CYS A 1 22  ? 9.935   -2.921  -8.095  1.00 12.42 ? 57  CYS A N   1 
ATOM   134 C CA  . CYS A 1 22  ? 10.350  -3.375  -6.770  1.00 15.15 ? 57  CYS A CA  1 
ATOM   135 C C   . CYS A 1 22  ? 9.262   -4.278  -6.198  1.00 13.65 ? 57  CYS A C   1 
ATOM   136 O O   . CYS A 1 22  ? 8.099   -4.189  -6.589  1.00 14.84 ? 57  CYS A O   1 
ATOM   137 C CB  . CYS A 1 22  ? 10.581  -2.174  -5.842  1.00 14.00 ? 57  CYS A CB  1 
ATOM   138 S SG  . CYS A 1 22  ? 11.969  -1.112  -6.371  1.00 15.85 ? 57  CYS A SG  1 
ATOM   139 N N   . SER A 1 23  ? 9.654   -5.143  -5.277  1.00 15.57 ? 58  SER A N   1 
ATOM   140 C CA  . SER A 1 23  ? 8.734   -6.100  -4.663  1.00 15.83 ? 58  SER A CA  1 
ATOM   141 C C   . SER A 1 23  ? 7.812   -5.421  -3.660  1.00 18.24 ? 58  SER A C   1 
ATOM   142 O O   . SER A 1 23  ? 8.108   -4.320  -3.201  1.00 16.44 ? 58  SER A O   1 
ATOM   143 C CB  . SER A 1 23  ? 9.540   -7.168  -3.942  1.00 19.74 ? 58  SER A CB  1 
ATOM   144 O OG  . SER A 1 23  ? 10.404  -7.845  -4.837  1.00 24.28 ? 58  SER A OG  1 
ATOM   145 N N   . PRO A 1 24  ? 6.687   -6.076  -3.320  1.00 15.89 ? 59  PRO A N   1 
ATOM   146 C CA  . PRO A 1 24  ? 5.871   -5.549  -2.216  1.00 13.90 ? 59  PRO A CA  1 
ATOM   147 C C   . PRO A 1 24  ? 6.713   -5.345  -0.956  1.00 14.60 ? 59  PRO A C   1 
ATOM   148 O O   . PRO A 1 24  ? 7.576   -6.169  -0.638  1.00 16.73 ? 59  PRO A O   1 
ATOM   149 C CB  . PRO A 1 24  ? 4.838   -6.657  -1.987  1.00 18.49 ? 59  PRO A CB  1 
ATOM   150 C CG  . PRO A 1 24  ? 4.739   -7.364  -3.301  1.00 21.62 ? 59  PRO A CG  1 
ATOM   151 C CD  . PRO A 1 24  ? 6.130   -7.326  -3.875  1.00 18.61 ? 59  PRO A CD  1 
ATOM   152 N N   . GLY A 1 25  ? 6.462   -4.244  -0.244  1.00 13.38 ? 60  GLY A N   1 
ATOM   153 C CA  . GLY A 1 25  ? 7.251   -3.877  0.918   1.00 14.77 ? 60  GLY A CA  1 
ATOM   154 C C   . GLY A 1 25  ? 8.446   -2.996  0.600   1.00 12.68 ? 60  GLY A C   1 
ATOM   155 O O   . GLY A 1 25  ? 9.196   -2.594  1.505   1.00 14.58 ? 60  GLY A O   1 
ATOM   156 N N   . TYR A 1 26  ? 8.621   -2.705  -0.690  1.00 14.79 ? 61  TYR A N   1 
ATOM   157 C CA  . TYR A 1 26  ? 9.761   -1.923  -1.160  1.00 12.99 ? 61  TYR A CA  1 
ATOM   158 C C   . TYR A 1 26  ? 9.294   -0.808  -2.096  1.00 11.56 ? 61  TYR A C   1 
ATOM   159 O O   . TYR A 1 26  ? 8.150   -0.798  -2.539  1.00 12.66 ? 61  TYR A O   1 
ATOM   160 C CB  . TYR A 1 26  ? 10.769  -2.841  -1.878  1.00 11.66 ? 61  TYR A CB  1 
ATOM   161 C CG  . TYR A 1 26  ? 11.501  -3.778  -0.943  1.00 13.64 ? 61  TYR A CG  1 
ATOM   162 C CD1 . TYR A 1 26  ? 10.892  -4.940  -0.477  1.00 16.59 ? 61  TYR A CD1 1 
ATOM   163 C CD2 . TYR A 1 26  ? 12.786  -3.487  -0.513  1.00 17.08 ? 61  TYR A CD2 1 
ATOM   164 C CE1 . TYR A 1 26  ? 11.556  -5.787  0.390   1.00 19.89 ? 61  TYR A CE1 1 
ATOM   165 C CE2 . TYR A 1 26  ? 13.457  -4.330  0.354   1.00 20.23 ? 61  TYR A CE2 1 
ATOM   166 C CZ  . TYR A 1 26  ? 12.833  -5.473  0.801   1.00 22.55 ? 61  TYR A CZ  1 
ATOM   167 O OH  . TYR A 1 26  ? 13.498  -6.317  1.663   1.00 29.23 ? 61  TYR A OH  1 
ATOM   168 N N   . ARG A 1 27  ? 10.184  0.140   -2.370  1.00 11.55 ? 62  ARG A N   1 
ATOM   169 C CA  . ARG A 1 27  ? 9.918   1.192   -3.348  1.00 12.16 ? 62  ARG A CA  1 
ATOM   170 C C   . ARG A 1 27  ? 11.223  1.527   -4.054  1.00 12.75 ? 62  ARG A C   1 
ATOM   171 O O   . ARG A 1 27  ? 12.302  1.100   -3.624  1.00 12.30 ? 62  ARG A O   1 
ATOM   172 C CB  . ARG A 1 27  ? 9.308   2.438   -2.686  1.00 12.37 ? 62  ARG A CB  1 
ATOM   173 C CG  . ARG A 1 27  ? 10.164  3.060   -1.564  1.00 13.89 ? 62  ARG A CG  1 
ATOM   174 C CD  . ARG A 1 27  ? 11.175  4.069   -2.115  1.00 14.46 ? 62  ARG A CD  1 
ATOM   175 N NE  . ARG A 1 27  ? 11.803  4.861   -1.057  1.00 13.47 ? 62  ARG A NE  1 
ATOM   176 C CZ  . ARG A 1 27  ? 12.697  5.821   -1.272  1.00 16.15 ? 62  ARG A CZ  1 
ATOM   177 N NH1 . ARG A 1 27  ? 13.092  6.113   -2.507  1.00 15.95 ? 62  ARG A NH1 1 
ATOM   178 N NH2 . ARG A 1 27  ? 13.212  6.484   -0.243  1.00 18.29 ? 62  ARG A NH2 1 
ATOM   179 N N   . VAL A 1 28  ? 11.120  2.290   -5.136  1.00 11.57 ? 63  VAL A N   1 
ATOM   180 C CA  . VAL A 1 28  ? 12.275  2.627   -5.953  1.00 11.83 ? 63  VAL A CA  1 
ATOM   181 C C   . VAL A 1 28  ? 13.125  3.729   -5.332  1.00 11.82 ? 63  VAL A C   1 
ATOM   182 O O   . VAL A 1 28  ? 12.625  4.841   -5.071  1.00 13.43 ? 63  VAL A O   1 
ATOM   183 C CB  . VAL A 1 28  ? 11.841  3.103   -7.337  1.00 11.59 ? 63  VAL A CB  1 
ATOM   184 C CG1 . VAL A 1 28  ? 13.091  3.383   -8.182  1.00 12.17 ? 63  VAL A CG1 1 
ATOM   185 C CG2 . VAL A 1 28  ? 10.963  2.056   -8.018  1.00 12.44 ? 63  VAL A CG2 1 
ATOM   186 N N   . LYS A 1 29  ? 14.405  3.422   -5.132  1.00 13.69 ? 64  LYS A N   1 
ATOM   187 C CA  . LYS A 1 29  ? 15.377  4.422   -4.710  1.00 14.05 ? 64  LYS A CA  1 
ATOM   188 C C   . LYS A 1 29  ? 16.076  5.044   -5.920  1.00 15.86 ? 64  LYS A C   1 
ATOM   189 O O   . LYS A 1 29  ? 16.308  6.256   -5.959  1.00 20.40 ? 64  LYS A O   1 
ATOM   190 C CB  . LYS A 1 29  ? 16.416  3.824   -3.764  1.00 16.26 ? 64  LYS A CB  1 
ATOM   191 C CG  . LYS A 1 29  ? 17.300  4.916   -3.178  1.00 24.21 ? 64  LYS A CG  1 
ATOM   192 C CD  . LYS A 1 29  ? 18.594  4.423   -2.599  1.00 38.23 ? 64  LYS A CD  1 
ATOM   193 C CE  . LYS A 1 29  ? 19.408  5.629   -2.139  1.00 39.46 ? 64  LYS A CE  1 
ATOM   194 N NZ  . LYS A 1 29  ? 18.526  6.594   -1.421  1.00 40.93 ? 64  LYS A NZ  1 
ATOM   195 N N   . GLN A 1 30  ? 16.389  4.218   -6.917  1.00 14.74 ? 65  GLN A N   1 
ATOM   196 C CA  . GLN A 1 30  ? 17.099  4.690   -8.101  1.00 16.94 ? 65  GLN A CA  1 
ATOM   197 C C   . GLN A 1 30  ? 16.580  3.914   -9.296  1.00 14.06 ? 65  GLN A C   1 
ATOM   198 O O   . GLN A 1 30  ? 16.501  2.682   -9.251  1.00 14.33 ? 65  GLN A O   1 
ATOM   199 C CB  . GLN A 1 30  ? 18.605  4.460   -7.927  1.00 18.20 ? 65  GLN A CB  1 
ATOM   200 C CG  . GLN A 1 30  ? 19.495  4.946   -9.079  1.00 24.29 ? 65  GLN A CG  1 
ATOM   201 C CD  . GLN A 1 30  ? 20.979  4.720   -8.778  1.00 40.08 ? 65  GLN A CD  1 
ATOM   202 O OE1 . GLN A 1 30  ? 21.573  5.445   -7.984  1.00 46.76 ? 65  GLN A OE1 1 
ATOM   203 N NE2 . GLN A 1 30  ? 21.570  3.698   -9.394  1.00 36.11 ? 65  GLN A NE2 1 
ATOM   204 N N   . ALA A 1 31  ? 16.214  4.640   -10.349 1.00 14.46 ? 66  ALA A N   1 
ATOM   205 C CA  . ALA A 1 31  ? 15.764  4.025   -11.599 1.00 14.74 ? 66  ALA A CA  1 
ATOM   206 C C   . ALA A 1 31  ? 16.869  3.204   -12.244 1.00 14.89 ? 66  ALA A C   1 
ATOM   207 O O   . ALA A 1 31  ? 18.061  3.424   -11.999 1.00 15.61 ? 66  ALA A O   1 
ATOM   208 C CB  . ALA A 1 31  ? 15.275  5.091   -12.578 1.00 16.05 ? 66  ALA A CB  1 
ATOM   209 N N   . CYS A 1 32  ? 16.472  2.252   -13.082 1.00 13.92 ? 67  CYS A N   1 
ATOM   210 C CA  . CYS A 1 32  ? 17.448  1.436   -13.786 1.00 13.02 ? 67  CYS A CA  1 
ATOM   211 C C   . CYS A 1 32  ? 18.133  2.214   -14.918 1.00 15.03 ? 67  CYS A C   1 
ATOM   212 O O   . CYS A 1 32  ? 17.678  3.276   -15.348 1.00 17.55 ? 67  CYS A O   1 
ATOM   213 C CB  . CYS A 1 32  ? 16.800  0.155   -14.335 1.00 14.27 ? 67  CYS A CB  1 
ATOM   214 S SG  . CYS A 1 32  ? 15.862  0.365   -15.883 1.00 14.00 ? 67  CYS A SG  1 
ATOM   215 N N   . GLY A 1 33  ? 19.246  1.668   -15.377 1.00 15.88 ? 68  GLY A N   1 
ATOM   216 C CA  . GLY A 1 33  ? 19.963  2.203   -16.526 1.00 19.40 ? 68  GLY A CA  1 
ATOM   217 C C   . GLY A 1 33  ? 20.692  1.045   -17.169 1.00 17.92 ? 68  GLY A C   1 
ATOM   218 O O   . GLY A 1 33  ? 20.517  -0.099  -16.758 1.00 19.63 ? 68  GLY A O   1 
ATOM   219 N N   . GLU A 1 34  ? 21.514  1.308   -18.178 1.00 25.27 ? 69  GLU A N   1 
ATOM   220 C CA  . GLU A 1 34  ? 22.183  0.189   -18.829 1.00 22.48 ? 69  GLU A CA  1 
ATOM   221 C C   . GLU A 1 34  ? 23.035  -0.628  -17.863 1.00 22.97 ? 69  GLU A C   1 
ATOM   222 O O   . GLU A 1 34  ? 23.039  -1.863  -17.915 1.00 28.52 ? 69  GLU A O   1 
ATOM   223 C CB  . GLU A 1 34  ? 23.035  0.639   -20.013 1.00 26.43 ? 69  GLU A CB  1 
ATOM   224 C CG  . GLU A 1 34  ? 23.820  -0.529  -20.590 1.00 32.15 ? 69  GLU A CG  1 
ATOM   225 C CD  . GLU A 1 34  ? 24.553  -0.193  -21.855 1.00 39.96 ? 69  GLU A CD  1 
ATOM   226 O OE1 . GLU A 1 34  ? 24.617  1.004   -22.205 1.00 38.61 ? 69  GLU A OE1 1 
ATOM   227 O OE2 . GLU A 1 34  ? 25.059  -1.144  -22.490 1.00 39.31 ? 69  GLU A OE2 1 
ATOM   228 N N   . LEU A 1 35  ? 23.737  0.050   -16.957 1.00 18.88 ? 70  LEU A N   1 
ATOM   229 C CA  . LEU A 1 35  ? 24.682  -0.647  -16.087 1.00 18.48 ? 70  LEU A CA  1 
ATOM   230 C C   . LEU A 1 35  ? 24.123  -1.133  -14.750 1.00 16.37 ? 70  LEU A C   1 
ATOM   231 O O   . LEU A 1 35  ? 24.757  -1.951  -14.090 1.00 20.19 ? 70  LEU A O   1 
ATOM   232 C CB  . LEU A 1 35  ? 25.933  0.205   -15.855 1.00 24.71 ? 70  LEU A CB  1 
ATOM   233 C CG  . LEU A 1 35  ? 26.690  0.565   -17.137 1.00 31.53 ? 70  LEU A CG  1 
ATOM   234 C CD1 . LEU A 1 35  ? 27.897  1.444   -16.841 1.00 38.50 ? 70  LEU A CD1 1 
ATOM   235 C CD2 . LEU A 1 35  ? 27.115  -0.693  -17.862 1.00 32.91 ? 70  LEU A CD2 1 
ATOM   236 N N   . THR A 1 36  ? 22.956  -0.639  -14.343 1.00 17.26 ? 71  THR A N   1 
ATOM   237 C CA  . THR A 1 36  ? 22.399  -1.031  -13.042 1.00 15.95 ? 71  THR A CA  1 
ATOM   238 C C   . THR A 1 36  ? 20.889  -1.241  -13.097 1.00 14.44 ? 71  THR A C   1 
ATOM   239 O O   . THR A 1 36  ? 20.164  -0.428  -13.670 1.00 15.16 ? 71  THR A O   1 
ATOM   240 C CB  . THR A 1 36  ? 22.684  0.035   -11.960 1.00 21.99 ? 71  THR A CB  1 
ATOM   241 O OG1 . THR A 1 36  ? 22.116  1.287   -12.363 1.00 29.17 ? 71  THR A OG1 1 
ATOM   242 C CG2 . THR A 1 36  ? 24.179  0.214   -11.735 1.00 27.37 ? 71  THR A CG2 1 
ATOM   243 N N   . GLY A 1 37  ? 20.407  -2.323  -12.489 1.00 14.17 ? 72  GLY A N   1 
ATOM   244 C CA  . GLY A 1 37  ? 18.973  -2.518  -12.350 1.00 11.42 ? 72  GLY A CA  1 
ATOM   245 C C   . GLY A 1 37  ? 18.401  -1.570  -11.316 1.00 11.00 ? 72  GLY A C   1 
ATOM   246 O O   . GLY A 1 37  ? 19.139  -0.871  -10.614 1.00 14.40 ? 72  GLY A O   1 
ATOM   247 N N   . THR A 1 38  ? 17.078  -1.542  -11.235 1.00 11.05 ? 73  THR A N   1 
ATOM   248 C CA  . THR A 1 38  ? 16.367  -0.738  -10.248 1.00 11.29 ? 73  THR A CA  1 
ATOM   249 C C   . THR A 1 38  ? 16.953  -0.987  -8.865  1.00 11.91 ? 73  THR A C   1 
ATOM   250 O O   . THR A 1 38  ? 17.203  -2.131  -8.486  1.00 14.28 ? 73  THR A O   1 
ATOM   251 C CB  . THR A 1 38  ? 14.889  -1.121  -10.239 1.00 10.66 ? 73  THR A CB  1 
ATOM   252 O OG1 . THR A 1 38  ? 14.385  -1.061  -11.585 1.00 13.27 ? 73  THR A OG1 1 
ATOM   253 C CG2 . THR A 1 38  ? 14.089  -0.171  -9.354  1.00 10.71 ? 73  THR A CG2 1 
ATOM   254 N N   . VAL A 1 39  ? 17.202  0.090   -8.121  1.00 12.74 ? 74  VAL A N   1 
ATOM   255 C CA  . VAL A 1 39  ? 17.611  -0.046  -6.722  1.00 14.44 ? 74  VAL A CA  1 
ATOM   256 C C   . VAL A 1 39  ? 16.372  0.155   -5.872  1.00 11.63 ? 74  VAL A C   1 
ATOM   257 O O   . VAL A 1 39  ? 15.681  1.169   -6.012  1.00 14.58 ? 74  VAL A O   1 
ATOM   258 C CB  . VAL A 1 39  ? 18.670  0.995   -6.334  1.00 15.50 ? 74  VAL A CB  1 
ATOM   259 C CG1 . VAL A 1 39  ? 19.077  0.819   -4.865  1.00 16.78 ? 74  VAL A CG1 1 
ATOM   260 C CG2 . VAL A 1 39  ? 19.880  0.844   -7.222  1.00 16.42 ? 74  VAL A CG2 1 
ATOM   261 N N   . CYS A 1 40  ? 16.093  -0.827  -5.019  1.00 13.65 ? 75  CYS A N   1 
ATOM   262 C CA  . CYS A 1 40  ? 14.875  -0.837  -4.211  1.00 13.77 ? 75  CYS A CA  1 
ATOM   263 C C   . CYS A 1 40  ? 15.240  -0.765  -2.737  1.00 15.29 ? 75  CYS A C   1 
ATOM   264 O O   . CYS A 1 40  ? 16.236  -1.350  -2.309  1.00 17.54 ? 75  CYS A O   1 
ATOM   265 C CB  . CYS A 1 40  ? 14.081  -2.118  -4.477  1.00 17.56 ? 75  CYS A CB  1 
ATOM   266 S SG  . CYS A 1 40  ? 13.571  -2.356  -6.208  1.00 16.84 ? 75  CYS A SG  1 
ATOM   267 N N   . VAL A 1 41  ? 14.433  -0.046  -1.959  1.00 11.95 ? 76  VAL A N   1 
ATOM   268 C CA  . VAL A 1 41  ? 14.650  0.050   -0.513  1.00 14.85 ? 76  VAL A CA  1 
ATOM   269 C C   . VAL A 1 41  ? 13.328  -0.234  0.205   1.00 13.70 ? 76  VAL A C   1 
ATOM   270 O O   . VAL A 1 41  ? 12.265  -0.064  -0.365  1.00 13.22 ? 76  VAL A O   1 
ATOM   271 C CB  . VAL A 1 41  ? 15.174  1.456   -0.116  1.00 13.94 ? 76  VAL A CB  1 
ATOM   272 C CG1 . VAL A 1 41  ? 16.595  1.667   -0.630  1.00 18.37 ? 76  VAL A CG1 1 
ATOM   273 C CG2 . VAL A 1 41  ? 14.233  2.566   -0.609  1.00 14.05 ? 76  VAL A CG2 1 
ATOM   274 N N   . PRO A 1 42  ? 13.383  -0.670  1.471   1.00 13.33 ? 77  PRO A N   1 
ATOM   275 C CA  . PRO A 1 42  ? 12.127  -0.962  2.168   1.00 12.28 ? 77  PRO A CA  1 
ATOM   276 C C   . PRO A 1 42  ? 11.243  0.262   2.367   1.00 14.81 ? 77  PRO A C   1 
ATOM   277 O O   . PRO A 1 42  ? 11.753  1.386   2.486   1.00 16.24 ? 77  PRO A O   1 
ATOM   278 C CB  . PRO A 1 42  ? 12.601  -1.460  3.540   1.00 15.64 ? 77  PRO A CB  1 
ATOM   279 C CG  . PRO A 1 42  ? 13.995  -1.909  3.323   1.00 19.57 ? 77  PRO A CG  1 
ATOM   280 C CD  . PRO A 1 42  ? 14.557  -0.977  2.300   1.00 16.15 ? 77  PRO A CD  1 
ATOM   281 N N   . CYS A 1 43  ? 9.934   0.038   2.396   1.00 13.97 ? 78  CYS A N   1 
ATOM   282 C CA  . CYS A 1 43  ? 8.977   1.066   2.807   1.00 16.34 ? 78  CYS A CA  1 
ATOM   283 C C   . CYS A 1 43  ? 9.351   1.643   4.170   1.00 16.71 ? 78  CYS A C   1 
ATOM   284 O O   . CYS A 1 43  ? 9.868   0.937   5.032   1.00 18.35 ? 78  CYS A O   1 
ATOM   285 C CB  . CYS A 1 43  ? 7.574   0.468   2.919   1.00 14.01 ? 78  CYS A CB  1 
ATOM   286 S SG  . CYS A 1 43  ? 6.854   -0.090  1.364   1.00 16.37 ? 78  CYS A SG  1 
ATOM   287 N N   . ALA A 1 44  ? 9.097   2.933   4.342   1.00 14.51 ? 79  ALA A N   1 
ATOM   288 C CA  . ALA A 1 44  ? 9.259   3.576   5.642   1.00 14.28 ? 79  ALA A CA  1 
ATOM   289 C C   . ALA A 1 44  ? 8.261   2.975   6.619   1.00 16.29 ? 79  ALA A C   1 
ATOM   290 O O   . ALA A 1 44  ? 7.224   2.455   6.206   1.00 16.23 ? 79  ALA A O   1 
ATOM   291 C CB  . ALA A 1 44  ? 9.034   5.071   5.514   1.00 14.15 ? 79  ALA A CB  1 
ATOM   292 N N   . PRO A 1 45  ? 8.573   3.029   7.925   1.00 15.75 ? 80  PRO A N   1 
ATOM   293 C CA  . PRO A 1 45  ? 7.540   2.614   8.876   1.00 18.54 ? 80  PRO A CA  1 
ATOM   294 C C   . PRO A 1 45  ? 6.264   3.417   8.655   1.00 15.14 ? 80  PRO A C   1 
ATOM   295 O O   . PRO A 1 45  ? 6.334   4.596   8.289   1.00 15.59 ? 80  PRO A O   1 
ATOM   296 C CB  . PRO A 1 45  ? 8.155   2.976   10.231  1.00 15.29 ? 80  PRO A CB  1 
ATOM   297 C CG  . PRO A 1 45  ? 9.640   2.917   9.999   1.00 18.70 ? 80  PRO A CG  1 
ATOM   298 C CD  . PRO A 1 45  ? 9.825   3.428   8.595   1.00 16.71 ? 80  PRO A CD  1 
ATOM   299 N N   . ARG A 1 46  ? 5.112   2.779   8.870   1.00 16.26 ? 81  ARG A N   1 
ATOM   300 C CA  . ARG A 1 46  ? 3.799   3.397   8.677   1.00 15.83 ? 81  ARG A CA  1 
ATOM   301 C C   . ARG A 1 46  ? 3.469   3.656   7.208   1.00 16.00 ? 81  ARG A C   1 
ATOM   302 O O   . ARG A 1 46  ? 2.567   4.443   6.901   1.00 14.74 ? 81  ARG A O   1 
ATOM   303 C CB  . ARG A 1 46  ? 3.634   4.693   9.499   1.00 18.60 ? 81  ARG A CB  1 
ATOM   304 C CG  . ARG A 1 46  ? 4.203   4.637   10.922  1.00 28.64 ? 81  ARG A CG  1 
ATOM   305 C CD  . ARG A 1 46  ? 3.141   4.327   11.940  1.00 41.93 ? 81  ARG A CD  1 
ATOM   306 N NE  . ARG A 1 46  ? 1.989   3.717   11.293  1.00 38.65 ? 81  ARG A NE  1 
ATOM   307 C CZ  . ARG A 1 46  ? 0.950   3.202   11.933  1.00 51.47 ? 81  ARG A CZ  1 
ATOM   308 N NH1 . ARG A 1 46  ? 0.913   3.216   13.261  1.00 39.21 ? 81  ARG A NH1 1 
ATOM   309 N NH2 . ARG A 1 46  ? -0.048  2.671   11.239  1.00 44.58 ? 81  ARG A NH2 1 
ATOM   310 N N   . THR A 1 47  ? 4.190   2.980   6.308   1.00 13.53 ? 82  THR A N   1 
ATOM   311 C CA  . THR A 1 47  ? 3.843   2.999   4.885   1.00 12.87 ? 82  THR A CA  1 
ATOM   312 C C   . THR A 1 47  ? 3.870   1.566   4.342   1.00 11.70 ? 82  THR A C   1 
ATOM   313 O O   . THR A 1 47  ? 4.423   0.665   4.988   1.00 14.58 ? 82  THR A O   1 
ATOM   314 C CB  . THR A 1 47  ? 4.791   3.898   4.052   1.00 13.58 ? 82  THR A CB  1 
ATOM   315 O OG1 . THR A 1 47  ? 6.072   3.267   3.942   1.00 14.67 ? 82  THR A OG1 1 
ATOM   316 C CG2 . THR A 1 47  ? 4.963   5.265   4.692   1.00 14.29 ? 82  THR A CG2 1 
ATOM   317 N N   . PHE A 1 48  ? 3.282   1.356   3.161   1.00 14.25 ? 83  PHE A N   1 
ATOM   318 C CA  . PHE A 1 48  ? 3.187   0.003   2.606   1.00 14.38 ? 83  PHE A CA  1 
ATOM   319 C C   . PHE A 1 48  ? 3.203   0.010   1.082   1.00 15.33 ? 83  PHE A C   1 
ATOM   320 O O   . PHE A 1 48  ? 2.897   1.025   0.445   1.00 15.20 ? 83  PHE A O   1 
ATOM   321 C CB  . PHE A 1 48  ? 1.898   -0.685  3.090   1.00 16.14 ? 83  PHE A CB  1 
ATOM   322 C CG  . PHE A 1 48  ? 0.670   -0.207  2.383   1.00 14.89 ? 83  PHE A CG  1 
ATOM   323 C CD1 . PHE A 1 48  ? 0.041   0.974   2.768   1.00 13.31 ? 83  PHE A CD1 1 
ATOM   324 C CD2 . PHE A 1 48  ? 0.157   -0.920  1.305   1.00 15.17 ? 83  PHE A CD2 1 
ATOM   325 C CE1 . PHE A 1 48  ? -1.083  1.439   2.085   1.00 13.93 ? 83  PHE A CE1 1 
ATOM   326 C CE2 . PHE A 1 48  ? -0.965  -0.477  0.630   1.00 14.57 ? 83  PHE A CE2 1 
ATOM   327 C CZ  . PHE A 1 48  ? -1.589  0.706   1.013   1.00 15.96 ? 83  PHE A CZ  1 
ATOM   328 N N   . SER A 1 49  ? 3.551   -1.132  0.503   1.00 15.29 ? 84  SER A N   1 
ATOM   329 C CA  . SER A 1 49  ? 3.323   -1.344  -0.917  1.00 15.71 ? 84  SER A CA  1 
ATOM   330 C C   . SER A 1 49  ? 2.878   -2.788  -1.064  1.00 12.52 ? 84  SER A C   1 
ATOM   331 O O   . SER A 1 49  ? 3.597   -3.702  -0.667  1.00 15.12 ? 84  SER A O   1 
ATOM   332 C CB  . SER A 1 49  ? 4.581   -1.034  -1.748  1.00 14.44 ? 84  SER A CB  1 
ATOM   333 O OG  . SER A 1 49  ? 5.689   -1.815  -1.353  1.00 16.62 ? 84  SER A OG  1 
ATOM   334 N N   . ALA A 1 50  ? 1.683   -2.987  -1.609  1.00 14.70 ? 85  ALA A N   1 
ATOM   335 C CA  . ALA A 1 50  ? 1.087   -4.325  -1.620  1.00 18.80 ? 85  ALA A CA  1 
ATOM   336 C C   . ALA A 1 50  ? 1.425   -5.122  -2.863  1.00 23.45 ? 85  ALA A C   1 
ATOM   337 O O   . ALA A 1 50  ? 1.227   -6.338  -2.900  1.00 21.31 ? 85  ALA A O   1 
ATOM   338 C CB  . ALA A 1 50  ? -0.423  -4.238  -1.444  1.00 18.84 ? 85  ALA A CB  1 
ATOM   339 N N   . HIS A 1 51  ? 1.951   -4.445  -3.878  1.00 18.66 ? 86  HIS A N   1 
ATOM   340 C CA  . HIS A 1 51  ? 2.199   -5.099  -5.155  1.00 16.59 ? 86  HIS A CA  1 
ATOM   341 C C   . HIS A 1 51  ? 3.565   -4.727  -5.679  1.00 21.09 ? 86  HIS A C   1 
ATOM   342 O O   . HIS A 1 51  ? 4.197   -3.812  -5.157  1.00 19.28 ? 86  HIS A O   1 
ATOM   343 C CB  . HIS A 1 51  ? 1.147   -4.656  -6.171  1.00 20.41 ? 86  HIS A CB  1 
ATOM   344 C CG  . HIS A 1 51  ? -0.257  -4.784  -5.676  1.00 25.31 ? 86  HIS A CG  1 
ATOM   345 N ND1 . HIS A 1 51  ? -0.882  -6.003  -5.521  1.00 27.68 ? 86  HIS A ND1 1 
ATOM   346 C CD2 . HIS A 1 51  ? -1.154  -3.847  -5.289  1.00 30.06 ? 86  HIS A CD2 1 
ATOM   347 C CE1 . HIS A 1 51  ? -2.105  -5.811  -5.063  1.00 34.44 ? 86  HIS A CE1 1 
ATOM   348 N NE2 . HIS A 1 51  ? -2.298  -4.511  -4.915  1.00 35.27 ? 86  HIS A NE2 1 
ATOM   349 N N   . LEU A 1 52  ? 4.022   -5.450  -6.701  1.00 19.62 ? 87  LEU A N   1 
ATOM   350 C CA  . LEU A 1 52  ? 5.176   -5.010  -7.480  1.00 16.98 ? 87  LEU A CA  1 
ATOM   351 C C   . LEU A 1 52  ? 4.897   -3.578  -7.896  1.00 14.72 ? 87  LEU A C   1 
ATOM   352 O O   . LEU A 1 52  ? 3.781   -3.243  -8.315  1.00 17.39 ? 87  LEU A O   1 
ATOM   353 C CB  . LEU A 1 52  ? 5.355   -5.879  -8.726  1.00 17.36 ? 87  LEU A CB  1 
ATOM   354 C CG  . LEU A 1 52  ? 5.878   -7.302  -8.532  1.00 20.47 ? 87  LEU A CG  1 
ATOM   355 C CD1 . LEU A 1 52  ? 5.691   -8.119  -9.816  1.00 28.67 ? 87  LEU A CD1 1 
ATOM   356 C CD2 . LEU A 1 52  ? 7.333   -7.300  -8.122  1.00 21.00 ? 87  LEU A CD2 1 
ATOM   357 N N   . ASN A 1 53  ? 5.893   -2.707  -7.775  1.00 15.93 ? 88  ASN A N   1 
ATOM   358 C CA  . ASN A 1 53  ? 5.607   -1.301  -7.996  1.00 15.77 ? 88  ASN A CA  1 
ATOM   359 C C   . ASN A 1 53  ? 6.818   -0.519  -8.472  1.00 13.80 ? 88  ASN A C   1 
ATOM   360 O O   . ASN A 1 53  ? 7.963   -0.955  -8.302  1.00 16.43 ? 88  ASN A O   1 
ATOM   361 C CB  . ASN A 1 53  ? 5.101   -0.683  -6.698  1.00 17.46 ? 88  ASN A CB  1 
ATOM   362 C CG  . ASN A 1 53  ? 6.188   -0.574  -5.666  1.00 16.61 ? 88  ASN A CG  1 
ATOM   363 O OD1 . ASN A 1 53  ? 6.902   0.422   -5.628  1.00 17.61 ? 88  ASN A OD1 1 
ATOM   364 N ND2 . ASN A 1 53  ? 6.336   -1.599  -4.824  1.00 15.24 ? 88  ASN A ND2 1 
ATOM   365 N N   . GLY A 1 54  ? 6.556   0.645   -9.055  1.00 15.32 ? 89  GLY A N   1 
ATOM   366 C CA  . GLY A 1 54  ? 7.625   1.549   -9.433  1.00 13.81 ? 89  GLY A CA  1 
ATOM   367 C C   . GLY A 1 54  ? 7.493   2.862   -8.694  1.00 14.61 ? 89  GLY A C   1 
ATOM   368 O O   . GLY A 1 54  ? 7.830   3.926   -9.234  1.00 19.07 ? 89  GLY A O   1 
ATOM   369 N N   . LEU A 1 55  ? 7.003   2.782   -7.456  1.00 16.01 ? 90  LEU A N   1 
ATOM   370 C CA  . LEU A 1 55  ? 6.745   3.957   -6.621  1.00 17.94 ? 90  LEU A CA  1 
ATOM   371 C C   . LEU A 1 55  ? 8.027   4.590   -6.102  1.00 13.54 ? 90  LEU A C   1 
ATOM   372 O O   . LEU A 1 55  ? 8.949   3.884   -5.721  1.00 15.54 ? 90  LEU A O   1 
ATOM   373 C CB  . LEU A 1 55  ? 5.921   3.535   -5.404  1.00 19.06 ? 90  LEU A CB  1 
ATOM   374 C CG  . LEU A 1 55  ? 4.536   2.939   -5.637  1.00 22.43 ? 90  LEU A CG  1 
ATOM   375 C CD1 . LEU A 1 55  ? 4.019   2.297   -4.349  1.00 25.69 ? 90  LEU A CD1 1 
ATOM   376 C CD2 . LEU A 1 55  ? 3.570   4.008   -6.137  1.00 29.77 ? 90  LEU A CD2 1 
ATOM   377 N N   . SER A 1 56  ? 8.077   5.922   -6.048  1.00 16.54 ? 91  SER A N   1 
ATOM   378 C CA  . SER A 1 56  ? 9.228   6.594   -5.436  1.00 15.37 ? 91  SER A CA  1 
ATOM   379 C C   . SER A 1 56  ? 9.108   6.691   -3.912  1.00 15.02 ? 91  SER A C   1 
ATOM   380 O O   . SER A 1 56  ? 10.084  7.011   -3.219  1.00 17.32 ? 91  SER A O   1 
ATOM   381 C CB  . SER A 1 56  ? 9.426   7.980   -6.049  1.00 24.13 ? 91  SER A CB  1 
ATOM   382 O OG  . SER A 1 56  ? 9.801   7.859   -7.410  1.00 37.42 ? 91  SER A OG  1 
ATOM   383 N N   . LYS A 1 57  ? 7.909   6.402   -3.409  1.00 15.53 ? 92  LYS A N   1 
ATOM   384 C CA  . LYS A 1 57  ? 7.592   6.424   -1.983  1.00 18.98 ? 92  LYS A CA  1 
ATOM   385 C C   . LYS A 1 57  ? 6.560   5.335   -1.768  1.00 17.49 ? 92  LYS A C   1 
ATOM   386 O O   . LYS A 1 57  ? 5.699   5.135   -2.616  1.00 19.01 ? 92  LYS A O   1 
ATOM   387 C CB  . LYS A 1 57  ? 6.879   7.733   -1.627  1.00 24.12 ? 92  LYS A CB  1 
ATOM   388 C CG  . LYS A 1 57  ? 7.709   8.853   -1.047  1.00 39.51 ? 92  LYS A CG  1 
ATOM   389 C CD  . LYS A 1 57  ? 6.761   9.896   -0.453  1.00 33.74 ? 92  LYS A CD  1 
ATOM   390 C CE  . LYS A 1 57  ? 7.484   11.144  0.040   1.00 50.65 ? 92  LYS A CE  1 
ATOM   391 N NZ  . LYS A 1 57  ? 7.149   11.446  1.468   1.00 59.35 ? 92  LYS A NZ  1 
ATOM   392 N N   . CYS A 1 58  ? 6.593   4.650   -0.631  1.00 14.52 ? 93  CYS A N   1 
ATOM   393 C CA  . CYS A 1 58  ? 5.470   3.757   -0.324  1.00 15.91 ? 93  CYS A CA  1 
ATOM   394 C C   . CYS A 1 58  ? 4.224   4.556   0.056   1.00 15.95 ? 93  CYS A C   1 
ATOM   395 O O   . CYS A 1 58  ? 4.304   5.760   0.297   1.00 17.22 ? 93  CYS A O   1 
ATOM   396 C CB  . CYS A 1 58  ? 5.849   2.745   0.763   1.00 14.15 ? 93  CYS A CB  1 
ATOM   397 S SG  . CYS A 1 58  ? 7.080   1.549   0.163   1.00 15.29 ? 93  CYS A SG  1 
ATOM   398 N N   . LEU A 1 59  ? 3.077   3.885   0.060   1.00 11.89 ? 94  LEU A N   1 
ATOM   399 C CA  . LEU A 1 59  ? 1.795   4.526   0.319   1.00 14.05 ? 94  LEU A CA  1 
ATOM   400 C C   . LEU A 1 59  ? 1.560   4.645   1.816   1.00 14.71 ? 94  LEU A C   1 
ATOM   401 O O   . LEU A 1 59  ? 1.896   3.740   2.571   1.00 14.02 ? 94  LEU A O   1 
ATOM   402 C CB  . LEU A 1 59  ? 0.667   3.707   -0.301  1.00 17.63 ? 94  LEU A CB  1 
ATOM   403 C CG  . LEU A 1 59  ? 0.780   3.448   -1.802  1.00 21.28 ? 94  LEU A CG  1 
ATOM   404 C CD1 . LEU A 1 59  ? -0.431  2.675   -2.288  1.00 24.04 ? 94  LEU A CD1 1 
ATOM   405 C CD2 . LEU A 1 59  ? 0.871   4.774   -2.513  1.00 29.88 ? 94  LEU A CD2 1 
ATOM   406 N N   . PRO A 1 60  ? 0.962   5.759   2.254   1.00 14.63 ? 95  PRO A N   1 
ATOM   407 C CA  . PRO A 1 60  ? 0.706   5.914   3.691   1.00 16.36 ? 95  PRO A CA  1 
ATOM   408 C C   . PRO A 1 60  ? -0.336  4.918   4.207   1.00 16.64 ? 95  PRO A C   1 
ATOM   409 O O   . PRO A 1 60  ? -1.338  4.680   3.537   1.00 16.95 ? 95  PRO A O   1 
ATOM   410 C CB  . PRO A 1 60  ? 0.162   7.345   3.798   1.00 19.44 ? 95  PRO A CB  1 
ATOM   411 C CG  . PRO A 1 60  ? -0.341  7.680   2.439   1.00 24.60 ? 95  PRO A CG  1 
ATOM   412 C CD  . PRO A 1 60  ? 0.560   6.945   1.482   1.00 18.17 ? 95  PRO A CD  1 
ATOM   413 N N   . CYS A 1 61  ? -0.101  4.345   5.381   1.00 15.80 ? 96  CYS A N   1 
ATOM   414 C CA  . CYS A 1 61  ? -1.110  3.488   6.010   1.00 14.26 ? 96  CYS A CA  1 
ATOM   415 C C   . CYS A 1 61  ? -2.331  4.313   6.388   1.00 14.92 ? 96  CYS A C   1 
ATOM   416 O O   . CYS A 1 61  ? -2.188  5.397   6.955   1.00 17.14 ? 96  CYS A O   1 
ATOM   417 C CB  . CYS A 1 61  ? -0.546  2.842   7.270   1.00 15.31 ? 96  CYS A CB  1 
ATOM   418 S SG  . CYS A 1 61  ? 0.895   1.815   6.967   1.00 21.47 ? 96  CYS A SG  1 
ATOM   419 N N   . ARG A 1 62  ? -3.532  3.804   6.107   1.00 14.73 ? 97  ARG A N   1 
ATOM   420 C CA  . ARG A 1 62  ? -4.753  4.539   6.447   1.00 12.70 ? 97  ARG A CA  1 
ATOM   421 C C   . ARG A 1 62  ? -4.956  4.601   7.951   1.00 16.21 ? 97  ARG A C   1 
ATOM   422 O O   . ARG A 1 62  ? -4.562  3.690   8.678   1.00 15.36 ? 97  ARG A O   1 
ATOM   423 C CB  . ARG A 1 62  ? -5.986  3.916   5.774   1.00 15.52 ? 97  ARG A CB  1 
ATOM   424 C CG  . ARG A 1 62  ? -6.378  2.541   6.299   1.00 15.81 ? 97  ARG A CG  1 
ATOM   425 C CD  . ARG A 1 62  ? -7.786  2.168   5.857   1.00 19.10 ? 97  ARG A CD  1 
ATOM   426 N NE  . ARG A 1 62  ? -7.967  2.164   4.403   1.00 17.25 ? 97  ARG A NE  1 
ATOM   427 C CZ  . ARG A 1 62  ? -7.858  1.085   3.632   1.00 20.05 ? 97  ARG A CZ  1 
ATOM   428 N NH1 . ARG A 1 62  ? -7.535  -0.089  4.158   1.00 19.24 ? 97  ARG A NH1 1 
ATOM   429 N NH2 . ARG A 1 62  ? -8.059  1.176   2.324   1.00 23.41 ? 97  ARG A NH2 1 
ATOM   430 N N   . PRO A 1 63  ? -5.570  5.687   8.435   1.00 16.92 ? 98  PRO A N   1 
ATOM   431 C CA  . PRO A 1 63  ? -5.979  5.697   9.840   1.00 17.54 ? 98  PRO A CA  1 
ATOM   432 C C   . PRO A 1 63  ? -7.314  4.974   10.005  1.00 13.27 ? 98  PRO A C   1 
ATOM   433 O O   . PRO A 1 63  ? -7.966  4.646   9.005   1.00 16.80 ? 98  PRO A O   1 
ATOM   434 C CB  . PRO A 1 63  ? -6.155  7.189   10.124  1.00 19.22 ? 98  PRO A CB  1 
ATOM   435 C CG  . PRO A 1 63  ? -6.640  7.743   8.822   1.00 19.74 ? 98  PRO A CG  1 
ATOM   436 C CD  . PRO A 1 63  ? -5.952  6.929   7.734   1.00 17.71 ? 98  PRO A CD  1 
ATOM   437 N N   . CYS A 1 64  ? -7.709  4.711   11.248  1.00 17.02 ? 99  CYS A N   1 
ATOM   438 C CA  . CYS A 1 64  ? -9.044  4.197   11.533  1.00 16.58 ? 99  CYS A CA  1 
ATOM   439 C C   . CYS A 1 64  ? -9.709  5.172   12.497  1.00 13.90 ? 99  CYS A C   1 
ATOM   440 O O   . CYS A 1 64  ? -9.324  5.271   13.656  1.00 17.35 ? 99  CYS A O   1 
ATOM   441 C CB  . CYS A 1 64  ? -8.977  2.792   12.150  1.00 14.70 ? 99  CYS A CB  1 
ATOM   442 S SG  . CYS A 1 64  ? -8.175  1.578   11.055  1.00 17.64 ? 99  CYS A SG  1 
ATOM   443 N N   . ASP A 1 65  ? -10.699 5.908   12.002  1.00 13.98 ? 100 ASP A N   1 
ATOM   444 C CA  . ASP A 1 65  ? -11.239 7.042   12.739  1.00 14.72 ? 100 ASP A CA  1 
ATOM   445 C C   . ASP A 1 65  ? -12.341 6.614   13.703  1.00 14.09 ? 100 ASP A C   1 
ATOM   446 O O   . ASP A 1 65  ? -13.374 6.114   13.266  1.00 15.27 ? 100 ASP A O   1 
ATOM   447 C CB  . ASP A 1 65  ? -11.793 8.030   11.716  1.00 14.18 ? 100 ASP A CB  1 
ATOM   448 C CG  . ASP A 1 65  ? -12.240 9.338   12.332  1.00 15.40 ? 100 ASP A CG  1 
ATOM   449 O OD1 . ASP A 1 65  ? -12.087 9.535   13.555  1.00 17.30 ? 100 ASP A OD1 1 
ATOM   450 O OD2 . ASP A 1 65  ? -12.729 10.177  11.550  1.00 22.11 ? 100 ASP A OD2 1 
ATOM   451 N N   . PRO A 1 66  ? -12.126 6.814   15.014  1.00 15.92 ? 101 PRO A N   1 
ATOM   452 C CA  . PRO A 1 66  ? -13.123 6.498   16.040  1.00 15.65 ? 101 PRO A CA  1 
ATOM   453 C C   . PRO A 1 66  ? -14.422 7.265   15.832  1.00 18.48 ? 101 PRO A C   1 
ATOM   454 O O   . PRO A 1 66  ? -15.469 6.798   16.266  1.00 19.95 ? 101 PRO A O   1 
ATOM   455 C CB  . PRO A 1 66  ? -12.449 6.958   17.335  1.00 19.76 ? 101 PRO A CB  1 
ATOM   456 C CG  . PRO A 1 66  ? -11.000 6.862   17.058  1.00 25.60 ? 101 PRO A CG  1 
ATOM   457 C CD  . PRO A 1 66  ? -10.852 7.250   15.611  1.00 18.37 ? 101 PRO A CD  1 
ATOM   458 N N   . ALA A 1 67  ? -14.356 8.417   15.168  1.00 21.10 ? 102 ALA A N   1 
ATOM   459 C CA  . ALA A 1 67  ? -15.557 9.217   14.913  1.00 18.94 ? 102 ALA A CA  1 
ATOM   460 C C   . ALA A 1 67  ? -16.500 8.509   13.948  1.00 21.65 ? 102 ALA A C   1 
ATOM   461 O O   . ALA A 1 67  ? -17.686 8.845   13.864  1.00 23.47 ? 102 ALA A O   1 
ATOM   462 C CB  . ALA A 1 67  ? -15.174 10.593  14.364  1.00 21.94 ? 102 ALA A CB  1 
ATOM   463 N N   . MET A 1 68  ? -15.962 7.538   13.218  1.00 18.54 ? 103 MET A N   1 
ATOM   464 C CA  . MET A 1 68  ? -16.736 6.711   12.303  1.00 18.46 ? 103 MET A CA  1 
ATOM   465 C C   . MET A 1 68  ? -16.968 5.322   12.914  1.00 16.61 ? 103 MET A C   1 
ATOM   466 O O   . MET A 1 68  ? -17.380 4.395   12.210  1.00 21.05 ? 103 MET A O   1 
ATOM   467 C CB  . MET A 1 68  ? -16.013 6.570   10.956  1.00 23.38 ? 103 MET A CB  1 
ATOM   468 C CG  . MET A 1 68  ? -15.575 7.899   10.313  1.00 28.48 ? 103 MET A CG  1 
ATOM   469 S SD  . MET A 1 68  ? -16.931 9.065   10.040  1.00 44.44 ? 103 MET A SD  1 
ATOM   470 C CE  . MET A 1 68  ? -17.859 8.210   8.765   1.00 39.11 ? 103 MET A CE  1 
ATOM   471 N N   . GLY A 1 69  ? -16.682 5.185   14.210  1.00 15.68 ? 104 GLY A N   1 
ATOM   472 C CA  . GLY A 1 69  ? -16.897 3.939   14.932  1.00 16.71 ? 104 GLY A CA  1 
ATOM   473 C C   . GLY A 1 69  ? -15.822 2.905   14.657  1.00 19.98 ? 104 GLY A C   1 
ATOM   474 O O   . GLY A 1 69  ? -16.009 1.716   14.930  1.00 17.09 ? 104 GLY A O   1 
ATOM   475 N N   . LEU A 1 70  ? -14.682 3.353   14.139  1.00 14.67 ? 105 LEU A N   1 
ATOM   476 C CA  . LEU A 1 70  ? -13.650 2.415   13.700  1.00 12.73 ? 105 LEU A CA  1 
ATOM   477 C C   . LEU A 1 70  ? -12.534 2.193   14.696  1.00 17.47 ? 105 LEU A C   1 
ATOM   478 O O   . LEU A 1 70  ? -12.196 3.077   15.488  1.00 19.72 ? 105 LEU A O   1 
ATOM   479 C CB  . LEU A 1 70  ? -13.032 2.892   12.384  1.00 15.02 ? 105 LEU A CB  1 
ATOM   480 C CG  . LEU A 1 70  ? -13.966 3.022   11.191  1.00 14.48 ? 105 LEU A CG  1 
ATOM   481 C CD1 . LEU A 1 70  ? -13.241 3.686   10.037  1.00 22.36 ? 105 LEU A CD1 1 
ATOM   482 C CD2 . LEU A 1 70  ? -14.511 1.677   10.748  1.00 20.21 ? 105 LEU A CD2 1 
ATOM   483 N N   . VAL A 1 71  ? -11.949 0.997   14.628  1.00 14.38 ? 106 VAL A N   1 
ATOM   484 C CA  . VAL A 1 71  ? -10.766 0.630   15.397  1.00 15.79 ? 106 VAL A CA  1 
ATOM   485 C C   . VAL A 1 71  ? -9.864  -0.155  14.442  1.00 12.97 ? 106 VAL A C   1 
ATOM   486 O O   . VAL A 1 71  ? -10.303 -0.537  13.358  1.00 16.37 ? 106 VAL A O   1 
ATOM   487 C CB  . VAL A 1 71  ? -11.114 -0.263  16.614  1.00 16.39 ? 106 VAL A CB  1 
ATOM   488 C CG1 . VAL A 1 71  ? -11.851 0.538   17.688  1.00 20.65 ? 106 VAL A CG1 1 
ATOM   489 C CG2 . VAL A 1 71  ? -11.964 -1.462  16.174  1.00 16.13 ? 106 VAL A CG2 1 
ATOM   490 N N   . ILE A 1 72  ? -8.621  -0.404  14.846  1.00 14.82 ? 107 ILE A N   1 
ATOM   491 C CA  . ILE A 1 72  ? -7.715  -1.223  14.033  1.00 12.11 ? 107 ILE A CA  1 
ATOM   492 C C   . ILE A 1 72  ? -8.053  -2.699  14.214  1.00 15.49 ? 107 ILE A C   1 
ATOM   493 O O   . ILE A 1 72  ? -8.124  -3.190  15.346  1.00 21.25 ? 107 ILE A O   1 
ATOM   494 C CB  . ILE A 1 72  ? -6.249  -0.964  14.405  1.00 16.66 ? 107 ILE A CB  1 
ATOM   495 C CG1 . ILE A 1 72  ? -5.845  0.432   13.923  1.00 22.89 ? 107 ILE A CG1 1 
ATOM   496 C CG2 . ILE A 1 72  ? -5.337  -2.004  13.755  1.00 19.08 ? 107 ILE A CG2 1 
ATOM   497 C CD1 . ILE A 1 72  ? -4.467  0.869   14.379  1.00 31.78 ? 107 ILE A CD1 1 
ATOM   498 N N   . ARG A 1 73  ? -8.273  -3.401  13.105  1.00 12.15 ? 108 ARG A N   1 
ATOM   499 C CA  . ARG A 1 73  ? -8.513  -4.841  13.151  1.00 13.50 ? 108 ARG A CA  1 
ATOM   500 C C   . ARG A 1 73  ? -7.257  -5.615  12.762  1.00 15.29 ? 108 ARG A C   1 
ATOM   501 O O   . ARG A 1 73  ? -6.928  -6.630  13.372  1.00 14.50 ? 108 ARG A O   1 
ATOM   502 C CB  . ARG A 1 73  ? -9.719  -5.230  12.292  1.00 13.04 ? 108 ARG A CB  1 
ATOM   503 C CG  . ARG A 1 73  ? -10.172 -6.679  12.512  1.00 17.60 ? 108 ARG A CG  1 
ATOM   504 C CD  . ARG A 1 73  ? -11.482 -6.994  11.799  1.00 15.12 ? 108 ARG A CD  1 
ATOM   505 N NE  . ARG A 1 73  ? -11.347 -6.994  10.340  1.00 19.66 ? 108 ARG A NE  1 
ATOM   506 C CZ  . ARG A 1 73  ? -10.925 -8.041  9.639   1.00 26.68 ? 108 ARG A CZ  1 
ATOM   507 N NH1 . ARG A 1 73  ? -10.596 -9.167  10.264  1.00 21.56 ? 108 ARG A NH1 1 
ATOM   508 N NH2 . ARG A 1 73  ? -10.827 -7.964  8.316   1.00 26.31 ? 108 ARG A NH2 1 
ATOM   509 N N   . ARG A 1 74  ? -6.532  -5.139  11.747  1.00 14.85 ? 109 ARG A N   1 
ATOM   510 C CA  . ARG A 1 74  ? -5.187  -5.650  11.523  1.00 15.61 ? 109 ARG A CA  1 
ATOM   511 C C   . ARG A 1 74  ? -4.308  -4.459  11.214  1.00 12.77 ? 109 ARG A C   1 
ATOM   512 O O   . ARG A 1 74  ? -4.673  -3.638  10.369  1.00 15.71 ? 109 ARG A O   1 
ATOM   513 C CB  . ARG A 1 74  ? -5.170  -6.666  10.377  1.00 20.92 ? 109 ARG A CB  1 
ATOM   514 C CG  . ARG A 1 74  ? -4.036  -7.676  10.468  1.00 38.79 ? 109 ARG A CG  1 
ATOM   515 C CD  . ARG A 1 74  ? -4.234  -8.815  9.472   1.00 37.97 ? 109 ARG A CD  1 
ATOM   516 N NE  . ARG A 1 74  ? -5.044  -9.919  9.998   1.00 28.22 ? 109 ARG A NE  1 
ATOM   517 C CZ  . ARG A 1 74  ? -6.223  -10.282 9.505   1.00 25.39 ? 109 ARG A CZ  1 
ATOM   518 N NH1 . ARG A 1 74  ? -6.747  -9.617  8.481   1.00 31.87 ? 109 ARG A NH1 1 
ATOM   519 N NH2 . ARG A 1 74  ? -6.886  -11.305 10.032  1.00 32.80 ? 109 ARG A NH2 1 
ATOM   520 N N   . ASP A 1 75  ? -3.178  -4.325  11.907  1.00 15.43 ? 110 ASP A N   1 
ATOM   521 C CA  . ASP A 1 75  ? -2.393  -3.118  11.700  1.00 15.98 ? 110 ASP A CA  1 
ATOM   522 C C   . ASP A 1 75  ? -1.705  -3.185  10.351  1.00 16.57 ? 110 ASP A C   1 
ATOM   523 O O   . ASP A 1 75  ? -1.589  -4.247  9.728   1.00 19.59 ? 110 ASP A O   1 
ATOM   524 C CB  . ASP A 1 75  ? -1.397  -2.813  12.822  1.00 36.36 ? 110 ASP A CB  1 
ATOM   525 C CG  . ASP A 1 75  ? -1.249  -1.291  13.086  1.00 39.45 ? 110 ASP A CG  1 
ATOM   526 O OD1 . ASP A 1 75  ? -1.417  -0.461  12.146  1.00 24.79 ? 110 ASP A OD1 1 
ATOM   527 O OD2 . ASP A 1 75  ? -0.976  -0.922  14.252  1.00 49.98 ? 110 ASP A OD2 1 
ATOM   528 N N   . CYS A 1 76  ? -1.298  -2.016  9.901   1.00 16.58 ? 111 CYS A N   1 
ATOM   529 C CA  . CYS A 1 76  ? -0.594  -1.876  8.650   1.00 16.38 ? 111 CYS A CA  1 
ATOM   530 C C   . CYS A 1 76  ? 0.746   -2.583  8.762   1.00 16.60 ? 111 CYS A C   1 
ATOM   531 O O   . CYS A 1 76  ? 1.343   -2.639  9.842   1.00 18.61 ? 111 CYS A O   1 
ATOM   532 C CB  . CYS A 1 76  ? -0.388  -0.395  8.411   1.00 13.63 ? 111 CYS A CB  1 
ATOM   533 S SG  . CYS A 1 76  ? 0.067   0.002   6.713   1.00 20.31 ? 111 CYS A SG  1 
ATOM   534 N N   . SER A 1 77  ? 1.224   -3.131  7.645   1.00 16.56 ? 112 SER A N   1 
ATOM   535 C CA  . SER A 1 77  ? 2.551   -3.738  7.590   1.00 15.62 ? 112 SER A CA  1 
ATOM   536 C C   . SER A 1 77  ? 3.182   -3.207  6.319   1.00 13.76 ? 112 SER A C   1 
ATOM   537 O O   . SER A 1 77  ? 2.522   -2.516  5.558   1.00 15.35 ? 112 SER A O   1 
ATOM   538 C CB  . SER A 1 77  ? 2.462   -5.260  7.496   1.00 18.23 ? 112 SER A CB  1 
ATOM   539 O OG  . SER A 1 77  ? 1.898   -5.658  6.250   1.00 21.24 ? 112 SER A OG  1 
ATOM   540 N N   . SER A 1 78  ? 4.441   -3.551  6.074   1.00 17.42 ? 113 SER A N   1 
ATOM   541 C CA  . SER A 1 78  ? 5.123   -3.034  4.887   1.00 18.42 ? 113 SER A CA  1 
ATOM   542 C C   . SER A 1 78  ? 4.455   -3.496  3.590   1.00 15.80 ? 113 SER A C   1 
ATOM   543 O O   . SER A 1 78  ? 4.651   -2.885  2.540   1.00 14.32 ? 113 SER A O   1 
ATOM   544 C CB  . SER A 1 78  ? 6.593   -3.445  4.897   1.00 18.55 ? 113 SER A CB  1 
ATOM   545 O OG  . SER A 1 78  ? 6.712   -4.838  4.698   1.00 23.63 ? 113 SER A OG  1 
ATOM   546 N N   . THR A 1 79  ? 3.642   -4.547  3.652   1.00 16.87 ? 114 THR A N   1 
ATOM   547 C CA  . THR A 1 79  ? 2.982   -5.055  2.448   1.00 17.35 ? 114 THR A CA  1 
ATOM   548 C C   . THR A 1 79  ? 1.452   -4.981  2.453   1.00 17.05 ? 114 THR A C   1 
ATOM   549 O O   . THR A 1 79  ? 0.800   -5.406  1.490   1.00 17.49 ? 114 THR A O   1 
ATOM   550 C CB  . THR A 1 79  ? 3.383   -6.512  2.171   1.00 17.51 ? 114 THR A CB  1 
ATOM   551 O OG1 . THR A 1 79  ? 2.987   -7.316  3.290   1.00 22.31 ? 114 THR A OG1 1 
ATOM   552 C CG2 . THR A 1 79  ? 4.880   -6.635  1.975   1.00 19.06 ? 114 THR A CG2 1 
ATOM   553 N N   . GLU A 1 80  ? 0.859   -4.427  3.513   1.00 16.22 ? 115 GLU A N   1 
ATOM   554 C CA  . GLU A 1 80  ? -0.594  -4.452  3.641   1.00 19.48 ? 115 GLU A CA  1 
ATOM   555 C C   . GLU A 1 80  ? -1.094  -3.189  4.337   1.00 13.88 ? 115 GLU A C   1 
ATOM   556 O O   . GLU A 1 80  ? -0.572  -2.827  5.394   1.00 15.79 ? 115 GLU A O   1 
ATOM   557 C CB  . GLU A 1 80  ? -0.999  -5.685  4.458   1.00 25.85 ? 115 GLU A CB  1 
ATOM   558 C CG  . GLU A 1 80  ? -2.463  -6.080  4.370   1.00 42.62 ? 115 GLU A CG  1 
ATOM   559 C CD  . GLU A 1 80  ? -2.751  -7.373  5.131   1.00 50.50 ? 115 GLU A CD  1 
ATOM   560 O OE1 . GLU A 1 80  ? -2.525  -8.464  4.558   1.00 49.48 ? 115 GLU A OE1 1 
ATOM   561 O OE2 . GLU A 1 80  ? -3.190  -7.294  6.304   1.00 46.29 ? 115 GLU A OE2 1 
ATOM   562 N N   . ASN A 1 81  ? -2.097  -2.529  3.761   1.00 14.61 ? 116 ASN A N   1 
ATOM   563 C CA  . ASN A 1 81  ? -2.687  -1.343  4.378   1.00 13.60 ? 116 ASN A CA  1 
ATOM   564 C C   . ASN A 1 81  ? -3.412  -1.746  5.656   1.00 16.76 ? 116 ASN A C   1 
ATOM   565 O O   . ASN A 1 81  ? -3.832  -2.895  5.802   1.00 15.75 ? 116 ASN A O   1 
ATOM   566 C CB  . ASN A 1 81  ? -3.694  -0.688  3.433   1.00 15.28 ? 116 ASN A CB  1 
ATOM   567 C CG  . ASN A 1 81  ? -3.892  0.798   3.714   1.00 13.17 ? 116 ASN A CG  1 
ATOM   568 O OD1 . ASN A 1 81  ? -3.400  1.323   4.719   1.00 15.24 ? 116 ASN A OD1 1 
ATOM   569 N ND2 . ASN A 1 81  ? -4.603  1.481   2.825   1.00 15.37 ? 116 ASN A ND2 1 
ATOM   570 N N   . THR A 1 82  ? -3.559  -0.796  6.568   1.00 14.53 ? 117 THR A N   1 
ATOM   571 C CA  . THR A 1 82  ? -4.354  -1.012  7.779   1.00 14.69 ? 117 THR A CA  1 
ATOM   572 C C   . THR A 1 82  ? -5.738  -1.521  7.418   1.00 15.21 ? 117 THR A C   1 
ATOM   573 O O   . THR A 1 82  ? -6.381  -0.999  6.497   1.00 16.69 ? 117 THR A O   1 
ATOM   574 C CB  . THR A 1 82  ? -4.547  0.306   8.531   1.00 13.16 ? 117 THR A CB  1 
ATOM   575 O OG1 . THR A 1 82  ? -3.353  1.099   8.437   1.00 15.12 ? 117 THR A OG1 1 
ATOM   576 C CG2 . THR A 1 82  ? -4.892  0.044   10.014  1.00 15.01 ? 117 THR A CG2 1 
ATOM   577 N N   . GLU A 1 83  ? -6.224  -2.511  8.166   1.00 13.15 ? 118 GLU A N   1 
ATOM   578 C CA  . GLU A 1 83  ? -7.602  -2.948  8.017   1.00 14.75 ? 118 GLU A CA  1 
ATOM   579 C C   . GLU A 1 83  ? -8.389  -2.493  9.241   1.00 14.02 ? 118 GLU A C   1 
ATOM   580 O O   . GLU A 1 83  ? -8.070  -2.869  10.366  1.00 14.93 ? 118 GLU A O   1 
ATOM   581 C CB  . GLU A 1 83  ? -7.677  -4.465  7.856   1.00 18.55 ? 118 GLU A CB  1 
ATOM   582 C CG  . GLU A 1 83  ? -7.110  -4.927  6.506   1.00 21.97 ? 118 GLU A CG  1 
ATOM   583 C CD  . GLU A 1 83  ? -6.985  -6.435  6.391   1.00 44.69 ? 118 GLU A CD  1 
ATOM   584 O OE1 . GLU A 1 83  ? -7.587  -7.151  7.222   1.00 43.94 ? 118 GLU A OE1 1 
ATOM   585 O OE2 . GLU A 1 83  ? -6.278  -6.901  5.467   1.00 46.70 ? 118 GLU A OE2 1 
ATOM   586 N N   . CYS A 1 84  ? -9.386  -1.650  9.013   1.00 15.34 ? 119 CYS A N   1 
ATOM   587 C CA  . CYS A 1 84  ? -10.191 -1.118  10.111  1.00 13.32 ? 119 CYS A CA  1 
ATOM   588 C C   . CYS A 1 84  ? -11.399 -1.997  10.335  1.00 17.41 ? 119 CYS A C   1 
ATOM   589 O O   . CYS A 1 84  ? -11.999 -2.498  9.379   1.00 19.45 ? 119 CYS A O   1 
ATOM   590 C CB  . CYS A 1 84  ? -10.674 0.294   9.774   1.00 14.09 ? 119 CYS A CB  1 
ATOM   591 S SG  . CYS A 1 84  ? -9.364  1.489   9.414   1.00 16.45 ? 119 CYS A SG  1 
ATOM   592 N N   . GLY A 1 85  ? -11.768 -2.170  11.603  1.00 15.34 ? 120 GLY A N   1 
ATOM   593 C CA  . GLY A 1 85  ? -13.001 -2.848  11.968  1.00 17.13 ? 120 GLY A CA  1 
ATOM   594 C C   . GLY A 1 85  ? -13.872 -1.954  12.838  1.00 15.43 ? 120 GLY A C   1 
ATOM   595 O O   . GLY A 1 85  ? -13.591 -0.761  12.992  1.00 18.08 ? 120 GLY A O   1 
ATOM   596 N N   . CYS A 1 86  ? -14.926 -2.518  13.414  1.00 14.95 ? 121 CYS A N   1 
ATOM   597 C CA  . CYS A 1 86  ? -15.844 -1.719  14.224  1.00 15.61 ? 121 CYS A CA  1 
ATOM   598 C C   . CYS A 1 86  ? -15.543 -1.806  15.701  1.00 15.33 ? 121 CYS A C   1 
ATOM   599 O O   . CYS A 1 86  ? -15.045 -2.823  16.182  1.00 16.48 ? 121 CYS A O   1 
ATOM   600 C CB  . CYS A 1 86  ? -17.284 -2.164  13.986  1.00 18.08 ? 121 CYS A CB  1 
ATOM   601 S SG  . CYS A 1 86  ? -17.789 -1.929  12.295  1.00 23.91 ? 121 CYS A SG  1 
ATOM   602 N N   . ASP A 1 87  ? -15.866 -0.742  16.434  1.00 14.89 ? 122 ASP A N   1 
ATOM   603 C CA  . ASP A 1 87  ? -15.747 -0.776  17.888  1.00 15.24 ? 122 ASP A CA  1 
ATOM   604 C C   . ASP A 1 87  ? -16.739 -1.785  18.459  1.00 14.28 ? 122 ASP A C   1 
ATOM   605 O O   . ASP A 1 87  ? -17.667 -2.225  17.766  1.00 16.24 ? 122 ASP A O   1 
ATOM   606 C CB  . ASP A 1 87  ? -15.999 0.618   18.476  1.00 18.43 ? 122 ASP A CB  1 
ATOM   607 C CG  . ASP A 1 87  ? -15.626 0.716   19.954  1.00 24.82 ? 122 ASP A CG  1 
ATOM   608 O OD1 . ASP A 1 87  ? -14.850 -0.135  20.460  1.00 23.03 ? 122 ASP A OD1 1 
ATOM   609 O OD2 . ASP A 1 87  ? -16.116 1.660   20.610  1.00 39.93 ? 122 ASP A OD2 1 
ATOM   610 N N   . GLN A 1 88  ? -16.541 -2.157  19.719  1.00 16.26 ? 123 GLN A N   1 
ATOM   611 C CA  . GLN A 1 88  ? -17.448 -3.108  20.359  1.00 16.66 ? 123 GLN A CA  1 
ATOM   612 C C   . GLN A 1 88  ? -18.893 -2.646  20.245  1.00 17.85 ? 123 GLN A C   1 
ATOM   613 O O   . GLN A 1 88  ? -19.184 -1.450  20.320  1.00 19.17 ? 123 GLN A O   1 
ATOM   614 C CB  . GLN A 1 88  ? -17.072 -3.330  21.826  1.00 18.92 ? 123 GLN A CB  1 
ATOM   615 C CG  . GLN A 1 88  ? -17.013 -2.045  22.643  1.00 22.07 ? 123 GLN A CG  1 
ATOM   616 C CD  . GLN A 1 88  ? -17.327 -2.276  24.109  1.00 23.32 ? 123 GLN A CD  1 
ATOM   617 O OE1 . GLN A 1 88  ? -18.326 -2.914  24.443  1.00 25.23 ? 123 GLN A OE1 1 
ATOM   618 N NE2 . GLN A 1 88  ? -16.472 -1.765  24.990  1.00 24.40 ? 123 GLN A NE2 1 
ATOM   619 N N   . GLY A 1 89  ? -19.797 -3.595  20.029  1.00 16.40 ? 124 GLY A N   1 
ATOM   620 C CA  . GLY A 1 89  ? -21.210 -3.271  19.900  1.00 17.44 ? 124 GLY A CA  1 
ATOM   621 C C   . GLY A 1 89  ? -21.601 -2.469  18.670  1.00 20.49 ? 124 GLY A C   1 
ATOM   622 O O   . GLY A 1 89  ? -22.716 -1.940  18.609  1.00 25.44 ? 124 GLY A O   1 
ATOM   623 N N   . HIS A 1 90  ? -20.693 -2.376  17.697  1.00 16.61 ? 125 HIS A N   1 
ATOM   624 C CA  . HIS A 1 90  ? -20.956 -1.682  16.436  1.00 18.85 ? 125 HIS A CA  1 
ATOM   625 C C   . HIS A 1 90  ? -20.899 -2.661  15.260  1.00 19.15 ? 125 HIS A C   1 
ATOM   626 O O   . HIS A 1 90  ? -20.351 -3.754  15.388  1.00 19.94 ? 125 HIS A O   1 
ATOM   627 C CB  . HIS A 1 90  ? -19.916 -0.574  16.219  1.00 20.98 ? 125 HIS A CB  1 
ATOM   628 C CG  . HIS A 1 90  ? -20.096 0.616   17.108  1.00 19.46 ? 125 HIS A CG  1 
ATOM   629 N ND1 . HIS A 1 90  ? -19.968 0.551   18.480  1.00 23.27 ? 125 HIS A ND1 1 
ATOM   630 C CD2 . HIS A 1 90  ? -20.391 1.907   16.821  1.00 22.78 ? 125 HIS A CD2 1 
ATOM   631 C CE1 . HIS A 1 90  ? -20.181 1.745   18.998  1.00 25.84 ? 125 HIS A CE1 1 
ATOM   632 N NE2 . HIS A 1 90  ? -20.442 2.588   18.012  1.00 22.82 ? 125 HIS A NE2 1 
ATOM   633 N N   . PHE A 1 91  ? -21.449 -2.274  14.111  1.00 17.81 ? 126 PHE A N   1 
ATOM   634 C CA  . PHE A 1 91  ? -21.397 -3.127  12.926  1.00 20.26 ? 126 PHE A CA  1 
ATOM   635 C C   . PHE A 1 91  ? -21.116 -2.282  11.695  1.00 21.30 ? 126 PHE A C   1 
ATOM   636 O O   . PHE A 1 91  ? -21.411 -1.079  11.676  1.00 23.31 ? 126 PHE A O   1 
ATOM   637 C CB  . PHE A 1 91  ? -22.701 -3.917  12.759  1.00 23.13 ? 126 PHE A CB  1 
ATOM   638 C CG  . PHE A 1 91  ? -23.884 -3.065  12.408  1.00 26.42 ? 126 PHE A CG  1 
ATOM   639 C CD1 . PHE A 1 91  ? -24.554 -2.351  13.390  1.00 32.78 ? 126 PHE A CD1 1 
ATOM   640 C CD2 . PHE A 1 91  ? -24.325 -2.976  11.095  1.00 30.40 ? 126 PHE A CD2 1 
ATOM   641 C CE1 . PHE A 1 91  ? -25.648 -1.562  13.070  1.00 35.62 ? 126 PHE A CE1 1 
ATOM   642 C CE2 . PHE A 1 91  ? -25.420 -2.195  10.768  1.00 39.21 ? 126 PHE A CE2 1 
ATOM   643 C CZ  . PHE A 1 91  ? -26.081 -1.484  11.757  1.00 36.04 ? 126 PHE A CZ  1 
ATOM   644 N N   . CYS A 1 92  ? -20.543 -2.908  10.672  1.00 18.08 ? 127 CYS A N   1 
ATOM   645 C CA  . CYS A 1 92  ? -20.093 -2.186  9.492   1.00 21.31 ? 127 CYS A CA  1 
ATOM   646 C C   . CYS A 1 92  ? -21.235 -1.902  8.529   1.00 35.06 ? 127 CYS A C   1 
ATOM   647 O O   . CYS A 1 92  ? -22.031 -2.788  8.226   1.00 29.92 ? 127 CYS A O   1 
ATOM   648 C CB  . CYS A 1 92  ? -18.996 -2.977  8.787   1.00 20.75 ? 127 CYS A CB  1 
ATOM   649 S SG  . CYS A 1 92  ? -18.122 -2.028  7.529   1.00 27.79 ? 127 CYS A SG  1 
ATOM   650 N N   . VAL A 1 93  ? -21.309 -0.664  8.048   1.00 30.32 ? 128 VAL A N   1 
ATOM   651 C CA  . VAL A 1 93  ? -22.344 -0.296  7.083   1.00 28.75 ? 128 VAL A CA  1 
ATOM   652 C C   . VAL A 1 93  ? -21.787 0.000   5.683   1.00 41.78 ? 128 VAL A C   1 
ATOM   653 O O   . VAL A 1 93  ? -22.554 0.277   4.760   1.00 44.93 ? 128 VAL A O   1 
ATOM   654 C CB  . VAL A 1 93  ? -23.226 0.872   7.592   1.00 30.01 ? 128 VAL A CB  1 
ATOM   655 C CG1 . VAL A 1 93  ? -24.040 0.434   8.798   1.00 34.50 ? 128 VAL A CG1 1 
ATOM   656 C CG2 . VAL A 1 93  ? -22.385 2.090   7.934   1.00 34.48 ? 128 VAL A CG2 1 
ATOM   657 N N   . SER A 1 94  ? -20.462 -0.071  5.527   1.00 35.67 ? 129 SER A N   1 
ATOM   658 C CA  . SER A 1 94  ? -19.819 0.049   4.209   1.00 35.51 ? 129 SER A CA  1 
ATOM   659 C C   . SER A 1 94  ? -18.365 -0.437  4.194   1.00 38.61 ? 129 SER A C   1 
ATOM   660 O O   . SER A 1 94  ? -17.562 -0.044  5.046   1.00 38.25 ? 129 SER A O   1 
ATOM   661 C CB  . SER A 1 94  ? -19.904 1.485   3.686   1.00 43.20 ? 129 SER A CB  1 
ATOM   662 O OG  . SER A 1 94  ? -19.942 2.419   4.749   1.00 44.63 ? 129 SER A OG  1 
ATOM   663 N N   . GLU A 1 95  ? -18.036 -1.298  3.228   1.00 35.69 ? 130 GLU A N   1 
ATOM   664 C CA  . GLU A 1 95  ? -16.679 -1.833  3.103   1.00 36.60 ? 130 GLU A CA  1 
ATOM   665 C C   . GLU A 1 95  ? -15.952 -1.347  1.861   1.00 42.43 ? 130 GLU A C   1 
ATOM   666 O O   . GLU A 1 95  ? -16.558 -0.849  0.909   1.00 46.32 ? 130 GLU A O   1 
ATOM   667 C CB  . GLU A 1 95  ? -16.662 -3.364  3.065   1.00 42.16 ? 130 GLU A CB  1 
ATOM   668 C CG  . GLU A 1 95  ? -17.306 -4.045  4.241   1.00 42.71 ? 130 GLU A CG  1 
ATOM   669 C CD  . GLU A 1 95  ? -18.800 -4.178  4.060   1.00 53.98 ? 130 GLU A CD  1 
ATOM   670 O OE1 . GLU A 1 95  ? -19.220 -4.844  3.087   1.00 57.47 ? 130 GLU A OE1 1 
ATOM   671 O OE2 . GLU A 1 95  ? -19.554 -3.610  4.881   1.00 48.75 ? 130 GLU A OE2 1 
ATOM   672 N N   . LYS A 1 96  ? -14.634 -1.511  1.908   1.00 42.30 ? 131 LYS A N   1 
ATOM   673 C CA  . LYS A 1 96  ? -13.749 -1.374  0.766   1.00 37.36 ? 131 LYS A CA  1 
ATOM   674 C C   . LYS A 1 96  ? -12.786 -2.549  0.893   1.00 39.32 ? 131 LYS A C   1 
ATOM   675 O O   . LYS A 1 96  ? -11.749 -2.442  1.549   1.00 41.03 ? 131 LYS A O   1 
ATOM   676 C CB  . LYS A 1 96  ? -12.991 -0.047  0.835   1.00 43.00 ? 131 LYS A CB  1 
ATOM   677 C CG  . LYS A 1 96  ? -12.142 0.253   -0.384  1.00 45.31 ? 131 LYS A CG  1 
ATOM   678 C CD  . LYS A 1 96  ? -11.360 1.545   -0.201  1.00 49.43 ? 131 LYS A CD  1 
ATOM   679 C CE  . LYS A 1 96  ? -10.715 1.980   -1.507  1.00 54.83 ? 131 LYS A CE  1 
ATOM   680 N NZ  . LYS A 1 96  ? -9.533  2.853   -1.274  1.00 56.26 ? 131 LYS A NZ  1 
ATOM   681 N N   . GLY A 1 97  ? -13.148 -3.687  0.310   1.00 32.45 ? 132 GLY A N   1 
ATOM   682 C CA  . GLY A 1 97  ? -12.332 -4.884  0.425   1.00 34.58 ? 132 GLY A CA  1 
ATOM   683 C C   . GLY A 1 97  ? -12.339 -5.458  1.832   1.00 39.31 ? 132 GLY A C   1 
ATOM   684 O O   . GLY A 1 97  ? -13.408 -5.700  2.388   1.00 37.70 ? 132 GLY A O   1 
ATOM   685 N N   . ASP A 1 98  ? -11.147 -5.668  2.396   1.00 36.88 ? 133 ASP A N   1 
ATOM   686 C CA  . ASP A 1 98  ? -10.984 -6.185  3.761   1.00 38.09 ? 133 ASP A CA  1 
ATOM   687 C C   . ASP A 1 98  ? -11.199 -5.103  4.816   1.00 37.64 ? 133 ASP A C   1 
ATOM   688 O O   . ASP A 1 98  ? -10.976 -5.341  6.007   1.00 41.21 ? 133 ASP A O   1 
ATOM   689 C CB  . ASP A 1 98  ? -9.566  -6.737  3.971   1.00 43.07 ? 133 ASP A CB  1 
ATOM   690 C CG  . ASP A 1 98  ? -9.272  -7.961  3.131   1.00 54.40 ? 133 ASP A CG  1 
ATOM   691 O OD1 . ASP A 1 98  ? -10.222 -8.580  2.618   1.00 58.29 ? 133 ASP A OD1 1 
ATOM   692 O OD2 . ASP A 1 98  ? -8.078  -8.312  2.992   1.00 56.73 ? 133 ASP A OD2 1 
ATOM   693 N N   . ASP A 1 99  ? -11.616 -3.917  4.384   1.00 29.49 ? 134 ASP A N   1 
ATOM   694 C CA  . ASP A 1 99  ? -11.598 -2.747  5.256   1.00 31.89 ? 134 ASP A CA  1 
ATOM   695 C C   . ASP A 1 99  ? -12.991 -2.161  5.484   1.00 30.44 ? 134 ASP A C   1 
ATOM   696 O O   . ASP A 1 99  ? -13.757 -1.979  4.538   1.00 33.52 ? 134 ASP A O   1 
ATOM   697 C CB  . ASP A 1 99  ? -10.654 -1.696  4.657   1.00 30.66 ? 134 ASP A CB  1 
ATOM   698 C CG  . ASP A 1 99  ? -10.596 -0.427  5.473   1.00 27.81 ? 134 ASP A CG  1 
ATOM   699 O OD1 . ASP A 1 99  ? -10.165 -0.491  6.642   1.00 23.02 ? 134 ASP A OD1 1 
ATOM   700 O OD2 . ASP A 1 99  ? -10.975 0.639   4.942   1.00 26.77 ? 134 ASP A OD2 1 
ATOM   701 N N   . CYS A 1 100 ? -13.330 -1.875  6.737   1.00 22.94 ? 135 CYS A N   1 
ATOM   702 C CA  . CYS A 1 100 ? -14.603 -1.216  7.013   1.00 28.70 ? 135 CYS A CA  1 
ATOM   703 C C   . CYS A 1 100 ? -14.433 0.296   6.973   1.00 23.22 ? 135 CYS A C   1 
ATOM   704 O O   . CYS A 1 100 ? -13.496 0.836   7.559   1.00 19.49 ? 135 CYS A O   1 
ATOM   705 C CB  . CYS A 1 100 ? -15.169 -1.634  8.369   1.00 26.79 ? 135 CYS A CB  1 
ATOM   706 S SG  . CYS A 1 100 ? -16.821 -0.943  8.668   1.00 26.37 ? 135 CYS A SG  1 
ATOM   707 N N   . VAL A 1 101 ? -15.353 0.973   6.294   1.00 26.38 ? 136 VAL A N   1 
ATOM   708 C CA  . VAL A 1 101 ? -15.273 2.419   6.114   1.00 26.26 ? 136 VAL A CA  1 
ATOM   709 C C   . VAL A 1 101 ? -16.094 3.195   7.151   1.00 34.11 ? 136 VAL A C   1 
ATOM   710 O O   . VAL A 1 101 ? -15.692 4.278   7.607   1.00 28.99 ? 136 VAL A O   1 
ATOM   711 C CB  . VAL A 1 101 ? -15.662 2.803   4.668   1.00 32.65 ? 136 VAL A CB  1 
ATOM   712 C CG1 . VAL A 1 101 ? -15.986 4.268   4.558   1.00 37.38 ? 136 VAL A CG1 1 
ATOM   713 C CG2 . VAL A 1 101 ? -14.533 2.435   3.716   1.00 35.12 ? 136 VAL A CG2 1 
ATOM   714 N N   . GLU A 1 102 ? -17.237 2.641   7.537   1.00 25.67 ? 137 GLU A N   1 
ATOM   715 C CA  . GLU A 1 102 ? -18.045 3.262   8.583   1.00 23.51 ? 137 GLU A CA  1 
ATOM   716 C C   . GLU A 1 102 ? -18.832 2.219   9.358   1.00 21.23 ? 137 GLU A C   1 
ATOM   717 O O   . GLU A 1 102 ? -19.285 1.234   8.784   1.00 23.58 ? 137 GLU A O   1 
ATOM   718 C CB  . GLU A 1 102 ? -19.019 4.286   7.993   1.00 30.36 ? 137 GLU A CB  1 
ATOM   719 C CG  . GLU A 1 102 ? -19.802 5.049   9.061   1.00 31.09 ? 137 GLU A CG  1 
ATOM   720 C CD  . GLU A 1 102 ? -21.003 5.785   8.504   1.00 50.71 ? 137 GLU A CD  1 
ATOM   721 O OE1 . GLU A 1 102 ? -21.067 5.974   7.268   1.00 53.96 ? 137 GLU A OE1 1 
ATOM   722 O OE2 . GLU A 1 102 ? -21.882 6.169   9.308   1.00 50.81 ? 137 GLU A OE2 1 
ATOM   723 N N   . CYS A 1 103 ? -18.981 2.445   10.661  1.00 24.80 ? 138 CYS A N   1 
ATOM   724 C CA  . CYS A 1 103 ? -19.747 1.556   11.526  1.00 23.21 ? 138 CYS A CA  1 
ATOM   725 C C   . CYS A 1 103 ? -20.891 2.317   12.179  1.00 27.08 ? 138 CYS A C   1 
ATOM   726 O O   . CYS A 1 103 ? -20.854 3.545   12.286  1.00 32.98 ? 138 CYS A O   1 
ATOM   727 C CB  . CYS A 1 103 ? -18.851 0.966   12.615  1.00 24.68 ? 138 CYS A CB  1 
ATOM   728 S SG  . CYS A 1 103 ? -17.458 0.043   11.958  1.00 25.89 ? 138 CYS A SG  1 
ATOM   729 N N   . GLN A 1 104 ? -21.907 1.582   12.614  1.00 26.11 ? 139 GLN A N   1 
ATOM   730 C CA  . GLN A 1 104 ? -23.003 2.169   13.377  1.00 27.41 ? 139 GLN A CA  1 
ATOM   731 C C   . GLN A 1 104 ? -23.227 1.340   14.635  1.00 26.90 ? 139 GLN A C   1 
ATOM   732 O O   . GLN A 1 104 ? -22.937 0.148   14.649  1.00 26.66 ? 139 GLN A O   1 
ATOM   733 C CB  . GLN A 1 104 ? -24.278 2.211   12.531  1.00 32.13 ? 139 GLN A CB  1 
ATOM   734 C CG  . GLN A 1 104 ? -24.264 3.239   11.390  1.00 44.03 ? 139 GLN A CG  1 
ATOM   735 C CD  . GLN A 1 104 ? -24.528 4.666   11.862  1.00 52.41 ? 139 GLN A CD  1 
ATOM   736 O OE1 . GLN A 1 104 ? -23.818 5.196   12.720  1.00 54.38 ? 139 GLN A OE1 1 
ATOM   737 N NE2 . GLN A 1 104 ? -25.556 5.292   11.297  1.00 55.14 ? 139 GLN A NE2 1 
ATOM   738 N N   . PRO A 1 105 ? -23.731 1.967   15.706  1.00 29.60 ? 140 PRO A N   1 
ATOM   739 C CA  . PRO A 1 105 ? -24.009 1.183   16.910  1.00 32.27 ? 140 PRO A CA  1 
ATOM   740 C C   . PRO A 1 105 ? -25.252 0.312   16.742  1.00 37.06 ? 140 PRO A C   1 
ATOM   741 O O   . PRO A 1 105 ? -26.118 0.657   15.937  1.00 39.38 ? 140 PRO A O   1 
ATOM   742 C CB  . PRO A 1 105 ? -24.253 2.258   17.976  1.00 34.19 ? 140 PRO A CB  1 
ATOM   743 C CG  . PRO A 1 105 ? -24.728 3.442   17.217  1.00 36.21 ? 140 PRO A CG  1 
ATOM   744 C CD  . PRO A 1 105 ? -23.994 3.406   15.904  1.00 36.13 ? 140 PRO A CD  1 
ATOM   745 N N   . HIS A 1 106 ? -25.307 -0.805  17.470  1.00 38.98 ? 141 HIS A N   1 
ATOM   746 C CA  . HIS A 1 106 ? -26.520 -1.624  17.606  1.00 50.70 ? 141 HIS A CA  1 
ATOM   747 C C   . HIS A 1 106 ? -26.262 -2.798  18.540  1.00 46.67 ? 141 HIS A C   1 
ATOM   748 O O   . HIS A 1 106 ? -25.516 -3.715  18.196  1.00 52.14 ? 141 HIS A O   1 
ATOM   749 C CB  . HIS A 1 106 ? -27.024 -2.152  16.257  1.00 59.57 ? 141 HIS A CB  1 
ATOM   750 C CG  . HIS A 1 106 ? -28.515 -2.298  16.186  1.00 61.31 ? 141 HIS A CG  1 
ATOM   751 N ND1 . HIS A 1 106 ? -29.348 -1.949  17.228  1.00 66.83 ? 141 HIS A ND1 1 
ATOM   752 C CD2 . HIS A 1 106 ? -29.322 -2.751  15.195  1.00 61.15 ? 141 HIS A CD2 1 
ATOM   753 C CE1 . HIS A 1 106 ? -30.603 -2.183  16.885  1.00 66.50 ? 141 HIS A CE1 1 
ATOM   754 N NE2 . HIS A 1 106 ? -30.614 -2.670  15.657  1.00 71.31 ? 141 HIS A NE2 1 
HETATM 755 O O   . HOH B 2 .   ? -11.754 12.425  13.174  1.00 15.05 ? 301 HOH A O   1 
HETATM 756 O O   . HOH B 2 .   ? 15.174  -2.981  -17.524 1.00 16.23 ? 302 HOH A O   1 
HETATM 757 O O   . HOH B 2 .   ? 8.462   4.646   1.712   1.00 15.77 ? 303 HOH A O   1 
HETATM 758 O O   . HOH B 2 .   ? -18.395 -3.910  26.957  1.00 20.04 ? 304 HOH A O   1 
HETATM 759 O O   . HOH B 2 .   ? -13.714 -5.049  15.194  1.00 17.69 ? 305 HOH A O   1 
HETATM 760 O O   . HOH B 2 .   ? -5.658  5.548   13.098  1.00 20.28 ? 306 HOH A O   1 
HETATM 761 O O   . HOH B 2 .   ? -0.325  11.398  2.698   1.00 23.66 ? 307 HOH A O   1 
HETATM 762 O O   . HOH B 2 .   ? 1.680   10.713  4.462   1.00 23.42 ? 308 HOH A O   1 
HETATM 763 O O   . HOH B 2 .   ? 11.632  5.597   -11.111 1.00 20.58 ? 309 HOH A O   1 
HETATM 764 O O   . HOH B 2 .   ? -1.617  8.063   6.883   1.00 22.44 ? 310 HOH A O   1 
HETATM 765 O O   . HOH B 2 .   ? -3.196  -3.627  1.381   1.00 24.29 ? 311 HOH A O   1 
HETATM 766 O O   . HOH B 2 .   ? -11.174 6.199   9.004   1.00 21.59 ? 312 HOH A O   1 
HETATM 767 O O   . HOH B 2 .   ? 5.062   7.717   2.077   1.00 26.19 ? 313 HOH A O   1 
HETATM 768 O O   . HOH B 2 .   ? 17.811  -3.099  -4.978  1.00 19.84 ? 314 HOH A O   1 
HETATM 769 O O   . HOH B 2 .   ? 19.944  1.805   -10.853 1.00 20.71 ? 315 HOH A O   1 
HETATM 770 O O   . HOH B 2 .   ? 14.421  7.927   -21.300 1.00 21.21 ? 316 HOH A O   1 
HETATM 771 O O   . HOH B 2 .   ? 9.838   5.948   -9.080  1.00 23.81 ? 317 HOH A O   1 
HETATM 772 O O   . HOH B 2 .   ? 9.731   -4.128  3.647   1.00 26.73 ? 318 HOH A O   1 
HETATM 773 O O   . HOH B 2 .   ? -3.379  -5.018  7.555   1.00 22.92 ? 319 HOH A O   1 
HETATM 774 O O   . HOH B 2 .   ? -11.966 -5.036  8.537   1.00 29.02 ? 320 HOH A O   1 
HETATM 775 O O   . HOH B 2 .   ? 3.752   1.190   -9.644  1.00 26.44 ? 321 HOH A O   1 
HETATM 776 O O   . HOH B 2 .   ? 8.908   9.653   2.982   1.00 24.88 ? 322 HOH A O   1 
HETATM 777 O O   . HOH B 2 .   ? 20.620  -2.585  -8.792  1.00 22.92 ? 323 HOH A O   1 
HETATM 778 O O   . HOH B 2 .   ? -5.369  -0.018  0.379   1.00 25.39 ? 324 HOH A O   1 
HETATM 779 O O   . HOH B 2 .   ? -7.851  0.814   17.358  1.00 23.94 ? 325 HOH A O   1 
HETATM 780 O O   . HOH B 2 .   ? -11.480 2.624   6.650   1.00 31.17 ? 326 HOH A O   1 
HETATM 781 O O   . HOH B 2 .   ? 13.430  2.357   4.261   1.00 29.22 ? 327 HOH A O   1 
HETATM 782 O O   . HOH B 2 .   ? 2.613   7.204   6.926   1.00 27.17 ? 328 HOH A O   1 
HETATM 783 O O   . HOH B 2 .   ? 0.378   -0.987  -3.102  1.00 29.79 ? 329 HOH A O   1 
HETATM 784 O O   . HOH B 2 .   ? -15.787 5.128   18.472  1.00 29.31 ? 330 HOH A O   1 
HETATM 785 O O   . HOH B 2 .   ? -13.798 3.498   17.945  1.00 27.27 ? 331 HOH A O   1 
HETATM 786 O O   . HOH B 2 .   ? -2.436  5.120   1.191   1.00 29.64 ? 332 HOH A O   1 
HETATM 787 O O   . HOH B 2 .   ? 12.427  6.977   -6.843  1.00 26.48 ? 333 HOH A O   1 
HETATM 788 O O   . HOH B 2 .   ? -9.557  3.678   16.327  1.00 26.44 ? 334 HOH A O   1 
HETATM 789 O O   . HOH B 2 .   ? 16.148  7.626   -10.214 1.00 29.03 ? 335 HOH A O   1 
HETATM 790 O O   . HOH B 2 .   ? -20.687 -3.239  23.548  1.00 29.27 ? 336 HOH A O   1 
HETATM 791 O O   . HOH B 2 .   ? 11.974  1.405   6.638   1.00 27.45 ? 337 HOH A O   1 
HETATM 792 O O   . HOH B 2 .   ? -4.886  4.414   2.504   1.00 27.00 ? 338 HOH A O   1 
HETATM 793 O O   . HOH B 2 .   ? 2.209   -7.742  -7.437  1.00 33.12 ? 339 HOH A O   1 
HETATM 794 O O   . HOH B 2 .   ? 9.739   -2.163  5.692   1.00 36.42 ? 340 HOH A O   1 
HETATM 795 O O   . HOH B 2 .   ? -7.053  3.905   15.062  1.00 26.93 ? 341 HOH A O   1 
HETATM 796 O O   . HOH B 2 .   ? 6.502   5.019   -11.539 1.00 26.45 ? 342 HOH A O   1 
HETATM 797 O O   . HOH B 2 .   ? -10.113 4.459   7.323   1.00 27.85 ? 343 HOH A O   1 
HETATM 798 O O   . HOH B 2 .   ? -8.874  0.696   19.823  1.00 29.97 ? 344 HOH A O   1 
HETATM 799 O O   . HOH B 2 .   ? -2.577  -0.468  -2.757  1.00 31.29 ? 345 HOH A O   1 
HETATM 800 O O   . HOH B 2 .   ? 7.810   -8.898  -1.090  1.00 33.47 ? 346 HOH A O   1 
HETATM 801 O O   . HOH B 2 .   ? -3.897  -1.942  -0.829  1.00 32.94 ? 347 HOH A O   1 
HETATM 802 O O   . HOH B 2 .   ? 2.307   -4.236  -10.226 1.00 32.10 ? 348 HOH A O   1 
HETATM 803 O O   . HOH B 2 .   ? -2.398  -6.093  13.871  1.00 32.68 ? 349 HOH A O   1 
HETATM 804 O O   . HOH B 2 .   ? 1.014   -8.415  -1.069  1.00 39.82 ? 350 HOH A O   1 
HETATM 805 O O   . HOH B 2 .   ? -2.341  5.751   9.916   1.00 27.85 ? 351 HOH A O   1 
HETATM 806 O O   . HOH B 2 .   ? 3.908   -2.165  -16.384 1.00 34.72 ? 352 HOH A O   1 
HETATM 807 O O   . HOH B 2 .   ? -14.369 10.407  18.290  1.00 36.60 ? 353 HOH A O   1 
HETATM 808 O O   . HOH B 2 .   ? -18.675 10.979  15.905  1.00 33.03 ? 354 HOH A O   1 
HETATM 809 O O   . HOH B 2 .   ? -8.717  4.855   3.284   1.00 37.97 ? 355 HOH A O   1 
HETATM 810 O O   . HOH B 2 .   ? 9.001   8.502   -16.893 1.00 30.87 ? 356 HOH A O   1 
HETATM 811 O O   . HOH B 2 .   ? 13.657  7.179   -9.478  1.00 33.32 ? 357 HOH A O   1 
HETATM 812 O O   . HOH B 2 .   ? 8.577   -4.999  -20.490 1.00 33.75 ? 358 HOH A O   1 
HETATM 813 O O   . HOH B 2 .   ? -0.556  -7.432  0.859   1.00 35.68 ? 359 HOH A O   1 
HETATM 814 O O   . HOH B 2 .   ? -12.399 10.295  8.922   1.00 32.58 ? 360 HOH A O   1 
HETATM 815 O O   . HOH B 2 .   ? -2.409  2.235   10.999  1.00 36.79 ? 361 HOH A O   1 
HETATM 816 O O   . HOH B 2 .   ? 3.825   7.098   -3.594  1.00 32.98 ? 362 HOH A O   1 
HETATM 817 O O   . HOH B 2 .   ? -17.518 3.910   19.814  1.00 34.73 ? 363 HOH A O   1 
HETATM 818 O O   . HOH B 2 .   ? -21.506 -0.757  23.064  1.00 42.51 ? 364 HOH A O   1 
HETATM 819 O O   . HOH B 2 .   ? 7.509   7.112   -19.893 1.00 31.48 ? 365 HOH A O   1 
HETATM 820 O O   . HOH B 2 .   ? -5.389  0.494   18.285  1.00 38.65 ? 366 HOH A O   1 
HETATM 821 O O   . HOH B 2 .   ? 15.012  7.289   -25.774 1.00 35.38 ? 367 HOH A O   1 
HETATM 822 O O   . HOH B 2 .   ? -16.805 11.161  18.094  1.00 39.11 ? 368 HOH A O   1 
HETATM 823 O O   . HOH B 2 .   ? 10.702  -7.010  -10.523 1.00 34.82 ? 369 HOH A O   1 
HETATM 824 O O   . HOH B 2 .   ? 4.951   -7.302  5.471   1.00 35.22 ? 370 HOH A O   1 
HETATM 825 O O   . HOH B 2 .   ? -15.733 -4.986  12.593  1.00 30.56 ? 371 HOH A O   1 
HETATM 826 O O   . HOH B 2 .   ? 23.867  2.809   -16.664 1.00 35.51 ? 372 HOH A O   1 
HETATM 827 O O   . HOH B 2 .   ? -2.967  -6.469  0.732   1.00 33.62 ? 373 HOH A O   1 
HETATM 828 O O   . HOH B 2 .   ? 1.759   -3.453  -18.311 1.00 49.98 ? 374 HOH A O   1 
HETATM 829 O O   . HOH B 2 .   ? 22.541  2.486   -14.463 1.00 38.24 ? 375 HOH A O   1 
HETATM 830 O O   . HOH B 2 .   ? 2.270   -4.862  11.247  1.00 28.91 ? 376 HOH A O   1 
HETATM 831 O O   . HOH B 2 .   ? 5.051   0.122   10.352  1.00 40.21 ? 377 HOH A O   1 
HETATM 832 O O   . HOH B 2 .   ? 10.972  7.557   -12.982 1.00 36.29 ? 378 HOH A O   1 
HETATM 833 O O   . HOH B 2 .   ? -9.102  6.056   5.299   1.00 33.52 ? 379 HOH A O   1 
HETATM 834 O O   . HOH B 2 .   ? -5.048  -4.143  3.796   1.00 37.97 ? 380 HOH A O   1 
HETATM 835 O O   . HOH B 2 .   ? -9.740  4.144   19.128  1.00 35.56 ? 381 HOH A O   1 
HETATM 836 O O   . HOH B 2 .   ? 6.357   -0.484  6.975   1.00 33.87 ? 382 HOH A O   1 
HETATM 837 O O   . HOH B 2 .   ? -12.158 3.729   19.852  1.00 43.39 ? 383 HOH A O   1 
HETATM 838 O O   . HOH B 2 .   ? 0.510   -8.390  -5.339  1.00 40.15 ? 384 HOH A O   1 
HETATM 839 O O   . HOH B 2 .   ? 8.608   10.273  -19.974 1.00 38.27 ? 385 HOH A O   1 
HETATM 840 O O   . HOH B 2 .   ? 5.899   -4.592  8.342   1.00 29.97 ? 386 HOH A O   1 
HETATM 841 O O   . HOH B 2 .   ? 6.049   7.614   -7.296  1.00 36.66 ? 387 HOH A O   1 
HETATM 842 O O   . HOH B 2 .   ? -5.186  6.727   3.757   1.00 36.44 ? 388 HOH A O   1 
HETATM 843 O O   . HOH B 2 .   ? 3.770   -0.262  7.586   1.00 31.07 ? 389 HOH A O   1 
HETATM 844 O O   . HOH B 2 .   ? 12.856  -9.346  -4.567  1.00 44.92 ? 390 HOH A O   1 
HETATM 845 O O   . HOH B 2 .   ? -21.081 5.213   18.560  1.00 36.00 ? 391 HOH A O   1 
HETATM 846 O O   . HOH B 2 .   ? -23.206 -0.261  20.780  1.00 38.32 ? 392 HOH A O   1 
HETATM 847 O O   . HOH B 2 .   ? 7.739   7.188   2.861   1.00 22.91 ? 393 HOH A O   1 
HETATM 848 O O   . HOH B 2 .   ? -0.540  14.072  2.911   1.00 41.55 ? 394 HOH A O   1 
HETATM 849 O O   . HOH B 2 .   ? 3.829   9.918   2.525   1.00 29.44 ? 395 HOH A O   1 
HETATM 850 O O   . HOH B 2 .   ? -3.466  4.231   12.620  1.00 33.60 ? 396 HOH A O   1 
HETATM 851 O O   . HOH B 2 .   ? 11.061  8.886   -1.635  1.00 33.13 ? 397 HOH A O   1 
HETATM 852 O O   . HOH B 2 .   ? -5.065  3.245   17.262  1.00 37.66 ? 398 HOH A O   1 
HETATM 853 O O   . HOH B 2 .   ? -10.909 -0.886  21.091  1.00 32.10 ? 399 HOH A O   1 
HETATM 854 O O   . HOH B 2 .   ? -0.527  8.643   -1.699  1.00 41.51 ? 400 HOH A O   1 
HETATM 855 O O   . HOH B 2 .   ? 5.770   1.779   13.318  1.00 36.36 ? 401 HOH A O   1 
HETATM 856 O O   . HOH B 2 .   ? 1.671   -1.238  -4.488  1.00 34.77 ? 402 HOH A O   1 
HETATM 857 O O   . HOH B 2 .   ? 2.817   7.917   -1.085  1.00 37.93 ? 403 HOH A O   1 
HETATM 858 O O   . HOH B 2 .   ? 19.843  5.397   -12.966 1.00 36.63 ? 404 HOH A O   1 
HETATM 859 O O   . HOH B 2 .   ? 19.042  -0.801  -1.687  1.00 37.07 ? 405 HOH A O   1 
HETATM 860 O O   . HOH B 2 .   ? -20.525 -2.257  27.466  1.00 36.10 ? 406 HOH A O   1 
HETATM 861 O O   . HOH B 2 .   ? 0.404   10.938  0.072   1.00 40.50 ? 407 HOH A O   1 
HETATM 862 O O   . HOH B 2 .   ? -5.602  4.527   19.611  1.00 42.96 ? 408 HOH A O   1 
HETATM 863 O O   . HOH B 2 .   ? 2.956   10.185  0.080   1.00 41.09 ? 409 HOH A O   1 
HETATM 864 O O   . HOH B 2 .   ? -7.698  3.214   17.332  1.00 43.48 ? 410 HOH A O   1 
HETATM 865 O O   . HOH B 2 .   ? 20.803  -2.476  -5.664  1.00 44.72 ? 411 HOH A O   1 
HETATM 866 O O   . HOH B 2 .   ? 0.144   2.331   -6.618  1.00 49.90 ? 412 HOH A O   1 
HETATM 867 O O   . HOH B 2 .   ? 22.025  4.962   -17.384 1.00 39.64 ? 413 HOH A O   1 
HETATM 868 O O   . HOH B 2 .   ? 8.724   -6.495  3.797   1.00 51.71 ? 414 HOH A O   1 
HETATM 869 O O   . HOH B 2 .   ? 21.508  3.828   -19.377 1.00 38.95 ? 415 HOH A O   1 
HETATM 870 O O   . HOH B 2 .   ? 12.509  -5.520  4.394   1.00 43.94 ? 416 HOH A O   1 
HETATM 871 O O   . HOH B 2 .   ? -12.642 0.084   21.855  1.00 47.30 ? 417 HOH A O   1 
HETATM 872 O O   . HOH B 2 .   ? -9.219  -1.768  1.072   1.00 42.20 ? 418 HOH A O   1 
HETATM 873 O O   . HOH B 2 .   ? 5.948   10.456  -18.519 1.00 49.80 ? 419 HOH A O   1 
HETATM 874 O O   . HOH B 2 .   ? 10.692  3.196   -25.983 1.00 36.58 ? 420 HOH A O   1 
HETATM 875 O O   . HOH B 2 .   ? 3.198   8.471   4.150   1.00 37.61 ? 421 HOH A O   1 
HETATM 876 O O   . HOH B 2 .   ? 8.625   -7.605  1.912   1.00 37.66 ? 422 HOH A O   1 
HETATM 877 O O   . HOH B 2 .   ? -19.852 -1.426  1.209   1.00 39.77 ? 423 HOH A O   1 
HETATM 878 O O   . HOH B 2 .   ? -2.026  0.768   -5.914  1.00 49.30 ? 424 HOH A O   1 
HETATM 879 O O   . HOH B 2 .   ? 0.136   5.907   10.125  1.00 31.78 ? 425 HOH A O   1 
HETATM 880 O O   . HOH B 2 .   ? 15.037  7.860   -3.685  1.00 38.91 ? 426 HOH A O   1 
HETATM 881 O O   . HOH B 2 .   ? -22.202 -2.938  4.688   1.00 48.68 ? 427 HOH A O   1 
HETATM 882 O O   . HOH B 2 .   ? 3.389   0.805   14.620  1.00 46.66 ? 428 HOH A O   1 
HETATM 883 O O   . HOH B 2 .   ? 20.618  5.908   -15.151 1.00 44.89 ? 429 HOH A O   1 
HETATM 884 O O   . HOH B 2 .   ? 20.448  1.509   -1.217  1.00 47.56 ? 430 HOH A O   1 
HETATM 885 O O   . HOH B 2 .   ? -7.432  6.629   3.549   1.00 44.14 ? 431 HOH A O   1 
HETATM 886 O O   . HOH B 2 .   ? 8.720   -5.419  -22.953 1.00 40.17 ? 432 HOH A O   1 
HETATM 887 O O   . HOH B 2 .   ? -6.288  1.328   20.747  1.00 44.27 ? 433 HOH A O   1 
HETATM 888 O O   . HOH B 2 .   ? 6.135   -10.656 -1.123  1.00 54.01 ? 434 HOH A O   1 
HETATM 889 O O   . HOH B 2 .   ? 23.660  6.485   -16.933 1.00 47.22 ? 435 HOH A O   1 
HETATM 890 O O   . HOH B 2 .   ? 1.133   6.907   -5.282  1.00 43.41 ? 436 HOH A O   1 
HETATM 891 O O   . HOH B 2 .   ? 5.742   12.502  -17.569 1.00 45.16 ? 437 HOH A O   1 
HETATM 892 O O   . HOH B 2 .   ? 5.293   7.912   -5.608  1.00 48.76 ? 438 HOH A O   1 
HETATM 893 O O   . HOH B 2 .   ? 8.770   9.331   -22.455 1.00 38.37 ? 439 HOH A O   1 
HETATM 894 O O   . HOH B 2 .   ? -7.092  -2.526  2.669   1.00 43.88 ? 440 HOH A O   1 
HETATM 895 O O   . HOH B 2 .   ? 4.517   -10.041 -0.056  1.00 53.39 ? 441 HOH A O   1 
HETATM 896 O O   . HOH B 2 .   ? 20.453  6.951   -5.431  1.00 49.06 ? 442 HOH A O   1 
HETATM 897 O O   . HOH B 2 .   ? 13.326  7.580   -11.447 1.00 45.19 ? 443 HOH A O   1 
HETATM 898 O O   . HOH B 2 .   ? 2.924   -8.803  -19.023 1.00 47.03 ? 444 HOH A O   1 
HETATM 899 O O   . HOH B 2 .   ? -13.691 6.070   7.359   1.00 40.11 ? 445 HOH A O   1 
HETATM 900 O O   . HOH B 2 .   ? -0.376  -6.549  10.427  1.00 37.33 ? 446 HOH A O   1 
HETATM 901 O O   . HOH B 2 .   ? 6.159   4.961   -14.828 1.00 35.64 ? 447 HOH A O   1 
HETATM 902 O O   . HOH B 2 .   ? 1.596   -0.441  -6.914  1.00 42.95 ? 448 HOH A O   1 
HETATM 903 O O   . HOH B 2 .   ? 19.242  8.711   0.338   1.00 44.97 ? 449 HOH A O   1 
HETATM 904 O O   . HOH B 2 .   ? -22.777 -4.428  25.446  1.00 40.86 ? 450 HOH A O   1 
HETATM 905 O O   . HOH B 2 .   ? -0.109  5.836   -6.099  1.00 46.92 ? 451 HOH A O   1 
HETATM 906 O O   . HOH B 2 .   ? -3.861  2.166   -1.311  1.00 39.61 ? 452 HOH A O   1 
HETATM 907 O O   . HOH B 2 .   ? 0.567   -8.975  2.933   1.00 48.66 ? 453 HOH A O   1 
HETATM 908 O O   . HOH B 2 .   ? -1.520  16.222  3.833   1.00 46.82 ? 454 HOH A O   1 
HETATM 909 O O   . HOH B 2 .   ? 11.911  9.823   -10.186 1.00 53.36 ? 455 HOH A O   1 
# 
